data_2I3O
#
_entry.id   2I3O
#
_cell.length_a   116.080
_cell.length_b   95.471
_cell.length_c   119.040
_cell.angle_alpha   90.00
_cell.angle_beta   109.79
_cell.angle_gamma   90.00
#
_symmetry.space_group_name_H-M   'P 1 21 1'
#
loop_
_entity.id
_entity.type
_entity.pdbx_description
1 polymer 'Gamma-glutamyltransferase related protein'
2 water water
#
_entity_poly.entity_id   1
_entity_poly.type   'polypeptide(L)'
_entity_poly.pdbx_seq_one_letter_code
;(MSE)FRSRPNALSQRSVIASSSELASLAGRDILKRGGNIFDAALAVSA(MSE)LCVTQNNLCGLGGDLFALIRDENGQI
(MSE)DLNGSGQASRAVSIDYYES(MSE)GLTKIPERGPYAAITVPGIAGSWDEIFRKFAT(MSE)DIADILEPAIRTAS
AGFPITQNYSDSIARSAPVIGQYRGWSSIF(MSE)PNGSVPVAGEILKQPDLAESFRL(MSE)SEEGFRSFYDGSLADII
IAGLEGTGSPLSDRDLRVYRPLIGKPVFTDLDEFRIYETSPNSQGITVIEWIRG(MSE)ESHGYDSRT(MSE)WEAKIED
IFET(MSE)EEAYDKRRKITDPSY(MSE)NIAQHDSANGKKDGLPKRDHNDIGDTTYFSISDSEGRSVSIIQSNY(MSE)
GFGSGIVPKGTGFVLQNRGSYFTLQRDHPNAL(MSE)PGKRTFHTLAAC(MSE)VEKEHDLYASLGS(MSE)GGDIQPQV
Q(MSE)QIL(MSE)EILKDNTDPQAILDKPRWTEPYTIYEAPGAVYVESEELYRNVSKQISGRKVVLRDVSQEFGTAQIT
TLIRGDVVVGAADPRGDGIAIPYS
;
_entity_poly.pdbx_strand_id   A,B,C,D
#
# COMPACT_ATOMS: atom_id res chain seq x y z
N MSE A 1 6.69 15.54 -1.94
CA MSE A 1 7.61 16.71 -1.73
C MSE A 1 7.57 17.69 -2.91
O MSE A 1 7.81 17.32 -4.05
CB MSE A 1 9.03 16.21 -1.49
CG MSE A 1 9.50 15.13 -2.47
SE MSE A 1 10.23 15.82 -4.12
CE MSE A 1 12.10 15.87 -3.60
N PHE A 2 7.25 18.94 -2.60
CA PHE A 2 7.15 19.97 -3.62
C PHE A 2 8.45 20.78 -3.74
N ARG A 3 8.83 21.09 -4.97
CA ARG A 3 10.03 21.88 -5.24
C ARG A 3 9.60 22.98 -6.21
N SER A 4 9.85 24.24 -5.85
CA SER A 4 9.45 25.36 -6.70
C SER A 4 9.89 25.20 -8.16
N ARG A 5 11.10 24.69 -8.36
CA ARG A 5 11.63 24.41 -9.71
C ARG A 5 12.75 23.39 -9.49
N PRO A 6 13.16 22.65 -10.54
CA PRO A 6 14.21 21.67 -10.33
C PRO A 6 15.56 22.31 -10.13
N ASN A 7 16.43 21.61 -9.41
CA ASN A 7 17.77 22.08 -9.21
C ASN A 7 18.39 22.05 -10.60
N ALA A 8 19.42 22.85 -10.81
CA ALA A 8 20.11 22.85 -12.09
C ALA A 8 21.38 22.04 -11.81
N LEU A 9 21.65 21.04 -12.65
CA LEU A 9 22.85 20.23 -12.46
C LEU A 9 23.74 20.25 -13.69
N SER A 10 25.05 20.09 -13.47
CA SER A 10 26.01 20.09 -14.55
C SER A 10 27.30 19.39 -14.18
N GLN A 11 27.94 18.76 -15.16
CA GLN A 11 29.21 18.09 -14.95
C GLN A 11 30.31 19.14 -15.01
N ARG A 12 29.96 20.35 -15.46
CA ARG A 12 30.94 21.41 -15.58
C ARG A 12 30.67 22.60 -14.67
N SER A 13 29.54 23.29 -14.87
CA SER A 13 29.23 24.45 -14.04
C SER A 13 27.77 24.85 -14.04
N VAL A 14 27.38 25.59 -13.00
CA VAL A 14 26.02 26.09 -12.84
C VAL A 14 26.11 27.55 -12.37
N ILE A 15 25.21 28.37 -12.90
CA ILE A 15 25.14 29.79 -12.53
C ILE A 15 23.79 30.02 -11.86
N ALA A 16 23.81 30.59 -10.65
CA ALA A 16 22.58 30.87 -9.93
C ALA A 16 22.50 32.34 -9.54
N SER A 17 21.60 33.08 -10.19
CA SER A 17 21.43 34.51 -9.89
C SER A 17 19.94 34.80 -9.74
N SER A 18 19.61 36.03 -9.34
CA SER A 18 18.22 36.43 -9.14
C SER A 18 17.56 36.94 -10.43
N SER A 19 18.23 36.74 -11.57
CA SER A 19 17.71 37.19 -12.86
C SER A 19 17.98 36.16 -13.95
N GLU A 20 16.92 35.66 -14.57
CA GLU A 20 17.08 34.67 -15.63
C GLU A 20 17.95 35.21 -16.76
N LEU A 21 17.75 36.48 -17.10
CA LEU A 21 18.54 37.09 -18.17
C LEU A 21 20.02 37.14 -17.78
N ALA A 22 20.29 37.42 -16.50
CA ALA A 22 21.66 37.50 -16.02
C ALA A 22 22.32 36.13 -16.03
N SER A 23 21.59 35.11 -15.57
CA SER A 23 22.14 33.76 -15.54
C SER A 23 22.45 33.28 -16.95
N LEU A 24 21.55 33.59 -17.89
CA LEU A 24 21.75 33.19 -19.28
C LEU A 24 22.99 33.86 -19.87
N ALA A 25 23.20 35.14 -19.53
CA ALA A 25 24.36 35.86 -20.04
C ALA A 25 25.64 35.21 -19.54
N GLY A 26 25.64 34.77 -18.29
CA GLY A 26 26.83 34.11 -17.75
C GLY A 26 27.08 32.79 -18.46
N ARG A 27 25.99 32.09 -18.77
CA ARG A 27 26.07 30.80 -19.45
C ARG A 27 26.59 30.99 -20.88
N ASP A 28 26.16 32.06 -21.54
CA ASP A 28 26.61 32.33 -22.90
C ASP A 28 28.10 32.62 -22.94
N ILE A 29 28.61 33.27 -21.90
CA ILE A 29 30.02 33.59 -21.80
C ILE A 29 30.82 32.29 -21.73
N LEU A 30 30.35 31.36 -20.90
CA LEU A 30 31.01 30.07 -20.76
C LEU A 30 31.00 29.33 -22.10
N LYS A 31 29.84 29.33 -22.75
CA LYS A 31 29.69 28.67 -24.04
C LYS A 31 30.67 29.27 -25.04
N ARG A 32 30.97 30.54 -24.85
CA ARG A 32 31.89 31.25 -25.75
C ARG A 32 33.35 30.99 -25.38
N GLY A 33 33.59 30.25 -24.31
CA GLY A 33 34.95 29.92 -23.92
C GLY A 33 35.53 30.60 -22.69
N GLY A 34 34.79 31.53 -22.10
CA GLY A 34 35.32 32.21 -20.92
C GLY A 34 35.27 31.29 -19.72
N ASN A 35 35.97 31.64 -18.64
CA ASN A 35 35.91 30.82 -17.43
C ASN A 35 34.80 31.38 -16.56
N ILE A 36 34.55 30.78 -15.40
CA ILE A 36 33.46 31.27 -14.55
C ILE A 36 33.71 32.67 -14.01
N PHE A 37 34.94 33.15 -14.08
CA PHE A 37 35.25 34.49 -13.60
C PHE A 37 34.83 35.48 -14.67
N ASP A 38 35.05 35.11 -15.93
CA ASP A 38 34.63 35.95 -17.06
C ASP A 38 33.11 36.00 -16.96
N ALA A 39 32.52 34.83 -16.68
CA ALA A 39 31.07 34.71 -16.56
C ALA A 39 30.55 35.55 -15.40
N ALA A 40 31.24 35.50 -14.27
CA ALA A 40 30.84 36.26 -13.09
C ALA A 40 30.77 37.75 -13.38
N LEU A 41 31.72 38.27 -14.15
CA LEU A 41 31.71 39.69 -14.50
C LEU A 41 30.51 40.03 -15.37
N ALA A 42 30.22 39.15 -16.32
CA ALA A 42 29.11 39.35 -17.24
C ALA A 42 27.79 39.35 -16.49
N VAL A 43 27.68 38.44 -15.51
CA VAL A 43 26.49 38.30 -14.70
C VAL A 43 26.31 39.53 -13.79
N SER A 44 27.39 39.93 -13.12
CA SER A 44 27.34 41.10 -12.23
C SER A 44 26.89 42.33 -13.01
N ALA A 45 27.45 42.51 -14.20
CA ALA A 45 27.10 43.65 -15.05
C ALA A 45 25.63 43.58 -15.48
N MSE A 46 25.17 42.38 -15.83
CA MSE A 46 23.78 42.21 -16.25
C MSE A 46 22.82 42.54 -15.10
O MSE A 46 21.76 43.13 -15.32
CB MSE A 46 23.54 40.78 -16.73
CG MSE A 46 23.78 40.57 -18.23
SE MSE A 46 22.47 41.51 -19.35
CE MSE A 46 20.88 40.60 -18.77
N LEU A 47 23.20 42.16 -13.88
CA LEU A 47 22.36 42.42 -12.72
C LEU A 47 22.20 43.93 -12.52
N CYS A 48 23.21 44.71 -12.94
CA CYS A 48 23.13 46.16 -12.82
C CYS A 48 22.15 46.73 -13.85
N VAL A 49 21.70 45.87 -14.76
CA VAL A 49 20.74 46.27 -15.79
C VAL A 49 19.33 45.73 -15.55
N THR A 50 19.23 44.44 -15.23
CA THR A 50 17.95 43.80 -15.01
C THR A 50 17.52 43.71 -13.55
N GLN A 51 18.43 44.04 -12.64
CA GLN A 51 18.12 44.00 -11.21
C GLN A 51 18.65 45.25 -10.52
N ASN A 52 18.62 46.39 -11.22
CA ASN A 52 19.10 47.61 -10.60
C ASN A 52 18.11 48.15 -9.57
N ASN A 53 17.05 47.38 -9.32
CA ASN A 53 16.08 47.74 -8.32
C ASN A 53 16.64 47.20 -7.00
N LEU A 54 17.77 46.49 -7.09
CA LEU A 54 18.43 45.89 -5.92
C LEU A 54 19.95 46.10 -5.92
N CYS A 55 20.47 46.78 -6.94
CA CYS A 55 21.90 47.03 -7.05
C CYS A 55 22.15 47.98 -8.21
N GLY A 56 23.42 48.14 -8.59
CA GLY A 56 23.73 49.01 -9.72
C GLY A 56 25.14 49.57 -9.74
N LEU A 57 25.46 50.28 -10.81
CA LEU A 57 26.78 50.87 -10.97
C LEU A 57 27.08 51.89 -9.89
N GLY A 58 26.05 52.35 -9.20
CA GLY A 58 26.24 53.32 -8.15
C GLY A 58 26.30 52.67 -6.77
N GLY A 59 26.43 51.35 -6.76
CA GLY A 59 26.48 50.62 -5.50
C GLY A 59 27.79 49.91 -5.21
N ASP A 60 27.77 49.06 -4.19
CA ASP A 60 28.94 48.31 -3.77
C ASP A 60 28.83 46.82 -4.11
N LEU A 61 29.92 46.12 -3.88
CA LEU A 61 30.00 44.68 -4.13
C LEU A 61 31.00 44.03 -3.18
N PHE A 62 30.70 42.82 -2.76
CA PHE A 62 31.58 42.04 -1.89
C PHE A 62 31.65 40.66 -2.54
N ALA A 63 32.78 39.99 -2.40
CA ALA A 63 32.90 38.68 -3.00
C ALA A 63 33.99 37.79 -2.44
N LEU A 64 33.74 36.49 -2.55
CA LEU A 64 34.71 35.48 -2.16
C LEU A 64 34.95 34.81 -3.52
N ILE A 65 36.22 34.70 -3.91
CA ILE A 65 36.56 34.09 -5.18
C ILE A 65 37.58 32.97 -4.95
N ARG A 66 37.20 31.76 -5.35
CA ARG A 66 38.05 30.59 -5.17
C ARG A 66 38.57 30.03 -6.48
N ASP A 67 39.89 29.89 -6.61
CA ASP A 67 40.47 29.32 -7.82
C ASP A 67 40.56 27.79 -7.65
N GLU A 68 40.95 27.08 -8.70
CA GLU A 68 41.02 25.63 -8.64
C GLU A 68 41.99 25.09 -7.58
N ASN A 69 42.98 25.91 -7.21
CA ASN A 69 43.95 25.50 -6.20
C ASN A 69 43.49 25.72 -4.77
N GLY A 70 42.28 26.25 -4.60
CA GLY A 70 41.76 26.48 -3.26
C GLY A 70 42.10 27.81 -2.63
N GLN A 71 42.75 28.68 -3.39
CA GLN A 71 43.10 30.01 -2.89
C GLN A 71 41.85 30.87 -2.97
N ILE A 72 41.50 31.51 -1.85
CA ILE A 72 40.30 32.32 -1.81
C ILE A 72 40.58 33.81 -1.54
N MSE A 73 40.03 34.66 -2.40
CA MSE A 73 40.18 36.09 -2.24
C MSE A 73 38.91 36.66 -1.64
O MSE A 73 37.80 36.32 -2.04
CB MSE A 73 40.41 36.77 -3.60
CG MSE A 73 40.39 38.28 -3.50
SE MSE A 73 40.64 39.20 -5.19
CE MSE A 73 38.82 39.23 -5.79
N ASP A 74 39.10 37.53 -0.65
CA ASP A 74 37.98 38.21 0.01
C ASP A 74 38.06 39.60 -0.61
N LEU A 75 37.16 39.89 -1.53
CA LEU A 75 37.15 41.18 -2.22
C LEU A 75 36.11 42.13 -1.65
N ASN A 76 36.60 43.22 -1.04
CA ASN A 76 35.74 44.24 -0.43
C ASN A 76 35.58 45.39 -1.41
N GLY A 77 34.47 45.41 -2.13
CA GLY A 77 34.21 46.46 -3.10
C GLY A 77 33.29 47.53 -2.54
N SER A 78 33.54 47.90 -1.28
CA SER A 78 32.77 48.92 -0.58
C SER A 78 33.45 50.28 -0.73
N GLY A 79 32.71 51.27 -1.21
CA GLY A 79 33.29 52.60 -1.36
C GLY A 79 33.36 53.35 -0.04
N GLN A 80 34.30 54.29 0.07
CA GLN A 80 34.47 55.06 1.30
C GLN A 80 33.68 56.37 1.25
N ALA A 81 33.45 56.96 2.42
CA ALA A 81 32.70 58.21 2.49
C ALA A 81 33.49 59.36 1.90
N SER A 82 32.76 60.35 1.37
CA SER A 82 33.37 61.54 0.78
C SER A 82 34.24 62.25 1.82
N ARG A 83 35.34 62.87 1.37
CA ARG A 83 36.22 63.60 2.27
C ARG A 83 35.55 64.91 2.67
N ALA A 84 34.48 65.27 1.98
CA ALA A 84 33.75 66.50 2.25
C ALA A 84 32.65 66.39 3.30
N VAL A 85 32.34 65.18 3.75
CA VAL A 85 31.30 65.04 4.77
C VAL A 85 31.90 64.74 6.12
N SER A 86 31.09 64.92 7.16
CA SER A 86 31.53 64.67 8.53
C SER A 86 30.34 64.96 9.42
N ILE A 87 30.49 64.71 10.71
CA ILE A 87 29.41 64.96 11.65
C ILE A 87 29.06 66.45 11.62
N ASP A 88 30.08 67.30 11.58
CA ASP A 88 29.88 68.74 11.53
C ASP A 88 29.06 69.15 10.31
N TYR A 89 29.32 68.48 9.20
CA TYR A 89 28.65 68.71 7.93
C TYR A 89 27.13 68.63 8.13
N TYR A 90 26.68 67.63 8.87
CA TYR A 90 25.27 67.43 9.13
C TYR A 90 24.71 68.33 10.22
N GLU A 91 25.41 68.40 11.36
CA GLU A 91 24.96 69.25 12.46
C GLU A 91 24.83 70.70 11.98
N SER A 92 25.74 71.12 11.11
CA SER A 92 25.72 72.47 10.56
C SER A 92 24.42 72.72 9.79
N MSE A 93 23.87 71.64 9.23
CA MSE A 93 22.62 71.74 8.47
C MSE A 93 21.41 71.66 9.38
O MSE A 93 20.28 71.89 8.95
CB MSE A 93 22.52 70.59 7.46
CG MSE A 93 23.17 70.85 6.13
SE MSE A 93 22.94 69.31 4.98
CE MSE A 93 24.77 69.10 4.42
N GLY A 94 21.65 71.33 10.65
CA GLY A 94 20.56 71.23 11.61
C GLY A 94 20.04 69.81 11.73
N LEU A 95 20.79 68.85 11.18
CA LEU A 95 20.40 67.44 11.21
C LEU A 95 21.14 66.62 12.26
N THR A 96 20.44 65.68 12.89
CA THR A 96 21.04 64.82 13.90
C THR A 96 21.10 63.40 13.35
N LYS A 97 20.70 63.24 12.10
CA LYS A 97 20.70 61.95 11.46
C LYS A 97 20.89 62.12 9.96
N ILE A 98 21.63 61.21 9.34
CA ILE A 98 21.85 61.28 7.90
C ILE A 98 20.58 60.86 7.18
N PRO A 99 20.13 61.66 6.21
CA PRO A 99 18.90 61.31 5.48
C PRO A 99 19.05 60.00 4.71
N GLU A 100 17.93 59.32 4.49
CA GLU A 100 17.96 58.05 3.78
C GLU A 100 18.02 58.20 2.27
N ARG A 101 17.49 59.31 1.76
CA ARG A 101 17.47 59.57 0.32
C ARG A 101 17.99 60.97 0.01
N GLY A 102 18.28 61.23 -1.26
CA GLY A 102 18.75 62.54 -1.64
C GLY A 102 20.25 62.70 -1.73
N PRO A 103 20.73 63.89 -2.11
CA PRO A 103 22.16 64.20 -2.25
C PRO A 103 22.98 64.06 -0.99
N TYR A 104 22.34 64.17 0.17
CA TYR A 104 23.07 64.05 1.43
C TYR A 104 23.02 62.63 1.99
N ALA A 105 22.50 61.71 1.18
CA ALA A 105 22.42 60.31 1.55
C ALA A 105 23.47 59.57 0.69
N ALA A 106 23.65 60.04 -0.53
CA ALA A 106 24.62 59.44 -1.45
C ALA A 106 25.99 60.02 -1.13
N ILE A 107 26.56 59.58 -0.01
CA ILE A 107 27.84 60.10 0.43
C ILE A 107 29.03 59.13 0.39
N THR A 108 28.84 57.96 -0.20
CA THR A 108 29.96 57.02 -0.33
C THR A 108 30.15 56.67 -1.80
N VAL A 109 31.40 56.52 -2.19
CA VAL A 109 31.76 56.19 -3.56
C VAL A 109 31.25 54.82 -3.98
N PRO A 110 30.66 54.73 -5.19
CA PRO A 110 30.17 53.41 -5.64
C PRO A 110 31.42 52.55 -5.81
N GLY A 111 31.45 51.39 -5.15
CA GLY A 111 32.63 50.56 -5.23
C GLY A 111 32.62 49.39 -6.19
N ILE A 112 31.48 49.09 -6.80
CA ILE A 112 31.40 47.94 -7.69
C ILE A 112 32.34 47.98 -8.91
N ALA A 113 32.40 49.09 -9.63
CA ALA A 113 33.27 49.15 -10.80
C ALA A 113 34.72 48.80 -10.45
N GLY A 114 35.19 49.30 -9.31
CA GLY A 114 36.55 49.03 -8.89
C GLY A 114 36.77 47.56 -8.58
N SER A 115 35.75 46.91 -8.04
CA SER A 115 35.88 45.49 -7.73
C SER A 115 35.98 44.71 -9.03
N TRP A 116 35.26 45.14 -10.06
CA TRP A 116 35.32 44.46 -11.35
C TRP A 116 36.72 44.56 -11.92
N ASP A 117 37.34 45.72 -11.77
CA ASP A 117 38.70 45.95 -12.26
C ASP A 117 39.65 44.92 -11.67
N GLU A 118 39.53 44.68 -10.37
CA GLU A 118 40.35 43.71 -9.66
C GLU A 118 40.09 42.28 -10.15
N ILE A 119 38.82 41.93 -10.27
CA ILE A 119 38.44 40.59 -10.75
C ILE A 119 38.98 40.36 -12.16
N PHE A 120 38.73 41.33 -13.05
CA PHE A 120 39.16 41.25 -14.43
C PHE A 120 40.67 41.04 -14.58
N ARG A 121 41.46 41.89 -13.91
CA ARG A 121 42.91 41.79 -14.00
C ARG A 121 43.50 40.52 -13.40
N LYS A 122 42.86 40.00 -12.36
CA LYS A 122 43.35 38.79 -11.71
C LYS A 122 42.81 37.46 -12.21
N PHE A 123 41.55 37.44 -12.65
CA PHE A 123 40.95 36.17 -13.06
C PHE A 123 40.40 36.02 -14.48
N ALA A 124 40.10 37.13 -15.15
CA ALA A 124 39.51 37.09 -16.50
C ALA A 124 40.45 36.63 -17.61
N THR A 125 39.85 36.23 -18.74
CA THR A 125 40.60 35.78 -19.90
C THR A 125 40.05 36.40 -21.19
N MSE A 126 38.82 36.89 -21.14
CA MSE A 126 38.20 37.49 -22.31
C MSE A 126 38.36 38.99 -22.39
O MSE A 126 38.70 39.64 -21.40
CB MSE A 126 36.72 37.15 -22.36
CG MSE A 126 36.40 35.68 -22.26
SE MSE A 126 34.58 35.36 -22.79
CE MSE A 126 33.76 36.96 -22.10
N ASP A 127 38.10 39.54 -23.57
CA ASP A 127 38.17 40.98 -23.79
C ASP A 127 37.03 41.61 -23.02
N ILE A 128 37.27 42.79 -22.45
CA ILE A 128 36.25 43.48 -21.68
C ILE A 128 35.01 43.76 -22.51
N ALA A 129 35.20 43.99 -23.80
CA ALA A 129 34.08 44.27 -24.70
C ALA A 129 33.10 43.08 -24.77
N ASP A 130 33.64 41.87 -24.78
CA ASP A 130 32.80 40.67 -24.84
C ASP A 130 32.08 40.43 -23.53
N ILE A 131 32.74 40.75 -22.42
CA ILE A 131 32.15 40.57 -21.09
C ILE A 131 30.97 41.52 -20.86
N LEU A 132 31.09 42.76 -21.34
CA LEU A 132 30.05 43.77 -21.15
C LEU A 132 29.02 43.88 -22.27
N GLU A 133 29.24 43.16 -23.36
CA GLU A 133 28.33 43.20 -24.51
C GLU A 133 26.88 42.90 -24.12
N PRO A 134 26.64 41.79 -23.39
CA PRO A 134 25.27 41.44 -22.98
C PRO A 134 24.57 42.55 -22.20
N ALA A 135 25.27 43.14 -21.25
CA ALA A 135 24.71 44.23 -20.44
C ALA A 135 24.39 45.42 -21.33
N ILE A 136 25.32 45.79 -22.20
CA ILE A 136 25.10 46.93 -23.09
C ILE A 136 23.88 46.71 -23.98
N ARG A 137 23.78 45.53 -24.58
CA ARG A 137 22.66 45.20 -25.47
C ARG A 137 21.32 45.24 -24.74
N THR A 138 21.28 44.62 -23.56
CA THR A 138 20.07 44.57 -22.77
C THR A 138 19.62 45.96 -22.32
N ALA A 139 20.59 46.80 -21.98
CA ALA A 139 20.29 48.16 -21.54
C ALA A 139 19.74 49.00 -22.70
N SER A 140 20.38 48.90 -23.86
CA SER A 140 19.94 49.69 -25.01
C SER A 140 18.69 49.14 -25.67
N ALA A 141 18.64 47.83 -25.87
CA ALA A 141 17.47 47.21 -26.51
C ALA A 141 16.28 47.20 -25.56
N GLY A 142 16.56 46.98 -24.28
CA GLY A 142 15.49 46.93 -23.30
C GLY A 142 15.01 45.52 -23.07
N PHE A 143 14.18 45.34 -22.05
CA PHE A 143 13.63 44.03 -21.73
C PHE A 143 12.28 44.22 -21.06
N PRO A 144 11.34 43.27 -21.27
CA PRO A 144 10.02 43.39 -20.64
C PRO A 144 10.16 43.03 -19.17
N ILE A 145 9.74 43.93 -18.29
CA ILE A 145 9.88 43.70 -16.85
C ILE A 145 8.92 42.70 -16.25
N THR A 146 9.33 42.10 -15.14
CA THR A 146 8.53 41.13 -14.43
C THR A 146 7.65 41.88 -13.44
N GLN A 147 6.71 41.16 -12.83
CA GLN A 147 5.81 41.73 -11.84
C GLN A 147 6.60 42.23 -10.63
N ASN A 148 7.59 41.44 -10.19
CA ASN A 148 8.40 41.83 -9.05
C ASN A 148 9.13 43.13 -9.31
N TYR A 149 9.66 43.28 -10.53
CA TYR A 149 10.38 44.50 -10.87
C TYR A 149 9.38 45.66 -10.87
N SER A 150 8.21 45.41 -11.45
CA SER A 150 7.17 46.44 -11.49
C SER A 150 6.82 46.90 -10.08
N ASP A 151 6.65 45.93 -9.17
CA ASP A 151 6.32 46.24 -7.78
C ASP A 151 7.42 47.08 -7.11
N SER A 152 8.67 46.83 -7.46
CA SER A 152 9.78 47.58 -6.89
C SER A 152 9.65 49.04 -7.26
N ILE A 153 9.28 49.30 -8.51
CA ILE A 153 9.12 50.67 -8.96
C ILE A 153 7.98 51.33 -8.19
N ALA A 154 6.85 50.62 -8.06
CA ALA A 154 5.70 51.16 -7.34
C ALA A 154 6.04 51.51 -5.89
N ARG A 155 6.76 50.62 -5.21
CA ARG A 155 7.14 50.86 -3.82
C ARG A 155 8.17 51.98 -3.68
N SER A 156 8.90 52.27 -4.75
CA SER A 156 9.92 53.31 -4.71
C SER A 156 9.37 54.70 -5.05
N ALA A 157 8.31 54.73 -5.84
CA ALA A 157 7.72 56.01 -6.24
C ALA A 157 7.52 57.01 -5.11
N PRO A 158 6.97 56.55 -3.98
CA PRO A 158 6.74 57.46 -2.84
C PRO A 158 7.98 58.03 -2.16
N VAL A 159 9.14 57.38 -2.32
CA VAL A 159 10.35 57.87 -1.67
C VAL A 159 11.40 58.52 -2.57
N ILE A 160 11.40 58.19 -3.86
CA ILE A 160 12.38 58.80 -4.75
C ILE A 160 11.76 59.28 -6.06
N GLY A 161 10.44 59.18 -6.15
CA GLY A 161 9.75 59.60 -7.35
C GLY A 161 9.90 61.09 -7.66
N GLN A 162 10.36 61.87 -6.68
CA GLN A 162 10.52 63.31 -6.88
C GLN A 162 11.80 63.64 -7.64
N TYR A 163 12.69 62.66 -7.78
CA TYR A 163 13.95 62.89 -8.48
C TYR A 163 13.80 62.61 -9.97
N ARG A 164 13.85 63.67 -10.76
CA ARG A 164 13.69 63.58 -12.21
C ARG A 164 14.61 62.56 -12.87
N GLY A 165 15.86 62.49 -12.41
CA GLY A 165 16.80 61.54 -12.99
C GLY A 165 16.37 60.10 -12.84
N TRP A 166 15.61 59.80 -11.79
CA TRP A 166 15.13 58.44 -11.55
C TRP A 166 13.79 58.21 -12.24
N SER A 167 12.84 59.12 -12.02
CA SER A 167 11.51 58.98 -12.61
C SER A 167 11.53 58.97 -14.13
N SER A 168 12.39 59.80 -14.73
CA SER A 168 12.44 59.86 -16.19
C SER A 168 12.86 58.53 -16.81
N ILE A 169 13.53 57.69 -16.04
CA ILE A 169 13.97 56.39 -16.55
C ILE A 169 13.02 55.25 -16.20
N PHE A 170 12.63 55.17 -14.93
CA PHE A 170 11.78 54.08 -14.46
C PHE A 170 10.27 54.35 -14.45
N MSE A 171 9.89 55.61 -14.64
CA MSE A 171 8.48 56.01 -14.72
C MSE A 171 8.40 57.05 -15.83
O MSE A 171 7.87 58.14 -15.65
CB MSE A 171 8.02 56.62 -13.38
CG MSE A 171 7.84 55.59 -12.28
SE MSE A 171 7.26 56.38 -10.62
CE MSE A 171 5.36 56.47 -10.97
N PRO A 172 8.93 56.70 -17.01
CA PRO A 172 8.95 57.58 -18.18
C PRO A 172 7.63 58.24 -18.56
N ASN A 173 6.53 57.54 -18.37
CA ASN A 173 5.22 58.09 -18.73
C ASN A 173 4.46 58.68 -17.54
N GLY A 174 5.16 58.87 -16.43
CA GLY A 174 4.52 59.44 -15.26
C GLY A 174 3.79 58.43 -14.38
N SER A 175 3.80 57.17 -14.80
CA SER A 175 3.13 56.13 -14.03
C SER A 175 4.07 54.94 -13.84
N VAL A 176 3.65 53.99 -13.00
CA VAL A 176 4.46 52.81 -12.74
C VAL A 176 4.30 51.82 -13.90
N PRO A 177 5.41 51.46 -14.57
CA PRO A 177 5.32 50.50 -15.68
C PRO A 177 4.72 49.18 -15.20
N VAL A 178 3.89 48.59 -16.05
CA VAL A 178 3.25 47.32 -15.74
C VAL A 178 4.12 46.17 -16.23
N ALA A 179 3.95 44.99 -15.62
CA ALA A 179 4.71 43.82 -16.03
C ALA A 179 4.55 43.62 -17.52
N GLY A 180 5.65 43.32 -18.21
CA GLY A 180 5.57 43.12 -19.64
C GLY A 180 6.01 44.34 -20.42
N GLU A 181 5.96 45.51 -19.79
CA GLU A 181 6.38 46.73 -20.46
C GLU A 181 7.89 46.71 -20.65
N ILE A 182 8.36 47.32 -21.72
CA ILE A 182 9.78 47.35 -22.03
C ILE A 182 10.51 48.50 -21.36
N LEU A 183 11.52 48.16 -20.57
CA LEU A 183 12.34 49.17 -19.89
C LEU A 183 13.63 49.34 -20.67
N LYS A 184 13.80 50.48 -21.30
CA LYS A 184 15.03 50.75 -22.05
C LYS A 184 15.87 51.69 -21.20
N GLN A 185 17.18 51.50 -21.23
CA GLN A 185 18.08 52.31 -20.42
C GLN A 185 19.29 52.78 -21.24
N PRO A 186 19.07 53.73 -22.14
CA PRO A 186 20.12 54.28 -23.01
C PRO A 186 21.33 54.90 -22.29
N ASP A 187 21.10 55.69 -21.25
CA ASP A 187 22.23 56.29 -20.54
C ASP A 187 23.08 55.20 -19.88
N LEU A 188 22.41 54.22 -19.29
CA LEU A 188 23.12 53.13 -18.62
C LEU A 188 23.98 52.38 -19.64
N ALA A 189 23.45 52.19 -20.84
CA ALA A 189 24.18 51.50 -21.90
C ALA A 189 25.46 52.26 -22.23
N GLU A 190 25.35 53.59 -22.25
CA GLU A 190 26.49 54.44 -22.56
C GLU A 190 27.57 54.36 -21.47
N SER A 191 27.16 54.26 -20.22
CA SER A 191 28.13 54.17 -19.13
C SER A 191 28.93 52.87 -19.27
N PHE A 192 28.26 51.78 -19.61
CA PHE A 192 28.94 50.50 -19.80
C PHE A 192 29.86 50.57 -21.02
N ARG A 193 29.38 51.25 -22.05
CA ARG A 193 30.12 51.44 -23.29
C ARG A 193 31.45 52.15 -22.99
N LEU A 194 31.39 53.19 -22.18
CA LEU A 194 32.60 53.93 -21.82
C LEU A 194 33.61 53.04 -21.10
N MSE A 195 33.14 52.21 -20.18
CA MSE A 195 34.04 51.31 -19.46
C MSE A 195 34.57 50.25 -20.40
O MSE A 195 35.70 49.78 -20.25
CB MSE A 195 33.33 50.68 -18.27
CG MSE A 195 33.09 51.65 -17.12
SE MSE A 195 32.40 50.81 -15.52
CE MSE A 195 30.61 50.43 -16.15
N SER A 196 33.75 49.88 -21.38
CA SER A 196 34.17 48.88 -22.35
C SER A 196 35.32 49.45 -23.17
N GLU A 197 35.23 50.74 -23.48
CA GLU A 197 36.25 51.42 -24.26
C GLU A 197 37.48 51.86 -23.48
N GLU A 198 37.27 52.37 -22.27
CA GLU A 198 38.39 52.87 -21.46
C GLU A 198 38.79 51.98 -20.29
N GLY A 199 38.02 50.94 -20.02
CA GLY A 199 38.35 50.07 -18.91
C GLY A 199 37.49 50.35 -17.69
N PHE A 200 37.37 49.36 -16.81
CA PHE A 200 36.57 49.51 -15.61
C PHE A 200 36.97 50.72 -14.77
N ARG A 201 38.27 50.96 -14.64
CA ARG A 201 38.80 52.07 -13.86
C ARG A 201 38.34 53.45 -14.31
N SER A 202 37.99 53.59 -15.59
CA SER A 202 37.56 54.88 -16.13
C SER A 202 36.37 55.46 -15.36
N PHE A 203 35.67 54.60 -14.61
CA PHE A 203 34.53 55.03 -13.80
C PHE A 203 35.02 56.06 -12.78
N TYR A 204 36.26 55.87 -12.33
CA TYR A 204 36.86 56.77 -11.34
C TYR A 204 37.98 57.67 -11.86
N ASP A 205 38.68 57.20 -12.88
CA ASP A 205 39.82 57.95 -13.41
C ASP A 205 39.71 58.45 -14.86
N GLY A 206 38.65 58.06 -15.56
CA GLY A 206 38.51 58.47 -16.95
C GLY A 206 37.32 59.34 -17.31
N SER A 207 36.84 59.16 -18.53
CA SER A 207 35.70 59.92 -19.06
C SER A 207 34.43 59.78 -18.25
N LEU A 208 34.10 58.56 -17.83
CA LEU A 208 32.89 58.32 -17.06
C LEU A 208 32.91 59.08 -15.74
N ALA A 209 34.07 59.09 -15.08
CA ALA A 209 34.22 59.81 -13.82
C ALA A 209 33.88 61.28 -13.98
N ASP A 210 34.35 61.89 -15.07
CA ASP A 210 34.07 63.30 -15.33
C ASP A 210 32.59 63.51 -15.56
N ILE A 211 31.95 62.55 -16.24
CA ILE A 211 30.53 62.64 -16.53
C ILE A 211 29.71 62.54 -15.24
N ILE A 212 30.16 61.69 -14.33
CA ILE A 212 29.48 61.51 -13.05
C ILE A 212 29.50 62.80 -12.22
N ILE A 213 30.70 63.34 -12.01
CA ILE A 213 30.86 64.56 -11.23
C ILE A 213 30.09 65.71 -11.86
N ALA A 214 30.25 65.89 -13.17
CA ALA A 214 29.55 66.95 -13.86
C ALA A 214 28.05 66.76 -13.75
N GLY A 215 27.60 65.50 -13.81
CA GLY A 215 26.19 65.19 -13.73
C GLY A 215 25.55 65.36 -12.36
N LEU A 216 26.35 65.74 -11.36
CA LEU A 216 25.84 65.94 -10.00
C LEU A 216 25.81 67.42 -9.64
N GLU A 217 26.36 68.26 -10.51
CA GLU A 217 26.38 69.69 -10.26
C GLU A 217 24.96 70.22 -10.04
N GLY A 218 24.77 71.00 -8.99
CA GLY A 218 23.45 71.54 -8.71
C GLY A 218 22.64 70.71 -7.74
N THR A 219 23.07 69.48 -7.49
CA THR A 219 22.36 68.59 -6.57
C THR A 219 22.75 68.83 -5.13
N GLY A 220 23.95 69.36 -4.92
CA GLY A 220 24.43 69.60 -3.57
C GLY A 220 25.31 68.45 -3.10
N SER A 221 25.37 67.38 -3.90
CA SER A 221 26.17 66.21 -3.57
C SER A 221 27.62 66.58 -3.25
N PRO A 222 28.16 66.03 -2.15
CA PRO A 222 29.54 66.33 -1.75
C PRO A 222 30.59 65.49 -2.51
N LEU A 223 30.14 64.46 -3.22
CA LEU A 223 31.07 63.61 -3.97
C LEU A 223 31.90 64.40 -4.96
N SER A 224 33.21 64.25 -4.88
CA SER A 224 34.12 64.97 -5.77
C SER A 224 34.97 64.03 -6.61
N ASP A 225 35.70 64.59 -7.58
CA ASP A 225 36.56 63.78 -8.43
C ASP A 225 37.62 63.06 -7.60
N ARG A 226 38.13 63.74 -6.57
CA ARG A 226 39.15 63.14 -5.73
C ARG A 226 38.61 61.94 -4.95
N ASP A 227 37.35 62.00 -4.52
CA ASP A 227 36.75 60.87 -3.80
C ASP A 227 36.80 59.65 -4.70
N LEU A 228 36.46 59.84 -5.96
CA LEU A 228 36.46 58.74 -6.93
C LEU A 228 37.88 58.22 -7.20
N ARG A 229 38.81 59.13 -7.43
CA ARG A 229 40.18 58.74 -7.74
C ARG A 229 40.90 57.96 -6.63
N VAL A 230 40.62 58.29 -5.38
CA VAL A 230 41.28 57.60 -4.28
C VAL A 230 40.64 56.27 -3.91
N TYR A 231 39.44 55.99 -4.43
CA TYR A 231 38.80 54.73 -4.09
C TYR A 231 39.55 53.52 -4.61
N ARG A 232 39.73 52.54 -3.75
CA ARG A 232 40.40 51.29 -4.09
C ARG A 232 39.75 50.19 -3.26
N PRO A 233 39.32 49.10 -3.89
CA PRO A 233 38.69 48.04 -3.09
C PRO A 233 39.73 47.44 -2.15
N LEU A 234 39.26 46.75 -1.12
CA LEU A 234 40.17 46.11 -0.17
C LEU A 234 40.31 44.63 -0.51
N ILE A 235 41.53 44.18 -0.71
CA ILE A 235 41.78 42.78 -1.06
C ILE A 235 42.42 42.06 0.12
N GLY A 236 41.83 40.95 0.51
CA GLY A 236 42.35 40.19 1.62
C GLY A 236 41.89 38.75 1.63
N LYS A 237 41.84 38.18 2.82
CA LYS A 237 41.41 36.80 3.00
C LYS A 237 40.13 36.75 3.82
N PRO A 238 39.30 35.74 3.59
CA PRO A 238 38.05 35.63 4.33
C PRO A 238 38.28 35.20 5.76
N VAL A 239 37.31 35.50 6.63
CA VAL A 239 37.39 35.06 8.01
C VAL A 239 36.75 33.68 7.93
N PHE A 240 37.02 32.82 8.90
CA PHE A 240 36.45 31.50 8.84
C PHE A 240 36.49 30.77 10.16
N THR A 241 35.87 29.61 10.18
CA THR A 241 35.84 28.77 11.37
C THR A 241 35.68 27.34 10.91
N ASP A 242 36.21 26.40 11.68
CA ASP A 242 36.12 24.99 11.33
C ASP A 242 35.04 24.32 12.16
N LEU A 243 34.29 23.42 11.53
CA LEU A 243 33.23 22.68 12.20
C LEU A 243 33.36 21.27 11.65
N ASP A 244 33.98 20.38 12.43
CA ASP A 244 34.20 19.01 12.00
C ASP A 244 35.10 19.07 10.76
N GLU A 245 34.72 18.38 9.69
CA GLU A 245 35.55 18.41 8.48
C GLU A 245 35.22 19.60 7.58
N PHE A 246 34.34 20.48 8.04
CA PHE A 246 33.94 21.65 7.26
C PHE A 246 34.63 22.94 7.70
N ARG A 247 34.79 23.85 6.73
CA ARG A 247 35.35 25.16 7.02
C ARG A 247 34.41 26.17 6.36
N ILE A 248 33.80 27.02 7.18
CA ILE A 248 32.87 28.03 6.67
C ILE A 248 33.57 29.38 6.56
N TYR A 249 33.50 29.96 5.37
CA TYR A 249 34.12 31.26 5.08
C TYR A 249 33.09 32.37 4.93
N GLU A 250 33.50 33.59 5.29
CA GLU A 250 32.64 34.77 5.15
C GLU A 250 33.51 35.95 4.78
N THR A 251 32.90 36.94 4.13
CA THR A 251 33.60 38.15 3.75
C THR A 251 33.96 38.86 5.06
N SER A 252 35.16 39.42 5.12
CA SER A 252 35.67 40.09 6.33
C SER A 252 35.10 41.46 6.68
N PRO A 253 35.30 42.12 7.77
CA PRO A 253 34.76 43.45 8.01
C PRO A 253 35.40 44.52 7.10
N ASN A 254 34.60 45.40 6.86
CA ASN A 254 33.37 45.98 7.39
C ASN A 254 32.15 45.20 6.91
N SER A 255 32.12 44.21 6.19
CA SER A 255 31.01 43.29 5.98
C SER A 255 30.62 42.66 7.31
N GLN A 256 29.34 42.35 7.48
CA GLN A 256 28.86 41.74 8.71
C GLN A 256 28.98 40.21 8.65
N GLY A 257 29.68 39.70 7.63
CA GLY A 257 29.83 38.26 7.47
C GLY A 257 30.32 37.49 8.68
N ILE A 258 31.25 38.07 9.43
CA ILE A 258 31.81 37.42 10.63
C ILE A 258 30.73 37.03 11.64
N THR A 259 29.58 37.70 11.57
CA THR A 259 28.48 37.41 12.48
C THR A 259 28.06 35.95 12.34
N VAL A 260 28.11 35.42 11.13
CA VAL A 260 27.74 34.03 10.89
C VAL A 260 28.77 33.10 11.56
N ILE A 261 30.04 33.45 11.44
CA ILE A 261 31.12 32.66 12.04
C ILE A 261 30.96 32.60 13.56
N GLU A 262 30.67 33.75 14.17
CA GLU A 262 30.49 33.84 15.63
C GLU A 262 29.31 32.98 16.06
N TRP A 263 28.24 33.04 15.27
CA TRP A 263 27.03 32.29 15.55
C TRP A 263 27.32 30.79 15.54
N ILE A 264 28.07 30.33 14.54
CA ILE A 264 28.41 28.92 14.44
C ILE A 264 29.25 28.47 15.66
N ARG A 265 30.23 29.29 16.03
CA ARG A 265 31.07 28.96 17.18
C ARG A 265 30.19 28.89 18.43
N GLY A 266 29.18 29.74 18.47
CA GLY A 266 28.27 29.74 19.60
C GLY A 266 27.45 28.45 19.64
N MSE A 267 26.92 28.06 18.48
CA MSE A 267 26.13 26.83 18.39
C MSE A 267 27.01 25.64 18.77
O MSE A 267 26.56 24.70 19.42
CB MSE A 267 25.62 26.63 16.95
CG MSE A 267 24.48 27.55 16.56
SE MSE A 267 22.86 27.12 17.52
CE MSE A 267 22.47 25.43 16.66
N GLU A 268 28.26 25.70 18.37
CA GLU A 268 29.23 24.65 18.66
C GLU A 268 29.43 24.51 20.17
N SER A 269 29.54 25.63 20.86
CA SER A 269 29.73 25.61 22.30
C SER A 269 28.49 25.09 23.03
N HIS A 270 27.38 25.01 22.32
CA HIS A 270 26.13 24.51 22.90
C HIS A 270 25.99 23.02 22.69
N GLY A 271 27.02 22.40 22.13
CA GLY A 271 27.00 20.95 21.91
C GLY A 271 26.60 20.49 20.52
N TYR A 272 26.40 21.43 19.60
CA TYR A 272 26.00 21.06 18.24
C TYR A 272 27.19 20.95 17.30
N ASP A 273 26.98 20.24 16.19
CA ASP A 273 28.01 20.06 15.18
C ASP A 273 27.35 20.07 13.80
N SER A 274 28.15 19.78 12.76
CA SER A 274 27.64 19.79 11.39
C SER A 274 26.52 18.77 11.13
N ARG A 275 26.47 17.72 11.94
CA ARG A 275 25.46 16.69 11.76
C ARG A 275 24.17 16.96 12.53
N THR A 276 24.23 17.82 13.53
CA THR A 276 23.06 18.08 14.37
C THR A 276 22.45 19.48 14.38
N MSE A 277 23.16 20.48 13.86
CA MSE A 277 22.60 21.84 13.88
C MSE A 277 21.26 21.96 13.19
O MSE A 277 20.40 22.70 13.65
CB MSE A 277 23.58 22.83 13.27
CG MSE A 277 24.81 23.10 14.11
SE MSE A 277 25.72 24.72 13.59
CE MSE A 277 26.22 24.20 11.80
N TRP A 278 21.06 21.21 12.10
CA TRP A 278 19.81 21.26 11.36
C TRP A 278 18.57 21.04 12.22
N GLU A 279 18.72 20.30 13.32
CA GLU A 279 17.58 20.04 14.18
C GLU A 279 17.80 20.59 15.58
N ALA A 280 18.65 21.59 15.69
CA ALA A 280 18.94 22.21 16.99
C ALA A 280 17.69 22.86 17.58
N LYS A 281 17.63 22.92 18.90
CA LYS A 281 16.50 23.54 19.59
C LYS A 281 16.44 25.00 19.18
N ILE A 282 15.23 25.46 18.85
CA ILE A 282 15.03 26.83 18.42
C ILE A 282 15.52 27.87 19.43
N GLU A 283 15.32 27.61 20.72
CA GLU A 283 15.77 28.57 21.73
C GLU A 283 17.28 28.75 21.69
N ASP A 284 18.02 27.68 21.42
CA ASP A 284 19.47 27.77 21.35
C ASP A 284 19.89 28.55 20.10
N ILE A 285 19.11 28.39 19.03
CA ILE A 285 19.41 29.08 17.78
C ILE A 285 19.29 30.59 17.98
N PHE A 286 18.22 31.01 18.65
CA PHE A 286 18.01 32.44 18.89
C PHE A 286 18.97 33.00 19.93
N GLU A 287 19.31 32.21 20.94
CA GLU A 287 20.24 32.67 21.97
C GLU A 287 21.63 32.93 21.40
N THR A 288 22.16 31.97 20.65
CA THR A 288 23.47 32.15 20.07
C THR A 288 23.45 33.24 18.99
N MSE A 289 22.31 33.40 18.33
CA MSE A 289 22.16 34.43 17.29
C MSE A 289 22.31 35.82 17.89
O MSE A 289 23.09 36.65 17.39
CB MSE A 289 20.80 34.30 16.61
CG MSE A 289 20.53 35.31 15.48
SE MSE A 289 19.84 37.02 16.10
CE MSE A 289 18.01 36.47 16.41
N GLU A 290 21.56 36.11 18.96
CA GLU A 290 21.63 37.41 19.58
C GLU A 290 22.99 37.73 20.20
N GLU A 291 23.74 36.71 20.60
CA GLU A 291 25.07 36.93 21.16
C GLU A 291 26.00 37.32 20.02
N ALA A 292 25.79 36.71 18.86
CA ALA A 292 26.59 37.00 17.69
C ALA A 292 26.24 38.38 17.16
N TYR A 293 24.95 38.72 17.21
CA TYR A 293 24.51 40.03 16.75
C TYR A 293 25.01 41.12 17.69
N ASP A 294 25.28 40.72 18.93
CA ASP A 294 25.78 41.66 19.92
C ASP A 294 27.19 42.09 19.55
N LYS A 295 28.01 41.12 19.15
CA LYS A 295 29.39 41.39 18.74
C LYS A 295 29.40 42.15 17.42
N ARG A 296 28.31 42.01 16.66
CA ARG A 296 28.16 42.66 15.36
C ARG A 296 28.23 44.19 15.48
N ARG A 297 27.85 44.70 16.66
CA ARG A 297 27.84 46.13 16.90
C ARG A 297 29.18 46.84 16.78
N LYS A 298 30.28 46.10 16.88
CA LYS A 298 31.62 46.69 16.80
C LYS A 298 32.19 46.72 15.39
N ILE A 299 31.50 46.08 14.45
CA ILE A 299 31.96 46.03 13.07
C ILE A 299 31.87 47.37 12.34
N THR A 300 32.95 47.73 11.65
CA THR A 300 32.99 48.97 10.88
C THR A 300 34.23 48.92 9.98
N ASP A 301 34.67 50.08 9.51
CA ASP A 301 35.85 50.17 8.66
C ASP A 301 36.96 49.38 9.36
N PRO A 302 37.57 48.40 8.66
CA PRO A 302 38.64 47.61 9.29
C PRO A 302 39.84 48.41 9.77
N SER A 303 40.14 49.53 9.11
CA SER A 303 41.28 50.35 9.51
C SER A 303 40.99 51.08 10.82
N TYR A 304 39.73 51.09 11.23
CA TYR A 304 39.33 51.76 12.47
C TYR A 304 39.14 50.75 13.61
N MSE A 305 39.27 49.46 13.31
CA MSE A 305 39.07 48.43 14.31
C MSE A 305 40.34 47.99 15.03
O MSE A 305 40.28 47.32 16.07
CB MSE A 305 38.39 47.21 13.68
CG MSE A 305 36.96 47.48 13.22
SE MSE A 305 36.08 45.95 12.41
CE MSE A 305 35.68 44.95 14.01
N ASN A 306 41.50 48.37 14.50
CA ASN A 306 42.78 48.01 15.11
C ASN A 306 43.05 48.85 16.37
N GLY A 319 20.77 49.69 26.84
CA GLY A 319 19.34 49.76 26.59
C GLY A 319 19.02 50.44 25.27
N LEU A 320 19.34 49.77 24.17
CA LEU A 320 19.09 50.31 22.83
C LEU A 320 17.59 50.23 22.49
N PRO A 321 17.11 51.14 21.63
CA PRO A 321 15.69 51.13 21.25
C PRO A 321 15.30 49.87 20.47
N LYS A 322 14.13 49.33 20.76
CA LYS A 322 13.66 48.12 20.10
C LYS A 322 13.15 48.38 18.68
N ARG A 323 13.45 47.44 17.79
CA ARG A 323 13.02 47.53 16.39
C ARG A 323 11.51 47.38 16.32
N ASP A 324 10.86 48.18 15.48
CA ASP A 324 9.40 48.11 15.34
C ASP A 324 8.97 48.06 13.88
N HIS A 325 9.86 47.59 13.01
CA HIS A 325 9.56 47.49 11.59
C HIS A 325 10.29 46.30 10.96
N ASN A 326 9.95 46.01 9.71
CA ASN A 326 10.57 44.89 9.00
C ASN A 326 11.98 45.25 8.53
N ASP A 327 12.71 44.25 8.06
CA ASP A 327 14.07 44.46 7.59
C ASP A 327 14.17 45.48 6.47
N ILE A 328 15.25 46.24 6.48
CA ILE A 328 15.52 47.25 5.48
C ILE A 328 16.82 46.89 4.76
N GLY A 329 16.73 46.65 3.45
CA GLY A 329 17.91 46.30 2.69
C GLY A 329 17.59 45.46 1.47
N ASP A 330 17.95 45.99 0.30
CA ASP A 330 17.71 45.31 -0.96
C ASP A 330 19.05 45.01 -1.61
N THR A 331 19.17 43.81 -2.16
CA THR A 331 20.43 43.41 -2.75
C THR A 331 20.22 42.19 -3.65
N THR A 332 21.24 41.83 -4.41
CA THR A 332 21.16 40.65 -5.26
C THR A 332 22.46 39.88 -5.09
N TYR A 333 22.31 38.59 -4.78
CA TYR A 333 23.43 37.70 -4.60
C TYR A 333 23.44 36.62 -5.68
N PHE A 334 24.63 36.25 -6.16
CA PHE A 334 24.72 35.19 -7.15
C PHE A 334 25.95 34.34 -6.91
N SER A 335 25.89 33.08 -7.34
CA SER A 335 27.00 32.15 -7.17
C SER A 335 27.23 31.36 -8.46
N ILE A 336 28.48 30.98 -8.68
CA ILE A 336 28.87 30.19 -9.84
C ILE A 336 29.98 29.27 -9.36
N SER A 337 29.92 28.00 -9.75
CA SER A 337 30.96 27.04 -9.36
C SER A 337 31.19 26.09 -10.52
N ASP A 338 32.41 25.54 -10.61
CA ASP A 338 32.67 24.55 -11.66
C ASP A 338 33.18 23.28 -11.01
N SER A 339 33.20 22.19 -11.78
CA SER A 339 33.61 20.90 -11.28
C SER A 339 35.04 20.83 -10.75
N GLU A 340 35.86 21.82 -11.10
CA GLU A 340 37.24 21.83 -10.63
C GLU A 340 37.43 22.54 -9.30
N GLY A 341 36.34 23.04 -8.72
CA GLY A 341 36.45 23.71 -7.44
C GLY A 341 36.47 25.21 -7.50
N ARG A 342 36.54 25.78 -8.70
CA ARG A 342 36.53 27.23 -8.81
C ARG A 342 35.15 27.71 -8.38
N SER A 343 35.08 28.91 -7.85
CA SER A 343 33.77 29.41 -7.42
C SER A 343 33.80 30.89 -7.10
N VAL A 344 32.63 31.51 -7.18
CA VAL A 344 32.48 32.92 -6.82
C VAL A 344 31.21 32.97 -5.98
N SER A 345 31.21 33.84 -4.98
CA SER A 345 30.07 34.05 -4.10
C SER A 345 30.06 35.57 -4.08
N ILE A 346 29.18 36.15 -4.88
CA ILE A 346 29.12 37.59 -5.05
C ILE A 346 27.79 38.23 -4.69
N ILE A 347 27.86 39.38 -4.01
CA ILE A 347 26.66 40.09 -3.60
C ILE A 347 26.87 41.59 -3.86
N GLN A 348 25.82 42.24 -4.37
CA GLN A 348 25.91 43.66 -4.68
C GLN A 348 24.61 44.38 -4.34
N SER A 349 24.70 45.67 -4.01
CA SER A 349 23.53 46.43 -3.59
C SER A 349 23.72 47.96 -3.57
N ASN A 350 22.60 48.67 -3.48
CA ASN A 350 22.55 50.13 -3.39
C ASN A 350 22.12 50.45 -1.96
N TYR A 351 21.90 49.38 -1.20
CA TYR A 351 21.41 49.38 0.19
C TYR A 351 19.88 49.36 0.17
N MSE A 352 19.25 50.52 0.06
CA MSE A 352 17.78 50.56 0.02
C MSE A 352 17.22 50.62 -1.40
O MSE A 352 17.19 51.69 -2.03
CB MSE A 352 17.24 51.77 0.81
CG MSE A 352 17.43 51.66 2.32
SE MSE A 352 16.51 53.09 3.26
CE MSE A 352 17.47 53.00 4.94
N GLY A 353 16.74 49.49 -1.89
CA GLY A 353 16.17 49.43 -3.23
C GLY A 353 17.01 50.03 -4.33
N PHE A 354 16.44 51.01 -5.03
CA PHE A 354 17.14 51.69 -6.12
C PHE A 354 18.28 52.56 -5.63
N GLY A 355 18.23 52.95 -4.36
CA GLY A 355 19.28 53.79 -3.80
C GLY A 355 18.83 55.16 -3.32
N SER A 356 19.74 56.12 -3.34
CA SER A 356 19.46 57.48 -2.90
C SER A 356 18.42 58.20 -3.74
N GLY A 357 18.32 57.80 -5.00
CA GLY A 357 17.38 58.44 -5.91
C GLY A 357 18.12 59.45 -6.79
N ILE A 358 19.37 59.73 -6.43
CA ILE A 358 20.18 60.68 -7.19
C ILE A 358 20.91 59.99 -8.34
N VAL A 359 20.60 60.42 -9.56
CA VAL A 359 21.22 59.85 -10.74
C VAL A 359 22.12 60.89 -11.43
N PRO A 360 23.44 60.65 -11.48
CA PRO A 360 24.31 61.62 -12.13
C PRO A 360 23.82 61.75 -13.57
N LYS A 361 23.44 62.97 -13.97
CA LYS A 361 22.93 63.21 -15.31
C LYS A 361 23.63 62.46 -16.43
N GLY A 362 22.85 61.72 -17.21
CA GLY A 362 23.38 60.98 -18.34
C GLY A 362 24.08 59.66 -18.07
N THR A 363 24.13 59.21 -16.83
CA THR A 363 24.81 57.96 -16.51
C THR A 363 23.86 56.75 -16.42
N GLY A 364 22.59 57.02 -16.14
CA GLY A 364 21.63 55.93 -16.05
C GLY A 364 21.71 55.06 -14.80
N PHE A 365 22.40 55.52 -13.76
CA PHE A 365 22.47 54.74 -12.53
C PHE A 365 22.27 55.62 -11.30
N VAL A 366 21.73 55.02 -10.24
CA VAL A 366 21.46 55.73 -9.00
C VAL A 366 22.57 55.53 -7.97
N LEU A 367 22.96 56.61 -7.31
CA LEU A 367 23.99 56.52 -6.28
C LEU A 367 23.39 55.83 -5.06
N GLN A 368 24.13 54.87 -4.52
CA GLN A 368 23.69 54.12 -3.34
C GLN A 368 23.49 55.05 -2.14
N ASN A 369 22.68 54.62 -1.18
CA ASN A 369 22.46 55.41 0.03
C ASN A 369 23.02 54.66 1.24
N ARG A 370 24.03 53.84 0.96
CA ARG A 370 24.72 53.04 1.98
C ARG A 370 25.21 53.92 3.14
N GLY A 371 25.58 55.15 2.82
CA GLY A 371 26.08 56.06 3.84
C GLY A 371 25.09 56.42 4.93
N SER A 372 23.80 56.19 4.69
CA SER A 372 22.80 56.51 5.69
C SER A 372 22.88 55.55 6.88
N TYR A 373 23.72 54.52 6.77
CA TYR A 373 23.88 53.57 7.86
C TYR A 373 24.85 54.13 8.92
N PHE A 374 25.63 55.14 8.53
CA PHE A 374 26.57 55.76 9.46
C PHE A 374 25.77 56.45 10.56
N THR A 375 26.36 56.58 11.74
CA THR A 375 25.70 57.28 12.84
C THR A 375 26.46 58.58 13.03
N LEU A 376 25.79 59.60 13.57
CA LEU A 376 26.43 60.88 13.82
C LEU A 376 26.92 61.00 15.26
N GLN A 377 26.88 59.87 15.96
CA GLN A 377 27.33 59.78 17.35
C GLN A 377 28.86 59.57 17.29
N ARG A 378 29.61 60.64 17.53
CA ARG A 378 31.07 60.60 17.44
C ARG A 378 31.78 59.46 18.16
N ASP A 379 31.28 59.03 19.31
CA ASP A 379 31.95 57.95 20.03
C ASP A 379 31.51 56.54 19.65
N HIS A 380 30.57 56.41 18.72
CA HIS A 380 30.13 55.08 18.31
C HIS A 380 31.16 54.57 17.31
N PRO A 381 31.49 53.27 17.36
CA PRO A 381 32.47 52.68 16.45
C PRO A 381 32.20 52.98 14.97
N ASN A 382 30.91 53.07 14.60
CA ASN A 382 30.54 53.32 13.21
C ASN A 382 30.16 54.76 12.93
N ALA A 383 30.79 55.68 13.66
CA ALA A 383 30.52 57.10 13.48
C ALA A 383 31.03 57.55 12.12
N LEU A 384 30.30 58.48 11.50
CA LEU A 384 30.72 59.00 10.21
C LEU A 384 32.00 59.81 10.37
N MSE A 385 32.95 59.59 9.47
CA MSE A 385 34.23 60.30 9.43
C MSE A 385 34.55 60.43 7.95
O MSE A 385 34.24 59.53 7.17
CB MSE A 385 35.34 59.49 10.11
CG MSE A 385 35.17 59.23 11.60
SE MSE A 385 35.20 60.83 12.71
CE MSE A 385 37.10 61.21 12.72
N PRO A 386 35.15 61.56 7.53
CA PRO A 386 35.45 61.62 6.09
C PRO A 386 36.41 60.51 5.65
N GLY A 387 36.16 59.96 4.47
CA GLY A 387 37.00 58.89 3.93
C GLY A 387 36.85 57.54 4.60
N LYS A 388 35.88 57.40 5.49
CA LYS A 388 35.68 56.14 6.22
C LYS A 388 34.62 55.22 5.59
N ARG A 389 34.77 53.92 5.84
CA ARG A 389 33.80 52.93 5.35
C ARG A 389 32.85 52.62 6.49
N THR A 390 31.61 52.28 6.16
CA THR A 390 30.62 51.97 7.18
C THR A 390 30.36 50.48 7.33
N PHE A 391 29.85 50.10 8.49
CA PHE A 391 29.44 48.73 8.77
C PHE A 391 28.62 48.41 7.51
N HIS A 392 28.80 47.23 6.94
CA HIS A 392 28.10 46.86 5.72
C HIS A 392 27.26 45.61 5.88
N THR A 393 26.00 45.67 5.48
CA THR A 393 25.09 44.54 5.58
C THR A 393 25.44 43.41 4.59
N LEU A 394 26.15 43.74 3.51
CA LEU A 394 26.50 42.71 2.53
C LEU A 394 27.51 41.69 3.04
N ALA A 395 27.26 40.42 2.69
CA ALA A 395 28.13 39.33 3.08
C ALA A 395 28.02 38.20 2.06
N ALA A 396 29.11 37.47 1.87
CA ALA A 396 29.14 36.34 0.95
C ALA A 396 29.76 35.16 1.68
N CYS A 397 29.20 33.97 1.47
CA CYS A 397 29.66 32.77 2.16
C CYS A 397 30.17 31.68 1.23
N MSE A 398 31.04 30.84 1.76
CA MSE A 398 31.58 29.72 1.01
C MSE A 398 31.87 28.61 2.01
O MSE A 398 32.24 28.89 3.16
CB MSE A 398 32.84 30.13 0.26
CG MSE A 398 32.90 29.59 -1.17
SE MSE A 398 34.45 30.19 -2.15
CE MSE A 398 33.61 31.46 -3.34
N VAL A 399 31.71 27.36 1.60
CA VAL A 399 31.97 26.24 2.48
C VAL A 399 32.82 25.19 1.80
N GLU A 400 33.83 24.70 2.52
CA GLU A 400 34.68 23.64 2.01
C GLU A 400 34.52 22.43 2.91
N LYS A 401 34.62 21.24 2.33
CA LYS A 401 34.51 20.01 3.08
C LYS A 401 35.79 19.24 2.79
N GLU A 402 36.57 18.95 3.83
CA GLU A 402 37.84 18.26 3.66
C GLU A 402 38.69 19.03 2.65
N HIS A 403 38.67 20.35 2.78
CA HIS A 403 39.45 21.25 1.93
C HIS A 403 38.95 21.47 0.50
N ASP A 404 37.93 20.73 0.08
CA ASP A 404 37.40 20.90 -1.26
C ASP A 404 36.12 21.73 -1.25
N LEU A 405 35.81 22.40 -2.35
CA LEU A 405 34.60 23.21 -2.45
C LEU A 405 33.39 22.34 -2.12
N TYR A 406 32.50 22.85 -1.28
CA TYR A 406 31.29 22.12 -0.89
C TYR A 406 30.06 22.94 -1.26
N ALA A 407 30.09 24.23 -0.93
CA ALA A 407 28.97 25.11 -1.24
C ALA A 407 29.39 26.56 -1.32
N SER A 408 28.61 27.33 -2.07
CA SER A 408 28.84 28.77 -2.25
C SER A 408 27.45 29.36 -2.12
N LEU A 409 27.25 30.24 -1.14
CA LEU A 409 25.93 30.81 -0.92
C LEU A 409 25.92 32.21 -0.33
N GLY A 410 24.74 32.82 -0.38
CA GLY A 410 24.56 34.17 0.13
C GLY A 410 23.10 34.54 -0.02
N SER A 411 22.71 35.68 0.53
CA SER A 411 21.32 36.10 0.44
C SER A 411 21.07 37.57 0.61
N MSE A 412 20.04 38.05 -0.07
CA MSE A 412 19.64 39.44 0.01
C MSE A 412 19.07 39.64 1.40
O MSE A 412 18.66 38.70 2.08
CB MSE A 412 18.56 39.74 -1.03
CG MSE A 412 17.98 41.13 -0.91
SE MSE A 412 16.26 41.30 -1.73
CE MSE A 412 15.21 40.84 -0.18
N GLY A 413 19.02 40.91 1.80
CA GLY A 413 18.49 41.28 3.10
C GLY A 413 19.44 42.28 3.68
N GLY A 414 18.98 43.09 4.63
CA GLY A 414 19.87 44.04 5.22
C GLY A 414 20.47 43.37 6.44
N ASP A 415 19.92 43.71 7.61
CA ASP A 415 20.41 43.14 8.85
C ASP A 415 20.06 41.68 9.04
N ILE A 416 19.21 41.13 8.16
CA ILE A 416 18.81 39.73 8.27
C ILE A 416 19.65 38.75 7.46
N GLN A 417 20.60 39.25 6.67
CA GLN A 417 21.43 38.35 5.86
C GLN A 417 22.04 37.21 6.67
N PRO A 418 22.60 37.50 7.86
CA PRO A 418 23.20 36.43 8.66
C PRO A 418 22.18 35.36 9.06
N GLN A 419 20.99 35.79 9.44
CA GLN A 419 19.94 34.86 9.86
C GLN A 419 19.50 33.96 8.71
N VAL A 420 19.34 34.52 7.52
CA VAL A 420 18.94 33.71 6.36
C VAL A 420 20.06 32.75 6.00
N GLN A 421 21.29 33.25 6.00
CA GLN A 421 22.44 32.41 5.69
C GLN A 421 22.54 31.22 6.64
N MSE A 422 22.36 31.49 7.94
CA MSE A 422 22.45 30.46 8.96
C MSE A 422 21.40 29.36 8.77
O MSE A 422 21.71 28.17 8.86
CB MSE A 422 22.32 31.08 10.35
CG MSE A 422 22.74 30.17 11.50
SE MSE A 422 24.58 29.52 11.38
CE MSE A 422 25.53 31.16 11.70
N GLN A 423 20.15 29.75 8.51
CA GLN A 423 19.09 28.77 8.31
C GLN A 423 19.44 27.87 7.14
N ILE A 424 19.97 28.45 6.06
CA ILE A 424 20.36 27.69 4.88
C ILE A 424 21.58 26.81 5.20
N LEU A 425 22.56 27.42 5.85
CA LEU A 425 23.80 26.75 6.21
C LEU A 425 23.61 25.51 7.08
N MSE A 426 22.74 25.61 8.09
CA MSE A 426 22.52 24.47 8.98
C MSE A 426 21.99 23.25 8.23
O MSE A 426 22.31 22.12 8.58
CB MSE A 426 21.57 24.86 10.12
CG MSE A 426 22.13 25.95 11.02
SE MSE A 426 21.06 26.32 12.60
CE MSE A 426 19.69 27.43 11.80
N GLU A 427 21.17 23.49 7.21
CA GLU A 427 20.63 22.39 6.40
C GLU A 427 21.65 21.90 5.38
N ILE A 428 22.37 22.82 4.76
CA ILE A 428 23.36 22.48 3.75
C ILE A 428 24.49 21.59 4.28
N LEU A 429 24.88 21.80 5.53
CA LEU A 429 25.94 21.00 6.14
C LEU A 429 25.47 19.57 6.34
N LYS A 430 24.16 19.39 6.51
CA LYS A 430 23.58 18.07 6.70
C LYS A 430 23.52 17.33 5.36
N ASP A 431 23.12 18.03 4.31
CA ASP A 431 23.00 17.45 2.98
C ASP A 431 22.92 18.58 1.95
N ASN A 432 23.78 18.54 0.94
CA ASN A 432 23.81 19.57 -0.08
C ASN A 432 23.38 19.08 -1.45
N THR A 433 22.65 17.96 -1.50
CA THR A 433 22.24 17.43 -2.80
C THR A 433 20.94 18.01 -3.35
N ASP A 434 20.19 18.70 -2.51
CA ASP A 434 18.92 19.30 -2.94
C ASP A 434 18.85 20.75 -2.44
N PRO A 435 19.78 21.61 -2.87
CA PRO A 435 19.77 23.00 -2.43
C PRO A 435 18.46 23.74 -2.66
N GLN A 436 17.72 23.38 -3.71
CA GLN A 436 16.45 24.05 -3.97
C GLN A 436 15.44 23.81 -2.86
N ALA A 437 15.39 22.58 -2.36
CA ALA A 437 14.47 22.24 -1.28
C ALA A 437 14.79 23.11 -0.08
N ILE A 438 16.09 23.35 0.14
CA ILE A 438 16.53 24.19 1.25
C ILE A 438 16.08 25.63 1.03
N LEU A 439 16.26 26.14 -0.18
CA LEU A 439 15.86 27.52 -0.47
C LEU A 439 14.35 27.70 -0.31
N ASP A 440 13.57 26.69 -0.69
CA ASP A 440 12.12 26.74 -0.59
C ASP A 440 11.57 26.81 0.84
N LYS A 441 12.22 26.12 1.77
CA LYS A 441 11.79 26.08 3.18
C LYS A 441 11.38 27.44 3.76
N PRO A 442 10.31 27.44 4.59
CA PRO A 442 9.84 28.68 5.21
C PRO A 442 10.93 29.19 6.16
N ARG A 443 11.04 30.51 6.30
CA ARG A 443 12.08 31.08 7.15
C ARG A 443 11.54 32.01 8.23
N TRP A 444 12.44 32.40 9.14
CA TRP A 444 12.12 33.34 10.20
C TRP A 444 13.17 34.43 10.14
N THR A 445 12.84 35.60 10.66
CA THR A 445 13.79 36.71 10.72
C THR A 445 13.48 37.51 11.98
N GLU A 446 14.48 38.24 12.46
CA GLU A 446 14.33 39.10 13.62
C GLU A 446 15.22 40.28 13.27
N PRO A 447 14.69 41.21 12.47
CA PRO A 447 15.45 42.40 12.05
C PRO A 447 15.69 43.50 13.05
N TYR A 448 16.91 44.02 13.04
CA TYR A 448 17.34 45.13 13.87
C TYR A 448 18.75 45.53 13.50
N THR A 449 18.99 46.83 13.45
CA THR A 449 20.31 47.35 13.11
C THR A 449 21.23 47.25 14.30
N ILE A 450 22.51 47.54 14.08
CA ILE A 450 23.49 47.48 15.14
C ILE A 450 23.18 48.52 16.22
N TYR A 451 22.29 49.45 15.90
CA TYR A 451 21.91 50.52 16.82
C TYR A 451 20.62 50.19 17.57
N GLU A 452 20.01 49.05 17.25
CA GLU A 452 18.75 48.68 17.87
C GLU A 452 18.78 47.39 18.67
N ALA A 453 17.70 47.15 19.41
CA ALA A 453 17.56 45.94 20.20
C ALA A 453 16.57 45.06 19.43
N PRO A 454 16.61 43.75 19.66
CA PRO A 454 15.70 42.83 18.98
C PRO A 454 14.24 43.25 19.11
N GLY A 455 13.52 43.25 18.01
CA GLY A 455 12.11 43.59 18.03
C GLY A 455 11.31 42.34 17.78
N ALA A 456 10.31 42.42 16.91
CA ALA A 456 9.48 41.28 16.59
C ALA A 456 10.20 40.25 15.71
N VAL A 457 9.69 39.02 15.75
CA VAL A 457 10.24 37.93 14.95
C VAL A 457 9.21 37.62 13.86
N TYR A 458 9.65 37.60 12.61
CA TYR A 458 8.77 37.33 11.48
C TYR A 458 8.97 35.89 11.02
N VAL A 459 7.87 35.24 10.65
CA VAL A 459 7.93 33.85 10.19
C VAL A 459 7.02 33.65 8.99
N GLU A 460 7.38 32.71 8.12
CA GLU A 460 6.61 32.42 6.92
C GLU A 460 5.64 31.24 7.04
N SER A 461 5.70 30.52 8.16
CA SER A 461 4.80 29.36 8.34
C SER A 461 4.14 29.26 9.73
N GLU A 462 2.98 28.62 9.76
CA GLU A 462 2.25 28.43 11.01
C GLU A 462 3.13 27.65 11.98
N GLU A 463 3.85 26.67 11.44
CA GLU A 463 4.73 25.85 12.26
C GLU A 463 5.78 26.70 12.98
N LEU A 464 6.44 27.58 12.25
CA LEU A 464 7.45 28.44 12.87
C LEU A 464 6.78 29.39 13.85
N TYR A 465 5.58 29.84 13.51
CA TYR A 465 4.84 30.75 14.38
C TYR A 465 4.60 30.08 15.72
N ARG A 466 4.23 28.81 15.70
CA ARG A 466 3.97 28.07 16.94
C ARG A 466 5.25 27.82 17.73
N ASN A 467 6.25 27.24 17.07
CA ASN A 467 7.52 26.93 17.70
C ASN A 467 8.17 28.16 18.33
N VAL A 468 8.16 29.27 17.61
CA VAL A 468 8.75 30.51 18.12
C VAL A 468 7.94 31.08 19.28
N SER A 469 6.63 31.19 19.10
CA SER A 469 5.75 31.72 20.13
C SER A 469 5.86 30.96 21.46
N LYS A 470 6.15 29.66 21.38
CA LYS A 470 6.23 28.84 22.58
C LYS A 470 7.62 28.73 23.20
N GLN A 471 8.65 28.77 22.37
CA GLN A 471 10.02 28.65 22.86
C GLN A 471 10.77 29.96 23.03
N ILE A 472 10.36 30.99 22.28
CA ILE A 472 11.02 32.29 22.37
C ILE A 472 10.14 33.26 23.16
N SER A 473 10.59 33.61 24.35
CA SER A 473 9.84 34.51 25.22
C SER A 473 10.13 35.99 25.02
N GLY A 474 9.19 36.82 25.48
CA GLY A 474 9.35 38.26 25.37
C GLY A 474 9.56 38.76 23.97
N ARG A 475 8.96 38.08 22.99
CA ARG A 475 9.08 38.46 21.60
C ARG A 475 7.74 38.37 20.88
N LYS A 476 7.40 39.42 20.15
CA LYS A 476 6.16 39.43 19.38
C LYS A 476 6.45 38.62 18.12
N VAL A 477 5.55 37.71 17.76
CA VAL A 477 5.73 36.89 16.57
C VAL A 477 4.71 37.27 15.51
N VAL A 478 5.17 37.46 14.27
CA VAL A 478 4.28 37.87 13.18
C VAL A 478 4.34 36.94 11.97
N LEU A 479 3.19 36.37 11.62
CA LEU A 479 3.08 35.48 10.48
C LEU A 479 2.98 36.31 9.21
N ARG A 480 3.81 35.99 8.22
CA ARG A 480 3.82 36.71 6.95
C ARG A 480 3.84 35.72 5.78
N ASP A 481 3.43 36.18 4.60
CA ASP A 481 3.44 35.32 3.42
C ASP A 481 4.90 35.16 2.98
N VAL A 482 5.17 34.12 2.20
CA VAL A 482 6.51 33.87 1.70
C VAL A 482 6.86 35.01 0.73
N SER A 483 7.96 35.70 0.98
CA SER A 483 8.37 36.81 0.10
C SER A 483 9.81 37.22 0.37
N GLN A 484 10.29 38.17 -0.42
CA GLN A 484 11.66 38.67 -0.29
C GLN A 484 11.90 39.35 1.07
N GLU A 485 10.84 39.48 1.86
CA GLU A 485 10.93 40.06 3.20
C GLU A 485 11.81 39.12 4.01
N PHE A 486 11.89 37.88 3.55
CA PHE A 486 12.68 36.86 4.21
C PHE A 486 13.93 36.55 3.38
N GLY A 487 14.34 37.55 2.60
CA GLY A 487 15.53 37.43 1.78
C GLY A 487 15.36 36.73 0.44
N THR A 488 16.42 36.76 -0.35
CA THR A 488 16.46 36.12 -1.66
C THR A 488 17.84 35.52 -1.78
N ALA A 489 17.93 34.21 -1.67
CA ALA A 489 19.20 33.52 -1.71
C ALA A 489 19.38 32.60 -2.90
N GLN A 490 20.64 32.45 -3.30
CA GLN A 490 21.01 31.56 -4.40
C GLN A 490 22.15 30.71 -3.88
N ILE A 491 22.42 29.59 -4.54
CA ILE A 491 23.48 28.72 -4.09
C ILE A 491 23.91 27.72 -5.15
N THR A 492 25.17 27.31 -5.06
CA THR A 492 25.72 26.29 -5.95
C THR A 492 26.47 25.38 -4.98
N THR A 493 26.42 24.08 -5.23
CA THR A 493 27.11 23.13 -4.39
C THR A 493 27.81 22.11 -5.26
N LEU A 494 28.70 21.34 -4.66
CA LEU A 494 29.44 20.32 -5.37
C LEU A 494 29.09 18.99 -4.70
N ILE A 495 28.60 18.04 -5.50
CA ILE A 495 28.22 16.74 -4.96
C ILE A 495 29.09 15.64 -5.56
N ARG A 496 28.85 14.40 -5.14
CA ARG A 496 29.61 13.26 -5.61
C ARG A 496 29.86 13.33 -7.11
N GLY A 497 31.06 12.91 -7.53
CA GLY A 497 31.41 12.93 -8.93
C GLY A 497 31.75 14.30 -9.46
N ASP A 498 31.92 15.25 -8.53
CA ASP A 498 32.23 16.62 -8.89
C ASP A 498 31.17 17.24 -9.79
N VAL A 499 29.92 16.91 -9.51
CA VAL A 499 28.79 17.46 -10.25
C VAL A 499 28.36 18.72 -9.52
N VAL A 500 28.15 19.80 -10.27
CA VAL A 500 27.73 21.07 -9.69
C VAL A 500 26.21 21.16 -9.73
N VAL A 501 25.63 21.64 -8.63
CA VAL A 501 24.18 21.80 -8.52
C VAL A 501 23.89 23.25 -8.14
N GLY A 502 22.84 23.83 -8.72
CA GLY A 502 22.50 25.21 -8.42
C GLY A 502 21.03 25.37 -8.13
N ALA A 503 20.69 26.41 -7.38
CA ALA A 503 19.30 26.70 -7.03
C ALA A 503 19.09 28.20 -6.87
N ALA A 504 17.85 28.64 -7.09
CA ALA A 504 17.50 30.06 -6.97
C ALA A 504 16.22 30.22 -6.16
N ASP A 505 16.14 31.31 -5.40
CA ASP A 505 15.01 31.59 -4.52
C ASP A 505 13.69 31.95 -5.22
N PRO A 506 12.60 31.26 -4.88
CA PRO A 506 11.31 31.58 -5.51
C PRO A 506 10.82 32.93 -5.01
N ARG A 507 11.48 33.46 -3.98
CA ARG A 507 11.12 34.76 -3.43
C ARG A 507 11.59 35.87 -4.37
N GLY A 508 12.42 35.49 -5.34
CA GLY A 508 12.92 36.45 -6.32
C GLY A 508 12.67 35.95 -7.73
N ASP A 509 13.20 36.65 -8.73
CA ASP A 509 13.01 36.25 -10.12
C ASP A 509 14.13 35.34 -10.63
N GLY A 510 14.92 34.81 -9.71
CA GLY A 510 16.04 33.98 -10.10
C GLY A 510 15.79 32.63 -10.75
N ILE A 511 16.79 32.19 -11.52
CA ILE A 511 16.77 30.91 -12.22
C ILE A 511 18.22 30.44 -12.27
N ALA A 512 18.45 29.20 -11.85
CA ALA A 512 19.80 28.62 -11.90
C ALA A 512 19.94 27.99 -13.28
N ILE A 513 21.04 28.29 -13.98
CA ILE A 513 21.27 27.78 -15.32
C ILE A 513 22.55 26.94 -15.42
N PRO A 514 22.45 25.72 -15.96
CA PRO A 514 23.60 24.83 -16.10
C PRO A 514 24.31 25.04 -17.43
N TYR A 515 25.59 24.66 -17.49
CA TYR A 515 26.36 24.75 -18.72
C TYR A 515 27.34 23.59 -18.84
N SER A 516 27.32 22.92 -19.99
CA SER A 516 28.23 21.81 -20.23
C SER A 516 28.73 21.83 -21.67
N PHE B 2 2.67 34.30 -4.02
CA PHE B 2 3.82 33.37 -4.22
C PHE B 2 3.79 32.77 -5.63
N ARG B 3 4.95 32.81 -6.29
CA ARG B 3 5.08 32.27 -7.64
C ARG B 3 6.25 31.29 -7.58
N SER B 4 6.05 30.06 -8.05
CA SER B 4 7.12 29.05 -7.98
C SER B 4 8.43 29.56 -8.58
N ARG B 5 8.33 30.29 -9.68
CA ARG B 5 9.47 30.89 -10.37
C ARG B 5 8.86 31.99 -11.25
N PRO B 6 9.66 32.99 -11.66
CA PRO B 6 9.07 34.04 -12.48
C PRO B 6 8.69 33.61 -13.89
N ASN B 7 7.78 34.36 -14.47
CA ASN B 7 7.39 34.10 -15.83
C ASN B 7 8.60 34.48 -16.64
N ALA B 8 8.72 33.93 -17.84
CA ALA B 8 9.82 34.27 -18.72
C ALA B 8 9.18 35.16 -19.77
N LEU B 9 9.77 36.33 -20.02
CA LEU B 9 9.22 37.25 -20.99
C LEU B 9 10.22 37.62 -22.07
N SER B 10 9.71 37.91 -23.26
CA SER B 10 10.59 38.31 -24.35
C SER B 10 9.83 39.08 -25.42
N GLN B 11 10.53 39.97 -26.09
CA GLN B 11 9.92 40.75 -27.16
C GLN B 11 10.00 39.94 -28.46
N ARG B 12 10.74 38.83 -28.40
CA ARG B 12 10.93 37.98 -29.57
C ARG B 12 10.23 36.65 -29.43
N SER B 13 10.69 35.81 -28.50
CA SER B 13 10.06 34.51 -28.28
C SER B 13 10.47 33.85 -26.97
N VAL B 14 9.68 32.86 -26.57
CA VAL B 14 9.92 32.12 -25.34
C VAL B 14 9.69 30.63 -25.58
N ILE B 15 10.53 29.81 -24.96
CA ILE B 15 10.44 28.35 -25.05
C ILE B 15 10.09 27.80 -23.68
N ALA B 16 8.99 27.04 -23.60
CA ALA B 16 8.59 26.46 -22.33
C ALA B 16 8.46 24.93 -22.46
N SER B 17 9.35 24.20 -21.79
CA SER B 17 9.32 22.73 -21.84
C SER B 17 9.58 22.16 -20.44
N SER B 18 9.43 20.86 -20.30
CA SER B 18 9.63 20.19 -19.02
C SER B 18 11.10 19.90 -18.71
N SER B 19 12.00 20.40 -19.56
CA SER B 19 13.43 20.18 -19.38
C SER B 19 14.25 21.44 -19.63
N GLU B 20 15.01 21.87 -18.61
CA GLU B 20 15.82 23.06 -18.74
C GLU B 20 16.84 22.91 -19.87
N LEU B 21 17.42 21.73 -20.01
CA LEU B 21 18.38 21.51 -21.09
C LEU B 21 17.71 21.62 -22.46
N ALA B 22 16.49 21.08 -22.57
CA ALA B 22 15.75 21.13 -23.82
C ALA B 22 15.41 22.57 -24.18
N SER B 23 14.94 23.34 -23.21
CA SER B 23 14.60 24.73 -23.45
C SER B 23 15.82 25.52 -23.87
N LEU B 24 16.97 25.25 -23.25
CA LEU B 24 18.20 25.95 -23.58
C LEU B 24 18.66 25.62 -25.00
N ALA B 25 18.51 24.36 -25.40
CA ALA B 25 18.91 23.94 -26.75
C ALA B 25 18.07 24.69 -27.77
N GLY B 26 16.78 24.86 -27.49
CA GLY B 26 15.92 25.59 -28.41
C GLY B 26 16.40 27.02 -28.55
N ARG B 27 16.84 27.60 -27.43
CA ARG B 27 17.31 28.97 -27.39
C ARG B 27 18.57 29.10 -28.25
N ASP B 28 19.48 28.15 -28.13
CA ASP B 28 20.70 28.17 -28.92
C ASP B 28 20.39 28.13 -30.42
N ILE B 29 19.37 27.36 -30.80
CA ILE B 29 18.97 27.26 -32.19
C ILE B 29 18.51 28.62 -32.69
N LEU B 30 17.70 29.31 -31.88
CA LEU B 30 17.22 30.62 -32.26
C LEU B 30 18.41 31.58 -32.37
N LYS B 31 19.39 31.41 -31.50
CA LYS B 31 20.57 32.28 -31.54
C LYS B 31 21.41 32.02 -32.79
N ARG B 32 21.20 30.87 -33.43
CA ARG B 32 21.94 30.55 -34.65
C ARG B 32 21.19 31.08 -35.87
N GLY B 33 20.05 31.73 -35.64
CA GLY B 33 19.27 32.27 -36.74
C GLY B 33 18.11 31.41 -37.20
N GLY B 34 17.85 30.32 -36.48
CA GLY B 34 16.74 29.46 -36.88
C GLY B 34 15.42 30.06 -36.44
N ASN B 35 14.31 29.61 -37.02
CA ASN B 35 13.02 30.12 -36.59
C ASN B 35 12.54 29.23 -35.45
N ILE B 36 11.36 29.49 -34.89
CA ILE B 36 10.89 28.68 -33.77
C ILE B 36 10.56 27.23 -34.14
N PHE B 37 10.43 26.96 -35.45
CA PHE B 37 10.15 25.62 -35.90
C PHE B 37 11.45 24.81 -35.89
N ASP B 38 12.55 25.47 -36.22
CA ASP B 38 13.85 24.81 -36.17
C ASP B 38 14.09 24.51 -34.68
N ALA B 39 13.76 25.47 -33.83
CA ALA B 39 13.94 25.32 -32.39
C ALA B 39 13.03 24.21 -31.84
N ALA B 40 11.81 24.14 -32.35
CA ALA B 40 10.87 23.12 -31.90
C ALA B 40 11.40 21.71 -32.16
N LEU B 41 12.01 21.53 -33.33
CA LEU B 41 12.57 20.23 -33.67
C LEU B 41 13.72 19.88 -32.73
N ALA B 42 14.58 20.87 -32.46
CA ALA B 42 15.72 20.67 -31.58
C ALA B 42 15.26 20.37 -30.14
N VAL B 43 14.20 21.07 -29.71
CA VAL B 43 13.65 20.88 -28.37
C VAL B 43 13.02 19.49 -28.26
N SER B 44 12.24 19.12 -29.27
CA SER B 44 11.57 17.83 -29.28
C SER B 44 12.59 16.69 -29.22
N ALA B 45 13.67 16.85 -29.97
CA ALA B 45 14.73 15.83 -30.01
C ALA B 45 15.42 15.76 -28.66
N MSE B 46 15.71 16.93 -28.09
CA MSE B 46 16.38 17.01 -26.80
C MSE B 46 15.52 16.31 -25.73
O MSE B 46 16.04 15.61 -24.87
CB MSE B 46 16.61 18.49 -26.44
CG MSE B 46 17.66 18.74 -25.35
SE MSE B 46 19.46 18.16 -25.82
CE MSE B 46 19.35 16.46 -24.92
N LEU B 47 14.21 16.49 -25.80
CA LEU B 47 13.30 15.87 -24.83
C LEU B 47 13.37 14.35 -24.93
N CYS B 48 13.69 13.84 -26.13
CA CYS B 48 13.80 12.40 -26.32
C CYS B 48 15.09 11.88 -25.66
N VAL B 49 15.91 12.79 -25.17
CA VAL B 49 17.16 12.43 -24.50
C VAL B 49 17.12 12.68 -23.00
N THR B 50 16.64 13.85 -22.60
CA THR B 50 16.58 14.23 -21.19
C THR B 50 15.25 13.91 -20.51
N GLN B 51 14.23 13.58 -21.31
CA GLN B 51 12.92 13.27 -20.76
C GLN B 51 12.37 11.98 -21.38
N ASN B 52 13.24 11.04 -21.73
CA ASN B 52 12.75 9.81 -22.31
C ASN B 52 12.07 8.93 -21.28
N ASN B 53 11.93 9.46 -20.07
CA ASN B 53 11.20 8.76 -19.03
C ASN B 53 9.73 9.12 -19.28
N LEU B 54 9.51 10.05 -20.21
CA LEU B 54 8.16 10.53 -20.54
C LEU B 54 7.84 10.53 -22.05
N CYS B 55 8.82 10.17 -22.87
CA CYS B 55 8.65 10.15 -24.32
C CYS B 55 9.89 9.52 -24.93
N GLY B 56 10.05 9.64 -26.24
CA GLY B 56 11.22 9.08 -26.90
C GLY B 56 11.05 8.76 -28.37
N LEU B 57 12.13 8.31 -29.01
CA LEU B 57 12.11 7.95 -30.42
C LEU B 57 11.15 6.80 -30.68
N GLY B 58 10.80 6.08 -29.62
CA GLY B 58 9.91 4.95 -29.79
C GLY B 58 8.45 5.30 -29.54
N GLY B 59 8.17 6.59 -29.38
CA GLY B 59 6.81 7.02 -29.11
C GLY B 59 6.13 7.85 -30.18
N ASP B 60 5.04 8.51 -29.79
CA ASP B 60 4.23 9.35 -30.69
C ASP B 60 4.32 10.84 -30.38
N LEU B 61 3.77 11.63 -31.30
CA LEU B 61 3.76 13.09 -31.15
C LEU B 61 2.53 13.68 -31.83
N PHE B 62 1.98 14.73 -31.23
CA PHE B 62 0.84 15.45 -31.79
C PHE B 62 1.24 16.92 -31.73
N ALA B 63 0.77 17.73 -32.68
CA ALA B 63 1.12 19.13 -32.66
C ALA B 63 0.18 20.05 -33.43
N LEU B 64 0.12 21.29 -32.95
CA LEU B 64 -0.62 22.34 -33.61
C LEU B 64 0.53 23.30 -33.95
N ILE B 65 0.61 23.71 -35.21
CA ILE B 65 1.67 24.59 -35.65
C ILE B 65 1.03 25.76 -36.40
N ARG B 66 1.29 26.97 -35.93
CA ARG B 66 0.73 28.19 -36.53
C ARG B 66 1.84 29.03 -37.16
N ASP B 67 1.68 29.40 -38.43
CA ASP B 67 2.70 30.24 -39.07
C ASP B 67 2.37 31.72 -38.87
N GLU B 68 3.23 32.60 -39.36
CA GLU B 68 2.99 34.02 -39.18
C GLU B 68 1.73 34.53 -39.85
N ASN B 69 1.13 33.70 -40.72
CA ASN B 69 -0.08 34.10 -41.42
C ASN B 69 -1.36 33.58 -40.78
N GLY B 70 -1.23 32.91 -39.65
CA GLY B 70 -2.41 32.39 -38.97
C GLY B 70 -2.84 31.03 -39.50
N GLN B 71 -2.02 30.42 -40.34
CA GLN B 71 -2.33 29.11 -40.90
C GLN B 71 -1.94 28.07 -39.84
N ILE B 72 -2.89 27.23 -39.43
CA ILE B 72 -2.61 26.24 -38.40
C ILE B 72 -2.71 24.80 -38.88
N MSE B 73 -1.60 24.08 -38.78
CA MSE B 73 -1.56 22.68 -39.16
C MSE B 73 -1.80 21.81 -37.94
O MSE B 73 -1.28 22.07 -36.86
CB MSE B 73 -0.20 22.32 -39.77
CG MSE B 73 0.02 20.81 -39.92
SE MSE B 73 1.80 20.31 -40.50
CE MSE B 73 2.67 20.29 -38.79
N ASP B 74 -2.62 20.78 -38.12
CA ASP B 74 -2.92 19.83 -37.05
C ASP B 74 -2.12 18.59 -37.46
N LEU B 75 -1.01 18.34 -36.78
CA LEU B 75 -0.15 17.20 -37.09
C LEU B 75 -0.36 16.02 -36.16
N ASN B 76 -0.88 14.93 -36.73
CA ASN B 76 -1.15 13.71 -35.97
C ASN B 76 0.03 12.76 -36.21
N GLY B 77 0.92 12.69 -35.24
CA GLY B 77 2.08 11.83 -35.34
C GLY B 77 1.98 10.56 -34.52
N SER B 78 0.81 9.92 -34.53
CA SER B 78 0.63 8.67 -33.81
C SER B 78 0.75 7.54 -34.83
N GLY B 79 1.54 6.53 -34.49
CA GLY B 79 1.72 5.40 -35.39
C GLY B 79 0.56 4.42 -35.35
N GLN B 80 0.36 3.70 -36.45
CA GLN B 80 -0.71 2.72 -36.55
C GLN B 80 -0.27 1.36 -36.01
N ALA B 81 -1.23 0.49 -35.73
CA ALA B 81 -0.92 -0.85 -35.22
C ALA B 81 -0.32 -1.71 -36.31
N SER B 82 0.51 -2.66 -35.89
CA SER B 82 1.15 -3.59 -36.81
C SER B 82 0.08 -4.30 -37.63
N ARG B 83 0.42 -4.65 -38.87
CA ARG B 83 -0.51 -5.36 -39.71
C ARG B 83 -0.62 -6.81 -39.25
N ALA B 84 0.36 -7.25 -38.47
CA ALA B 84 0.39 -8.63 -37.98
C ALA B 84 -0.42 -8.89 -36.71
N VAL B 85 -0.96 -7.85 -36.09
CA VAL B 85 -1.74 -8.08 -34.88
C VAL B 85 -3.23 -7.94 -35.15
N SER B 86 -4.04 -8.52 -34.28
CA SER B 86 -5.49 -8.48 -34.40
C SER B 86 -6.06 -9.08 -33.14
N ILE B 87 -7.39 -9.07 -33.02
CA ILE B 87 -8.02 -9.65 -31.86
C ILE B 87 -7.75 -11.17 -31.85
N ASP B 88 -7.84 -11.81 -33.03
CA ASP B 88 -7.58 -13.25 -33.11
C ASP B 88 -6.16 -13.57 -32.64
N TYR B 89 -5.24 -12.67 -32.96
CA TYR B 89 -3.83 -12.79 -32.60
C TYR B 89 -3.71 -12.98 -31.08
N TYR B 90 -4.43 -12.17 -30.32
CA TYR B 90 -4.38 -12.26 -28.87
C TYR B 90 -5.18 -13.41 -28.30
N GLU B 91 -6.35 -13.69 -28.87
CA GLU B 91 -7.18 -14.80 -28.38
C GLU B 91 -6.44 -16.11 -28.63
N SER B 92 -5.72 -16.19 -29.74
CA SER B 92 -4.96 -17.38 -30.07
C SER B 92 -3.90 -17.62 -29.00
N MSE B 93 -3.43 -16.54 -28.38
CA MSE B 93 -2.42 -16.65 -27.33
C MSE B 93 -3.07 -16.97 -25.98
O MSE B 93 -2.38 -17.30 -25.03
CB MSE B 93 -1.63 -15.35 -27.18
CG MSE B 93 -0.62 -15.07 -28.28
SE MSE B 93 0.41 -13.47 -27.83
CE MSE B 93 -0.79 -12.15 -28.52
N GLY B 94 -4.39 -16.86 -25.93
CA GLY B 94 -5.10 -17.15 -24.70
C GLY B 94 -5.31 -15.91 -23.83
N LEU B 95 -5.15 -14.74 -24.43
CA LEU B 95 -5.30 -13.47 -23.70
C LEU B 95 -6.63 -12.78 -24.01
N THR B 96 -7.18 -12.09 -23.02
CA THR B 96 -8.43 -11.36 -23.22
C THR B 96 -8.15 -9.87 -23.15
N LYS B 97 -6.89 -9.52 -22.93
CA LYS B 97 -6.51 -8.12 -22.88
C LYS B 97 -5.06 -7.97 -23.33
N ILE B 98 -4.77 -6.86 -24.00
CA ILE B 98 -3.42 -6.59 -24.48
C ILE B 98 -2.55 -6.25 -23.27
N PRO B 99 -1.39 -6.92 -23.14
CA PRO B 99 -0.51 -6.63 -22.01
C PRO B 99 0.01 -5.19 -22.04
N GLU B 100 0.36 -4.66 -20.87
CA GLU B 100 0.85 -3.30 -20.76
C GLU B 100 2.34 -3.18 -21.08
N ARG B 101 3.09 -4.26 -20.90
CA ARG B 101 4.53 -4.24 -21.17
C ARG B 101 4.92 -5.44 -22.02
N GLY B 102 6.13 -5.41 -22.57
CA GLY B 102 6.58 -6.54 -23.37
C GLY B 102 6.40 -6.40 -24.87
N PRO B 103 6.87 -7.40 -25.64
CA PRO B 103 6.78 -7.39 -27.10
C PRO B 103 5.36 -7.33 -27.64
N TYR B 104 4.39 -7.81 -26.87
CA TYR B 104 3.01 -7.82 -27.31
C TYR B 104 2.25 -6.57 -26.90
N ALA B 105 2.97 -5.62 -26.30
CA ALA B 105 2.40 -4.34 -25.89
C ALA B 105 2.87 -3.28 -26.89
N ALA B 106 4.11 -3.42 -27.37
CA ALA B 106 4.68 -2.47 -28.31
C ALA B 106 4.20 -2.86 -29.70
N ILE B 107 2.91 -2.61 -29.97
CA ILE B 107 2.34 -3.00 -31.24
C ILE B 107 2.00 -1.87 -32.22
N THR B 108 2.39 -0.65 -31.90
CA THR B 108 2.16 0.46 -32.83
C THR B 108 3.49 1.09 -33.20
N VAL B 109 3.59 1.51 -34.46
CA VAL B 109 4.81 2.12 -34.97
C VAL B 109 5.11 3.46 -34.30
N PRO B 110 6.39 3.71 -33.96
CA PRO B 110 6.74 4.98 -33.33
C PRO B 110 6.47 6.06 -34.38
N GLY B 111 5.63 7.04 -34.04
CA GLY B 111 5.31 8.06 -35.02
C GLY B 111 6.04 9.38 -34.95
N ILE B 112 6.84 9.60 -33.91
CA ILE B 112 7.53 10.88 -33.76
C ILE B 112 8.52 11.26 -34.86
N ALA B 113 9.44 10.36 -35.22
CA ALA B 113 10.41 10.69 -36.27
C ALA B 113 9.72 11.11 -37.56
N GLY B 114 8.61 10.44 -37.88
CA GLY B 114 7.88 10.77 -39.10
C GLY B 114 7.26 12.15 -39.03
N SER B 115 6.86 12.55 -37.83
CA SER B 115 6.25 13.87 -37.65
C SER B 115 7.34 14.94 -37.81
N TRP B 116 8.55 14.63 -37.36
CA TRP B 116 9.64 15.58 -37.50
C TRP B 116 9.94 15.81 -38.98
N ASP B 117 9.85 14.75 -39.76
CA ASP B 117 10.09 14.82 -41.20
C ASP B 117 9.18 15.88 -41.83
N GLU B 118 7.90 15.83 -41.47
CA GLU B 118 6.92 16.78 -41.99
C GLU B 118 7.20 18.20 -41.55
N ILE B 119 7.48 18.37 -40.25
CA ILE B 119 7.77 19.70 -39.72
C ILE B 119 9.02 20.26 -40.41
N PHE B 120 10.06 19.43 -40.48
CA PHE B 120 11.32 19.84 -41.10
C PHE B 120 11.14 20.29 -42.56
N ARG B 121 10.44 19.49 -43.34
CA ARG B 121 10.24 19.80 -44.75
C ARG B 121 9.35 21.03 -45.01
N LYS B 122 8.35 21.22 -44.16
CA LYS B 122 7.42 22.34 -44.35
C LYS B 122 7.76 23.63 -43.62
N PHE B 123 8.43 23.54 -42.47
CA PHE B 123 8.72 24.74 -41.70
C PHE B 123 10.17 25.12 -41.42
N ALA B 124 11.07 24.14 -41.44
CA ALA B 124 12.49 24.39 -41.11
C ALA B 124 13.32 25.17 -42.12
N THR B 125 14.42 25.75 -41.63
CA THR B 125 15.35 26.51 -42.47
C THR B 125 16.79 26.08 -42.25
N MSE B 126 17.05 25.35 -41.17
CA MSE B 126 18.41 24.91 -40.88
C MSE B 126 18.67 23.46 -41.28
O MSE B 126 17.73 22.69 -41.45
CB MSE B 126 18.72 25.06 -39.39
CG MSE B 126 18.85 26.50 -38.92
SE MSE B 126 19.33 26.58 -37.05
CE MSE B 126 21.24 26.30 -37.22
N ASP B 127 19.94 23.11 -41.42
CA ASP B 127 20.32 21.75 -41.79
C ASP B 127 20.01 20.84 -40.62
N ILE B 128 19.60 19.61 -40.93
CA ILE B 128 19.23 18.65 -39.88
C ILE B 128 20.38 18.36 -38.93
N ALA B 129 21.62 18.42 -39.41
CA ALA B 129 22.77 18.15 -38.54
C ALA B 129 22.90 19.17 -37.41
N ASP B 130 22.57 20.42 -37.68
CA ASP B 130 22.66 21.46 -36.67
C ASP B 130 21.51 21.39 -35.68
N ILE B 131 20.35 20.97 -36.18
CA ILE B 131 19.15 20.83 -35.35
C ILE B 131 19.28 19.68 -34.35
N LEU B 132 19.91 18.58 -34.79
CA LEU B 132 20.08 17.41 -33.93
C LEU B 132 21.37 17.41 -33.10
N GLU B 133 22.27 18.35 -33.38
CA GLU B 133 23.54 18.42 -32.66
C GLU B 133 23.40 18.44 -31.14
N PRO B 134 22.50 19.28 -30.59
CA PRO B 134 22.35 19.32 -29.14
C PRO B 134 21.92 17.96 -28.55
N ALA B 135 20.98 17.30 -29.21
CA ALA B 135 20.50 16.00 -28.76
C ALA B 135 21.63 14.97 -28.79
N ILE B 136 22.32 14.88 -29.93
CA ILE B 136 23.43 13.95 -30.09
C ILE B 136 24.50 14.18 -29.02
N ARG B 137 24.93 15.42 -28.84
CA ARG B 137 25.96 15.74 -27.85
C ARG B 137 25.53 15.39 -26.43
N THR B 138 24.28 15.70 -26.09
CA THR B 138 23.77 15.40 -24.75
C THR B 138 23.66 13.89 -24.53
N ALA B 139 23.25 13.17 -25.57
CA ALA B 139 23.13 11.72 -25.46
C ALA B 139 24.52 11.08 -25.30
N SER B 140 25.48 11.57 -26.08
CA SER B 140 26.84 11.04 -26.05
C SER B 140 27.63 11.41 -24.80
N ALA B 141 27.68 12.70 -24.49
CA ALA B 141 28.41 13.19 -23.32
C ALA B 141 27.72 12.87 -21.98
N GLY B 142 26.40 12.78 -22.01
CA GLY B 142 25.64 12.49 -20.81
C GLY B 142 25.27 13.74 -20.04
N PHE B 143 24.37 13.59 -19.06
CA PHE B 143 23.94 14.71 -18.23
C PHE B 143 23.57 14.19 -16.85
N PRO B 144 23.73 15.03 -15.80
CA PRO B 144 23.39 14.57 -14.45
C PRO B 144 21.86 14.52 -14.33
N ILE B 145 21.32 13.37 -13.94
CA ILE B 145 19.87 13.24 -13.82
C ILE B 145 19.31 13.94 -12.58
N THR B 146 18.06 14.36 -12.66
CA THR B 146 17.38 15.04 -11.56
C THR B 146 16.75 14.00 -10.66
N GLN B 147 16.22 14.45 -9.52
CA GLN B 147 15.57 13.55 -8.58
C GLN B 147 14.31 12.98 -9.21
N ASN B 148 13.58 13.80 -9.97
CA ASN B 148 12.36 13.33 -10.62
C ASN B 148 12.70 12.22 -11.62
N TYR B 149 13.79 12.39 -12.34
CA TYR B 149 14.19 11.40 -13.34
C TYR B 149 14.60 10.11 -12.63
N SER B 150 15.35 10.25 -11.54
CA SER B 150 15.78 9.10 -10.75
C SER B 150 14.56 8.36 -10.23
N ASP B 151 13.57 9.10 -9.75
CA ASP B 151 12.35 8.50 -9.24
C ASP B 151 11.62 7.73 -10.33
N SER B 152 11.69 8.21 -11.57
CA SER B 152 11.03 7.54 -12.70
C SER B 152 11.65 6.17 -12.93
N ILE B 153 12.97 6.09 -12.81
CA ILE B 153 13.65 4.82 -12.99
C ILE B 153 13.24 3.87 -11.88
N ALA B 154 13.27 4.35 -10.64
CA ALA B 154 12.90 3.51 -9.50
C ALA B 154 11.51 2.92 -9.68
N ARG B 155 10.56 3.73 -10.13
CA ARG B 155 9.19 3.27 -10.34
C ARG B 155 9.04 2.31 -11.52
N SER B 156 9.99 2.37 -12.46
CA SER B 156 9.91 1.49 -13.62
C SER B 156 10.59 0.14 -13.42
N ALA B 157 11.60 0.10 -12.55
CA ALA B 157 12.34 -1.13 -12.30
C ALA B 157 11.46 -2.37 -12.08
N PRO B 158 10.39 -2.25 -11.27
CA PRO B 158 9.51 -3.39 -11.00
C PRO B 158 8.69 -3.89 -12.19
N VAL B 159 8.49 -3.05 -13.20
CA VAL B 159 7.69 -3.47 -14.35
C VAL B 159 8.44 -3.73 -15.65
N ILE B 160 9.61 -3.13 -15.82
CA ILE B 160 10.37 -3.34 -17.04
C ILE B 160 11.85 -3.61 -16.75
N GLY B 161 12.19 -3.70 -15.47
CA GLY B 161 13.56 -3.97 -15.09
C GLY B 161 14.08 -5.31 -15.56
N GLN B 162 13.18 -6.18 -16.02
CA GLN B 162 13.60 -7.51 -16.49
C GLN B 162 14.16 -7.48 -17.91
N TYR B 163 13.96 -6.37 -18.61
CA TYR B 163 14.43 -6.25 -19.98
C TYR B 163 15.86 -5.72 -20.06
N ARG B 164 16.76 -6.57 -20.52
CA ARG B 164 18.17 -6.24 -20.65
C ARG B 164 18.43 -4.93 -21.38
N GLY B 165 17.76 -4.73 -22.50
CA GLY B 165 17.95 -3.50 -23.27
C GLY B 165 17.66 -2.22 -22.51
N TRP B 166 16.74 -2.29 -21.57
CA TRP B 166 16.37 -1.13 -20.77
C TRP B 166 17.29 -0.98 -19.56
N SER B 167 17.37 -2.04 -18.76
CA SER B 167 18.19 -2.01 -17.55
C SER B 167 19.67 -1.68 -17.82
N SER B 168 20.19 -2.18 -18.94
CA SER B 168 21.58 -1.93 -19.28
C SER B 168 21.87 -0.46 -19.54
N ILE B 169 20.83 0.31 -19.85
CA ILE B 169 20.99 1.74 -20.11
C ILE B 169 20.67 2.59 -18.89
N PHE B 170 19.50 2.37 -18.32
CA PHE B 170 19.03 3.16 -17.18
C PHE B 170 19.43 2.67 -15.79
N MSE B 171 19.90 1.44 -15.69
CA MSE B 171 20.35 0.88 -14.43
C MSE B 171 21.63 0.11 -14.77
O MSE B 171 21.76 -1.07 -14.48
CB MSE B 171 19.31 -0.08 -13.84
CG MSE B 171 18.05 0.59 -13.32
SE MSE B 171 16.74 -0.69 -12.66
CE MSE B 171 17.60 -1.17 -11.00
N PRO B 172 22.61 0.80 -15.38
CA PRO B 172 23.89 0.21 -15.79
C PRO B 172 24.69 -0.52 -14.71
N ASN B 173 24.58 -0.05 -13.47
CA ASN B 173 25.31 -0.66 -12.37
C ASN B 173 24.47 -1.65 -11.59
N GLY B 174 23.31 -2.00 -12.14
CA GLY B 174 22.43 -2.95 -11.47
C GLY B 174 21.53 -2.32 -10.43
N SER B 175 21.70 -1.02 -10.20
CA SER B 175 20.90 -0.31 -9.22
C SER B 175 20.29 0.94 -9.83
N VAL B 176 19.39 1.58 -9.09
CA VAL B 176 18.74 2.80 -9.55
C VAL B 176 19.68 3.98 -9.35
N PRO B 177 20.04 4.68 -10.44
CA PRO B 177 20.92 5.83 -10.32
C PRO B 177 20.26 6.89 -9.44
N VAL B 178 21.05 7.53 -8.58
CA VAL B 178 20.51 8.57 -7.71
C VAL B 178 20.71 9.89 -8.45
N ALA B 179 20.01 10.93 -7.99
CA ALA B 179 20.11 12.25 -8.60
C ALA B 179 21.57 12.66 -8.68
N GLY B 180 21.95 13.27 -9.80
CA GLY B 180 23.33 13.70 -9.97
C GLY B 180 24.19 12.74 -10.76
N GLU B 181 23.81 11.47 -10.79
CA GLU B 181 24.59 10.49 -11.55
C GLU B 181 24.48 10.81 -13.03
N ILE B 182 25.57 10.61 -13.77
CA ILE B 182 25.61 10.90 -15.20
C ILE B 182 25.03 9.78 -16.04
N LEU B 183 24.02 10.12 -16.83
CA LEU B 183 23.40 9.14 -17.71
C LEU B 183 23.93 9.36 -19.12
N LYS B 184 24.64 8.36 -19.64
CA LYS B 184 25.17 8.44 -21.01
C LYS B 184 24.32 7.51 -21.85
N GLN B 185 24.05 7.91 -23.08
CA GLN B 185 23.21 7.12 -23.96
C GLN B 185 23.84 7.03 -25.36
N PRO B 186 24.94 6.26 -25.48
CA PRO B 186 25.67 6.06 -26.74
C PRO B 186 24.84 5.56 -27.91
N ASP B 187 24.00 4.57 -27.66
CA ASP B 187 23.16 4.03 -28.73
C ASP B 187 22.15 5.05 -29.22
N LEU B 188 21.57 5.80 -28.30
CA LEU B 188 20.59 6.82 -28.67
C LEU B 188 21.29 7.87 -29.55
N ALA B 189 22.50 8.26 -29.15
CA ALA B 189 23.26 9.24 -29.92
C ALA B 189 23.47 8.76 -31.36
N GLU B 190 23.73 7.48 -31.52
CA GLU B 190 23.95 6.89 -32.84
C GLU B 190 22.66 6.91 -33.66
N SER B 191 21.53 6.63 -33.02
CA SER B 191 20.24 6.66 -33.73
C SER B 191 20.02 8.08 -34.28
N PHE B 192 20.30 9.08 -33.47
CA PHE B 192 20.15 10.46 -33.92
C PHE B 192 21.17 10.78 -35.01
N ARG B 193 22.38 10.23 -34.89
CA ARG B 193 23.42 10.48 -35.89
C ARG B 193 22.95 9.95 -37.24
N LEU B 194 22.41 8.74 -37.22
CA LEU B 194 21.92 8.12 -38.45
C LEU B 194 20.86 9.00 -39.12
N MSE B 195 19.96 9.58 -38.34
CA MSE B 195 18.95 10.44 -38.94
C MSE B 195 19.56 11.75 -39.46
O MSE B 195 19.07 12.32 -40.45
CB MSE B 195 17.80 10.72 -37.95
CG MSE B 195 16.96 9.49 -37.67
SE MSE B 195 15.36 9.83 -36.63
CE MSE B 195 16.23 10.07 -34.91
N SER B 196 20.62 12.22 -38.83
CA SER B 196 21.25 13.45 -39.31
C SER B 196 21.95 13.17 -40.64
N GLU B 197 22.34 11.93 -40.85
CA GLU B 197 23.01 11.54 -42.09
C GLU B 197 22.04 11.22 -43.22
N GLU B 198 20.98 10.47 -42.90
CA GLU B 198 20.02 10.04 -43.92
C GLU B 198 18.64 10.69 -43.87
N GLY B 199 18.42 11.58 -42.89
CA GLY B 199 17.13 12.23 -42.78
C GLY B 199 16.22 11.57 -41.76
N PHE B 200 15.20 12.31 -41.30
CA PHE B 200 14.28 11.78 -40.30
C PHE B 200 13.54 10.52 -40.75
N ARG B 201 13.21 10.49 -42.04
CA ARG B 201 12.48 9.37 -42.61
C ARG B 201 13.27 8.04 -42.60
N SER B 202 14.60 8.12 -42.49
CA SER B 202 15.43 6.91 -42.47
C SER B 202 15.07 5.98 -41.30
N PHE B 203 14.40 6.54 -40.29
CA PHE B 203 13.94 5.77 -39.13
C PHE B 203 13.01 4.67 -39.63
N TYR B 204 12.31 4.95 -40.73
CA TYR B 204 11.35 4.00 -41.29
C TYR B 204 11.80 3.31 -42.58
N ASP B 205 12.69 3.93 -43.34
CA ASP B 205 13.11 3.32 -44.59
C ASP B 205 14.61 3.32 -44.89
N GLY B 206 15.42 3.66 -43.88
CA GLY B 206 16.85 3.69 -44.10
C GLY B 206 17.61 2.73 -43.21
N SER B 207 18.86 3.11 -42.90
CA SER B 207 19.72 2.30 -42.06
C SER B 207 19.15 2.06 -40.67
N LEU B 208 18.61 3.12 -40.05
CA LEU B 208 18.04 3.01 -38.72
C LEU B 208 16.88 2.01 -38.72
N ALA B 209 16.03 2.08 -39.75
CA ALA B 209 14.91 1.14 -39.85
C ALA B 209 15.38 -0.31 -39.85
N ASP B 210 16.43 -0.62 -40.60
CA ASP B 210 16.95 -1.99 -40.65
C ASP B 210 17.48 -2.42 -39.30
N ILE B 211 18.18 -1.50 -38.65
CA ILE B 211 18.75 -1.77 -37.33
C ILE B 211 17.62 -2.04 -36.33
N ILE B 212 16.55 -1.25 -36.41
CA ILE B 212 15.42 -1.43 -35.52
C ILE B 212 14.81 -2.83 -35.67
N ILE B 213 14.48 -3.19 -36.91
CA ILE B 213 13.89 -4.50 -37.17
C ILE B 213 14.81 -5.65 -36.77
N ALA B 214 16.09 -5.54 -37.13
CA ALA B 214 17.03 -6.59 -36.78
C ALA B 214 17.16 -6.66 -35.26
N GLY B 215 17.13 -5.49 -34.62
CA GLY B 215 17.25 -5.41 -33.17
C GLY B 215 16.07 -5.96 -32.39
N LEU B 216 15.03 -6.38 -33.09
CA LEU B 216 13.83 -6.94 -32.45
C LEU B 216 13.73 -8.44 -32.66
N GLU B 217 14.69 -8.99 -33.41
CA GLU B 217 14.70 -10.42 -33.70
C GLU B 217 14.76 -11.23 -32.41
N GLY B 218 13.85 -12.19 -32.29
CA GLY B 218 13.84 -13.03 -31.10
C GLY B 218 12.98 -12.50 -29.96
N THR B 219 12.54 -11.26 -30.04
CA THR B 219 11.71 -10.71 -28.96
C THR B 219 10.26 -11.15 -29.10
N GLY B 220 9.87 -11.50 -30.31
CA GLY B 220 8.49 -11.91 -30.55
C GLY B 220 7.67 -10.73 -31.07
N SER B 221 8.28 -9.56 -31.10
CA SER B 221 7.59 -8.35 -31.59
C SER B 221 7.00 -8.56 -32.98
N PRO B 222 5.77 -8.09 -33.20
CA PRO B 222 5.10 -8.23 -34.49
C PRO B 222 5.49 -7.12 -35.47
N LEU B 223 6.13 -6.07 -34.98
CA LEU B 223 6.55 -4.95 -35.83
C LEU B 223 7.44 -5.42 -36.98
N SER B 224 7.03 -5.11 -38.21
CA SER B 224 7.78 -5.51 -39.39
C SER B 224 8.36 -4.32 -40.14
N ASP B 225 9.23 -4.61 -41.09
CA ASP B 225 9.84 -3.58 -41.91
C ASP B 225 8.76 -2.84 -42.69
N ARG B 226 7.71 -3.57 -43.07
CA ARG B 226 6.61 -2.96 -43.82
C ARG B 226 5.79 -2.02 -42.94
N ASP B 227 5.57 -2.39 -41.68
CA ASP B 227 4.81 -1.53 -40.77
C ASP B 227 5.48 -0.17 -40.68
N LEU B 228 6.80 -0.16 -40.57
CA LEU B 228 7.55 1.09 -40.49
C LEU B 228 7.43 1.91 -41.77
N ARG B 229 7.68 1.27 -42.91
CA ARG B 229 7.61 1.97 -44.18
C ARG B 229 6.26 2.60 -44.52
N VAL B 230 5.16 1.96 -44.12
CA VAL B 230 3.86 2.53 -44.46
C VAL B 230 3.38 3.62 -43.52
N TYR B 231 4.06 3.80 -42.40
CA TYR B 231 3.65 4.86 -41.47
C TYR B 231 3.84 6.25 -42.05
N ARG B 232 2.82 7.08 -41.87
CA ARG B 232 2.86 8.47 -42.31
C ARG B 232 1.98 9.25 -41.34
N PRO B 233 2.48 10.40 -40.86
CA PRO B 233 1.69 11.20 -39.94
C PRO B 233 0.44 11.66 -40.69
N LEU B 234 -0.63 11.94 -39.96
CA LEU B 234 -1.85 12.42 -40.59
C LEU B 234 -1.84 13.94 -40.45
N ILE B 235 -1.88 14.62 -41.59
CA ILE B 235 -1.86 16.07 -41.61
C ILE B 235 -3.20 16.66 -42.01
N GLY B 236 -3.72 17.56 -41.17
CA GLY B 236 -5.00 18.18 -41.47
C GLY B 236 -5.20 19.48 -40.72
N LYS B 237 -6.47 19.80 -40.46
CA LYS B 237 -6.82 21.02 -39.72
C LYS B 237 -7.28 20.67 -38.32
N PRO B 238 -7.06 21.59 -37.37
CA PRO B 238 -7.47 21.34 -35.98
C PRO B 238 -8.98 21.51 -35.82
N VAL B 239 -9.52 20.97 -34.72
CA VAL B 239 -10.93 21.16 -34.44
C VAL B 239 -10.93 22.43 -33.60
N PHE B 240 -12.07 23.09 -33.50
CA PHE B 240 -12.12 24.34 -32.74
C PHE B 240 -13.53 24.76 -32.39
N THR B 241 -13.62 25.74 -31.49
CA THR B 241 -14.89 26.30 -31.08
C THR B 241 -14.66 27.77 -30.74
N ASP B 242 -15.68 28.59 -30.98
CA ASP B 242 -15.59 30.01 -30.68
C ASP B 242 -16.27 30.33 -29.37
N LEU B 243 -15.69 31.24 -28.61
CA LEU B 243 -16.25 31.68 -27.34
C LEU B 243 -15.92 33.15 -27.28
N ASP B 244 -16.93 33.98 -27.56
CA ASP B 244 -16.74 35.42 -27.57
C ASP B 244 -15.72 35.72 -28.67
N GLU B 245 -14.73 36.55 -28.40
CA GLU B 245 -13.74 36.86 -29.44
C GLU B 245 -12.62 35.82 -29.48
N PHE B 246 -12.79 34.74 -28.74
CA PHE B 246 -11.77 33.69 -28.67
C PHE B 246 -12.05 32.50 -29.58
N ARG B 247 -10.96 31.93 -30.08
CA ARG B 247 -10.98 30.76 -30.95
C ARG B 247 -10.12 29.71 -30.24
N ILE B 248 -10.74 28.63 -29.78
CA ILE B 248 -10.00 27.59 -29.07
C ILE B 248 -9.81 26.34 -29.94
N TYR B 249 -8.55 26.01 -30.23
CA TYR B 249 -8.19 24.86 -31.08
C TYR B 249 -7.63 23.67 -30.30
N GLU B 250 -7.83 22.47 -30.86
CA GLU B 250 -7.31 21.24 -30.28
C GLU B 250 -6.91 20.31 -31.42
N THR B 251 -6.04 19.36 -31.13
CA THR B 251 -5.64 18.36 -32.12
C THR B 251 -6.86 17.45 -32.37
N SER B 252 -7.11 17.13 -33.63
CA SER B 252 -8.25 16.32 -34.06
C SER B 252 -8.28 14.84 -33.64
N PRO B 253 -9.25 14.06 -33.87
CA PRO B 253 -9.12 12.62 -33.57
C PRO B 253 -8.13 11.92 -34.50
N ASN B 254 -7.58 10.99 -33.93
CA ASN B 254 -7.80 10.11 -32.79
C ASN B 254 -7.31 10.76 -31.50
N SER B 255 -6.69 11.84 -31.31
CA SER B 255 -6.41 12.60 -30.10
C SER B 255 -7.74 12.86 -29.41
N GLN B 256 -7.71 12.94 -28.08
CA GLN B 256 -8.92 13.20 -27.30
C GLN B 256 -9.13 14.70 -27.11
N GLY B 257 -8.37 15.51 -27.82
CA GLY B 257 -8.46 16.95 -27.70
C GLY B 257 -9.86 17.55 -27.85
N ILE B 258 -10.64 17.00 -28.77
CA ILE B 258 -11.99 17.49 -29.03
C ILE B 258 -12.83 17.52 -27.75
N THR B 259 -12.43 16.72 -26.76
CA THR B 259 -13.15 16.66 -25.49
C THR B 259 -13.19 18.04 -24.82
N VAL B 260 -12.12 18.80 -24.98
CA VAL B 260 -12.05 20.14 -24.41
C VAL B 260 -13.02 21.05 -25.16
N ILE B 261 -13.11 20.86 -26.47
CA ILE B 261 -14.01 21.68 -27.28
C ILE B 261 -15.45 21.41 -26.84
N GLU B 262 -15.80 20.14 -26.68
CA GLU B 262 -17.14 19.74 -26.26
C GLU B 262 -17.48 20.33 -24.90
N TRP B 263 -16.51 20.24 -23.99
CA TRP B 263 -16.65 20.74 -22.63
C TRP B 263 -16.97 22.25 -22.62
N ILE B 264 -16.23 23.01 -23.42
CA ILE B 264 -16.44 24.45 -23.52
C ILE B 264 -17.85 24.78 -24.03
N ARG B 265 -18.31 24.06 -25.05
CA ARG B 265 -19.64 24.28 -25.59
C ARG B 265 -20.67 23.99 -24.51
N GLY B 266 -20.42 22.93 -23.74
CA GLY B 266 -21.33 22.55 -22.66
C GLY B 266 -21.40 23.65 -21.61
N MSE B 267 -20.25 24.25 -21.32
CA MSE B 267 -20.19 25.32 -20.34
C MSE B 267 -20.91 26.55 -20.87
O MSE B 267 -21.56 27.28 -20.13
CB MSE B 267 -18.73 25.66 -20.02
CG MSE B 267 -18.05 24.63 -19.14
SE MSE B 267 -18.60 24.76 -17.29
CE MSE B 267 -20.36 24.00 -17.40
N GLU B 268 -20.79 26.76 -22.18
CA GLU B 268 -21.44 27.89 -22.81
C GLU B 268 -22.95 27.72 -22.75
N SER B 269 -23.42 26.48 -22.85
CA SER B 269 -24.84 26.20 -22.79
C SER B 269 -25.38 26.46 -21.39
N HIS B 270 -24.49 26.55 -20.41
CA HIS B 270 -24.90 26.81 -19.03
C HIS B 270 -24.86 28.30 -18.73
N GLY B 271 -24.63 29.11 -19.76
CA GLY B 271 -24.60 30.55 -19.57
C GLY B 271 -23.23 31.18 -19.41
N TYR B 272 -22.22 30.36 -19.12
CA TYR B 272 -20.87 30.87 -18.93
C TYR B 272 -20.23 31.34 -20.23
N ASP B 273 -19.28 32.27 -20.11
CA ASP B 273 -18.54 32.78 -21.25
C ASP B 273 -17.06 32.94 -20.86
N SER B 274 -16.26 33.49 -21.76
CA SER B 274 -14.82 33.66 -21.49
C SER B 274 -14.52 34.56 -20.30
N ARG B 275 -15.50 35.37 -19.90
CA ARG B 275 -15.32 36.28 -18.78
C ARG B 275 -15.75 35.73 -17.43
N THR B 276 -16.57 34.67 -17.44
CA THR B 276 -17.10 34.11 -16.20
C THR B 276 -16.74 32.65 -15.88
N MSE B 277 -16.27 31.91 -16.86
CA MSE B 277 -15.93 30.51 -16.64
C MSE B 277 -14.95 30.29 -15.49
O MSE B 277 -15.03 29.28 -14.79
CB MSE B 277 -15.38 29.89 -17.93
CG MSE B 277 -16.24 28.79 -18.47
SE MSE B 277 -15.68 28.19 -20.22
CE MSE B 277 -17.07 29.03 -21.28
N TRP B 278 -14.03 31.22 -15.29
CA TRP B 278 -13.02 31.09 -14.24
C TRP B 278 -13.63 30.96 -12.84
N GLU B 279 -14.86 31.45 -12.66
CA GLU B 279 -15.50 31.38 -11.36
C GLU B 279 -16.80 30.58 -11.42
N ALA B 280 -16.94 29.73 -12.43
CA ALA B 280 -18.14 28.92 -12.59
C ALA B 280 -18.35 27.99 -11.40
N LYS B 281 -19.61 27.61 -11.16
CA LYS B 281 -19.95 26.70 -10.09
C LYS B 281 -19.28 25.36 -10.38
N ILE B 282 -18.60 24.81 -9.38
CA ILE B 282 -17.89 23.55 -9.59
C ILE B 282 -18.80 22.41 -10.04
N GLU B 283 -20.07 22.44 -9.64
CA GLU B 283 -20.98 21.37 -10.06
C GLU B 283 -21.22 21.44 -11.57
N ASP B 284 -21.28 22.65 -12.12
CA ASP B 284 -21.48 22.81 -13.56
C ASP B 284 -20.22 22.34 -14.28
N ILE B 285 -19.07 22.66 -13.69
CA ILE B 285 -17.80 22.26 -14.27
C ILE B 285 -17.74 20.75 -14.41
N PHE B 286 -18.09 20.03 -13.36
CA PHE B 286 -18.07 18.57 -13.38
C PHE B 286 -19.17 17.96 -14.25
N GLU B 287 -20.35 18.57 -14.22
CA GLU B 287 -21.46 18.08 -15.00
C GLU B 287 -21.16 18.09 -16.49
N THR B 288 -20.69 19.22 -17.01
CA THR B 288 -20.37 19.32 -18.42
C THR B 288 -19.15 18.48 -18.76
N MSE B 289 -18.23 18.34 -17.81
CA MSE B 289 -17.04 17.53 -18.03
C MSE B 289 -17.42 16.08 -18.30
O MSE B 289 -16.98 15.48 -19.28
CB MSE B 289 -16.12 17.61 -16.81
CG MSE B 289 -14.83 16.80 -16.92
SE MSE B 289 -15.01 14.92 -16.45
CE MSE B 289 -15.02 15.12 -14.52
N GLU B 290 -18.24 15.52 -17.42
CA GLU B 290 -18.65 14.14 -17.59
C GLU B 290 -19.43 13.90 -18.87
N GLU B 291 -20.21 14.89 -19.31
CA GLU B 291 -20.95 14.75 -20.56
C GLU B 291 -19.96 14.74 -21.72
N ALA B 292 -18.95 15.59 -21.64
CA ALA B 292 -17.93 15.66 -22.68
C ALA B 292 -17.14 14.35 -22.69
N TYR B 293 -16.81 13.84 -21.50
CA TYR B 293 -16.06 12.60 -21.39
C TYR B 293 -16.88 11.41 -21.86
N ASP B 294 -18.20 11.55 -21.90
CA ASP B 294 -19.04 10.47 -22.36
C ASP B 294 -18.96 10.41 -23.88
N LYS B 295 -18.90 11.57 -24.53
CA LYS B 295 -18.78 11.63 -25.98
C LYS B 295 -17.39 11.17 -26.38
N ARG B 296 -16.45 11.31 -25.45
CA ARG B 296 -15.06 10.93 -25.66
C ARG B 296 -14.92 9.44 -25.98
N ARG B 297 -15.90 8.64 -25.53
CA ARG B 297 -15.86 7.19 -25.73
C ARG B 297 -15.93 6.71 -27.18
N LYS B 298 -16.37 7.58 -28.08
CA LYS B 298 -16.47 7.22 -29.50
C LYS B 298 -15.22 7.59 -30.30
N ILE B 299 -14.31 8.32 -29.67
CA ILE B 299 -13.09 8.74 -30.34
C ILE B 299 -12.13 7.56 -30.61
N THR B 300 -11.62 7.49 -31.83
CA THR B 300 -10.69 6.45 -32.24
C THR B 300 -10.06 6.85 -33.58
N ASP B 301 -9.48 5.88 -34.27
CA ASP B 301 -8.88 6.14 -35.58
C ASP B 301 -9.92 6.92 -36.38
N PRO B 302 -9.53 8.08 -36.94
CA PRO B 302 -10.47 8.90 -37.72
C PRO B 302 -11.10 8.20 -38.92
N SER B 303 -10.35 7.30 -39.56
CA SER B 303 -10.88 6.60 -40.73
C SER B 303 -11.94 5.58 -40.34
N TYR B 304 -12.15 5.39 -39.04
CA TYR B 304 -13.15 4.45 -38.54
C TYR B 304 -14.36 5.16 -37.97
N MSE B 305 -14.28 6.48 -37.87
CA MSE B 305 -15.37 7.27 -37.32
C MSE B 305 -16.32 7.78 -38.40
O MSE B 305 -17.49 8.06 -38.12
CB MSE B 305 -14.80 8.45 -36.52
CG MSE B 305 -14.01 8.04 -35.30
SE MSE B 305 -13.26 9.56 -34.40
CE MSE B 305 -14.86 10.28 -33.60
N ASN B 306 -15.81 7.91 -39.62
CA ASN B 306 -16.61 8.39 -40.74
C ASN B 306 -17.80 7.47 -41.02
N GLY B 319 -23.23 1.33 -17.23
CA GLY B 319 -22.90 -0.06 -16.99
C GLY B 319 -21.40 -0.33 -17.02
N LEU B 320 -20.61 0.74 -17.06
CA LEU B 320 -19.15 0.62 -17.09
C LEU B 320 -18.57 0.51 -15.69
N PRO B 321 -17.44 -0.21 -15.55
CA PRO B 321 -16.79 -0.36 -14.25
C PRO B 321 -16.11 0.93 -13.78
N LYS B 322 -16.22 1.22 -12.49
CA LYS B 322 -15.63 2.43 -11.92
C LYS B 322 -14.12 2.29 -11.74
N ARG B 323 -13.37 3.33 -12.09
CA ARG B 323 -11.92 3.29 -11.93
C ARG B 323 -11.57 3.28 -10.45
N ASP B 324 -10.52 2.54 -10.10
CA ASP B 324 -10.10 2.45 -8.70
C ASP B 324 -8.65 2.85 -8.47
N HIS B 325 -8.12 3.73 -9.31
CA HIS B 325 -6.73 4.17 -9.16
C HIS B 325 -6.44 5.50 -9.84
N ASN B 326 -5.27 6.08 -9.55
CA ASN B 326 -4.90 7.36 -10.12
C ASN B 326 -4.63 7.27 -11.62
N ASP B 327 -4.49 8.41 -12.27
CA ASP B 327 -4.27 8.47 -13.70
C ASP B 327 -3.02 7.75 -14.16
N ILE B 328 -3.10 7.18 -15.37
CA ILE B 328 -1.97 6.48 -15.97
C ILE B 328 -1.67 7.16 -17.30
N GLY B 329 -0.44 7.64 -17.44
CA GLY B 329 -0.04 8.31 -18.66
C GLY B 329 1.04 9.35 -18.43
N ASP B 330 2.22 9.10 -18.97
CA ASP B 330 3.33 10.01 -18.83
C ASP B 330 3.61 10.66 -20.17
N THR B 331 3.88 11.95 -20.14
CA THR B 331 4.07 12.70 -21.37
C THR B 331 4.89 13.96 -21.10
N THR B 332 5.36 14.59 -22.16
CA THR B 332 6.06 15.86 -22.02
C THR B 332 5.48 16.78 -23.08
N TYR B 333 5.04 17.95 -22.64
CA TYR B 333 4.45 18.95 -23.53
C TYR B 333 5.30 20.21 -23.52
N PHE B 334 5.45 20.83 -24.68
CA PHE B 334 6.20 22.07 -24.73
C PHE B 334 5.58 23.04 -25.72
N SER B 335 5.84 24.32 -25.50
CA SER B 335 5.30 25.35 -26.35
C SER B 335 6.34 26.41 -26.65
N ILE B 336 6.22 27.00 -27.84
CA ILE B 336 7.12 28.07 -28.27
C ILE B 336 6.27 29.01 -29.12
N SER B 337 6.38 30.32 -28.87
CA SER B 337 5.65 31.32 -29.65
C SER B 337 6.57 32.51 -29.84
N ASP B 338 6.40 33.24 -30.95
CA ASP B 338 7.21 34.43 -31.18
C ASP B 338 6.28 35.63 -31.31
N SER B 339 6.86 36.82 -31.36
CA SER B 339 6.09 38.05 -31.44
C SER B 339 5.24 38.19 -32.70
N GLU B 340 5.55 37.43 -33.74
CA GLU B 340 4.79 37.52 -34.98
C GLU B 340 3.59 36.57 -35.04
N GLY B 341 3.35 35.85 -33.95
CA GLY B 341 2.22 34.95 -33.93
C GLY B 341 2.55 33.51 -34.29
N ARG B 342 3.80 33.23 -34.65
CA ARG B 342 4.17 31.86 -34.96
C ARG B 342 4.09 31.12 -33.64
N SER B 343 3.72 29.85 -33.68
CA SER B 343 3.64 29.09 -32.45
C SER B 343 3.58 27.59 -32.68
N VAL B 344 3.99 26.83 -31.67
CA VAL B 344 3.91 25.39 -31.72
C VAL B 344 3.38 24.95 -30.37
N SER B 345 2.51 23.95 -30.40
CA SER B 345 1.92 23.37 -29.20
C SER B 345 2.18 21.91 -29.50
N ILE B 346 3.24 21.36 -28.89
CA ILE B 346 3.66 19.99 -29.15
C ILE B 346 3.67 19.09 -27.93
N ILE B 347 3.21 17.85 -28.13
CA ILE B 347 3.18 16.91 -27.03
C ILE B 347 3.65 15.55 -27.56
N GLN B 348 4.44 14.85 -26.76
CA GLN B 348 4.98 13.55 -27.17
C GLN B 348 5.02 12.57 -26.00
N SER B 349 4.89 11.28 -26.29
CA SER B 349 4.83 10.29 -25.22
C SER B 349 5.03 8.84 -25.68
N ASN B 350 5.30 7.98 -24.69
CA ASN B 350 5.49 6.53 -24.90
C ASN B 350 4.23 5.86 -24.32
N TYR B 351 3.40 6.70 -23.69
CA TYR B 351 2.17 6.35 -22.98
C TYR B 351 2.52 6.09 -21.50
N MSE B 352 2.92 4.88 -21.16
CA MSE B 352 3.28 4.58 -19.77
C MSE B 352 4.77 4.69 -19.48
O MSE B 352 5.55 3.78 -19.77
CB MSE B 352 2.81 3.17 -19.39
CG MSE B 352 1.30 3.05 -19.21
SE MSE B 352 0.82 1.32 -18.48
CE MSE B 352 -0.93 1.12 -19.31
N GLY B 353 5.17 5.82 -18.90
CA GLY B 353 6.56 6.05 -18.56
C GLY B 353 7.55 5.83 -19.70
N PHE B 354 8.51 4.94 -19.46
CA PHE B 354 9.52 4.61 -20.44
C PHE B 354 8.96 3.83 -21.63
N GLY B 355 7.79 3.23 -21.44
CA GLY B 355 7.18 2.47 -22.51
C GLY B 355 7.02 0.98 -22.23
N SER B 356 7.02 0.19 -23.30
CA SER B 356 6.86 -1.26 -23.22
C SER B 356 8.03 -1.93 -22.52
N GLY B 357 9.21 -1.30 -22.59
CA GLY B 357 10.39 -1.87 -21.98
C GLY B 357 11.24 -2.56 -23.03
N ILE B 358 10.69 -2.70 -24.23
CA ILE B 358 11.40 -3.34 -25.33
C ILE B 358 12.24 -2.34 -26.11
N VAL B 359 13.55 -2.50 -26.03
CA VAL B 359 14.51 -1.64 -26.72
C VAL B 359 15.12 -2.38 -27.92
N PRO B 360 14.90 -1.87 -29.14
CA PRO B 360 15.50 -2.55 -30.29
C PRO B 360 17.02 -2.48 -30.12
N LYS B 361 17.66 -3.65 -30.10
CA LYS B 361 19.11 -3.72 -29.92
C LYS B 361 19.92 -2.63 -30.60
N GLY B 362 20.69 -1.88 -29.80
CA GLY B 362 21.55 -0.85 -30.32
C GLY B 362 20.95 0.48 -30.74
N THR B 363 19.66 0.71 -30.45
CA THR B 363 19.01 1.96 -30.83
C THR B 363 18.90 2.97 -29.69
N GLY B 364 18.94 2.47 -28.45
CA GLY B 364 18.85 3.37 -27.31
C GLY B 364 17.48 3.94 -27.01
N PHE B 365 16.42 3.39 -27.60
CA PHE B 365 15.08 3.88 -27.31
C PHE B 365 14.11 2.73 -27.07
N VAL B 366 13.09 3.00 -26.25
CA VAL B 366 12.08 2.00 -25.90
C VAL B 366 10.83 2.16 -26.75
N LEU B 367 10.29 1.06 -27.24
CA LEU B 367 9.07 1.10 -28.04
C LEU B 367 7.91 1.44 -27.11
N GLN B 368 7.06 2.37 -27.55
CA GLN B 368 5.90 2.79 -26.76
C GLN B 368 4.91 1.64 -26.56
N ASN B 369 4.12 1.72 -25.49
CA ASN B 369 3.12 0.70 -25.23
C ASN B 369 1.72 1.31 -25.40
N ARG B 370 1.62 2.25 -26.34
CA ARG B 370 0.38 2.93 -26.66
C ARG B 370 -0.71 1.93 -27.09
N GLY B 371 -0.29 0.87 -27.76
CA GLY B 371 -1.23 -0.13 -28.23
C GLY B 371 -2.01 -0.84 -27.14
N SER B 372 -1.54 -0.76 -25.91
CA SER B 372 -2.23 -1.42 -24.81
C SER B 372 -3.56 -0.75 -24.49
N TYR B 373 -3.80 0.43 -25.07
CA TYR B 373 -5.05 1.15 -24.82
C TYR B 373 -6.17 0.57 -25.68
N PHE B 374 -5.82 -0.20 -26.72
CA PHE B 374 -6.82 -0.83 -27.59
C PHE B 374 -7.57 -1.88 -26.77
N THR B 375 -8.81 -2.15 -27.14
CA THR B 375 -9.60 -3.17 -26.45
C THR B 375 -9.73 -4.36 -27.39
N LEU B 376 -9.96 -5.55 -26.85
CA LEU B 376 -10.12 -6.73 -27.68
C LEU B 376 -11.61 -7.03 -27.86
N GLN B 377 -12.45 -6.10 -27.41
CA GLN B 377 -13.90 -6.23 -27.55
C GLN B 377 -14.22 -5.83 -28.99
N ARG B 378 -14.54 -6.82 -29.81
CA ARG B 378 -14.82 -6.61 -31.23
C ARG B 378 -15.74 -5.49 -31.67
N ASP B 379 -16.86 -5.29 -30.96
CA ASP B 379 -17.79 -4.25 -31.36
C ASP B 379 -17.53 -2.86 -30.78
N HIS B 380 -16.48 -2.71 -29.99
CA HIS B 380 -16.17 -1.39 -29.43
C HIS B 380 -15.53 -0.54 -30.52
N PRO B 381 -15.85 0.77 -30.55
CA PRO B 381 -15.26 1.65 -31.57
C PRO B 381 -13.74 1.61 -31.59
N ASN B 382 -13.13 1.44 -30.42
CA ASN B 382 -11.67 1.41 -30.33
C ASN B 382 -11.08 0.00 -30.32
N ALA B 383 -11.80 -0.94 -30.91
CA ALA B 383 -11.32 -2.31 -30.98
C ALA B 383 -10.01 -2.35 -31.76
N LEU B 384 -9.13 -3.28 -31.39
CA LEU B 384 -7.86 -3.42 -32.09
C LEU B 384 -8.13 -3.98 -33.49
N MSE B 385 -7.42 -3.44 -34.47
CA MSE B 385 -7.54 -3.90 -35.85
C MSE B 385 -6.16 -3.73 -36.49
O MSE B 385 -5.43 -2.78 -36.16
CB MSE B 385 -8.56 -3.07 -36.64
CG MSE B 385 -10.03 -3.22 -36.21
SE MSE B 385 -10.79 -4.97 -36.57
CE MSE B 385 -11.60 -5.29 -34.85
N PRO B 386 -5.77 -4.63 -37.39
CA PRO B 386 -4.45 -4.42 -37.98
C PRO B 386 -4.41 -3.09 -38.74
N GLY B 387 -3.30 -2.37 -38.60
CA GLY B 387 -3.15 -1.09 -39.28
C GLY B 387 -4.00 0.05 -38.74
N LYS B 388 -4.63 -0.16 -37.59
CA LYS B 388 -5.50 0.86 -37.01
C LYS B 388 -4.83 1.70 -35.91
N ARG B 389 -5.32 2.91 -35.70
CA ARG B 389 -4.81 3.81 -34.67
C ARG B 389 -5.78 3.78 -33.49
N THR B 390 -5.24 3.91 -32.29
CA THR B 390 -6.08 3.89 -31.11
C THR B 390 -6.44 5.27 -30.60
N PHE B 391 -7.52 5.32 -29.82
CA PHE B 391 -7.94 6.54 -29.14
C PHE B 391 -6.62 6.98 -28.52
N HIS B 392 -6.30 8.27 -28.57
CA HIS B 392 -5.03 8.75 -28.04
C HIS B 392 -5.21 9.80 -26.95
N THR B 393 -4.54 9.60 -25.81
CA THR B 393 -4.64 10.55 -24.71
C THR B 393 -3.94 11.88 -25.00
N LEU B 394 -3.02 11.88 -25.96
CA LEU B 394 -2.30 13.11 -26.28
C LEU B 394 -3.17 14.17 -26.94
N ALA B 395 -2.98 15.41 -26.51
CA ALA B 395 -3.72 16.55 -27.05
C ALA B 395 -2.89 17.82 -26.90
N ALA B 396 -3.04 18.75 -27.85
CA ALA B 396 -2.32 20.01 -27.80
C ALA B 396 -3.35 21.09 -28.10
N CYS B 397 -3.24 22.21 -27.38
CA CYS B 397 -4.20 23.29 -27.52
C CYS B 397 -3.57 24.61 -27.94
N MSE B 398 -4.37 25.44 -28.59
CA MSE B 398 -3.94 26.76 -29.02
C MSE B 398 -5.16 27.66 -28.93
O MSE B 398 -6.29 27.21 -29.14
CB MSE B 398 -3.39 26.70 -30.45
CG MSE B 398 -2.41 27.81 -30.75
SE MSE B 398 -1.45 27.51 -32.40
CE MSE B 398 0.02 26.45 -31.71
N VAL B 399 -4.94 28.93 -28.62
CA VAL B 399 -6.03 29.88 -28.50
C VAL B 399 -5.70 31.17 -29.25
N GLU B 400 -6.70 31.71 -29.95
CA GLU B 400 -6.53 32.96 -30.67
C GLU B 400 -7.57 33.93 -30.10
N LYS B 401 -7.28 35.22 -30.21
CA LYS B 401 -8.18 36.25 -29.73
C LYS B 401 -8.24 37.24 -30.88
N GLU B 402 -9.44 37.48 -31.40
CA GLU B 402 -9.60 38.38 -32.53
C GLU B 402 -8.66 37.95 -33.65
N HIS B 403 -8.63 36.64 -33.90
CA HIS B 403 -7.83 36.05 -34.96
C HIS B 403 -6.31 36.04 -34.77
N ASP B 404 -5.82 36.64 -33.67
CA ASP B 404 -4.38 36.66 -33.42
C ASP B 404 -4.00 35.65 -32.33
N LEU B 405 -2.75 35.23 -32.31
CA LEU B 405 -2.28 34.28 -31.32
C LEU B 405 -2.50 34.82 -29.92
N TYR B 406 -3.07 34.00 -29.04
CA TYR B 406 -3.33 34.42 -27.67
C TYR B 406 -2.59 33.48 -26.71
N ALA B 407 -2.76 32.18 -26.89
CA ALA B 407 -2.09 31.21 -26.02
C ALA B 407 -1.81 29.89 -26.72
N SER B 408 -0.80 29.19 -26.20
CA SER B 408 -0.40 27.89 -26.70
C SER B 408 -0.16 27.07 -25.44
N LEU B 409 -0.95 26.02 -25.24
CA LEU B 409 -0.83 25.24 -24.03
C LEU B 409 -1.16 23.77 -24.18
N GLY B 410 -0.78 22.99 -23.16
CA GLY B 410 -1.00 21.57 -23.16
C GLY B 410 -0.50 21.02 -21.84
N SER B 411 -0.73 19.74 -21.59
CA SER B 411 -0.27 19.15 -20.33
C SER B 411 -0.15 17.66 -20.34
N MSE B 412 0.83 17.17 -19.59
CA MSE B 412 1.05 15.74 -19.45
C MSE B 412 -0.13 15.17 -18.68
O MSE B 412 -0.79 15.87 -17.91
CB MSE B 412 2.31 15.47 -18.65
CG MSE B 412 2.45 14.02 -18.24
SE MSE B 412 3.74 13.79 -16.84
CE MSE B 412 2.61 12.93 -15.52
N GLY B 413 -0.36 13.88 -18.89
CA GLY B 413 -1.44 13.18 -18.24
C GLY B 413 -1.99 12.18 -19.22
N GLY B 414 -2.77 11.23 -18.74
CA GLY B 414 -3.35 10.26 -19.64
C GLY B 414 -4.76 10.74 -19.88
N ASP B 415 -5.69 10.16 -19.14
CA ASP B 415 -7.09 10.51 -19.27
C ASP B 415 -7.46 11.84 -18.60
N ILE B 416 -6.52 12.44 -17.87
CA ILE B 416 -6.79 13.72 -17.20
C ILE B 416 -6.35 14.94 -18.00
N GLN B 417 -5.72 14.73 -19.15
CA GLN B 417 -5.25 15.87 -19.95
C GLN B 417 -6.32 16.93 -20.23
N PRO B 418 -7.56 16.50 -20.58
CA PRO B 418 -8.60 17.50 -20.86
C PRO B 418 -8.96 18.29 -19.60
N GLN B 419 -8.97 17.62 -18.45
CA GLN B 419 -9.30 18.25 -17.18
C GLN B 419 -8.25 19.29 -16.79
N VAL B 420 -6.97 18.96 -16.98
CA VAL B 420 -5.90 19.89 -16.66
C VAL B 420 -5.94 21.08 -17.62
N GLN B 421 -6.16 20.80 -18.90
CA GLN B 421 -6.24 21.85 -19.90
C GLN B 421 -7.35 22.84 -19.57
N MSE B 422 -8.53 22.31 -19.26
CA MSE B 422 -9.70 23.12 -18.95
C MSE B 422 -9.49 24.07 -17.76
O MSE B 422 -9.87 25.24 -17.81
CB MSE B 422 -10.91 22.22 -18.69
CG MSE B 422 -12.23 22.95 -18.69
SE MSE B 422 -12.62 23.79 -20.41
CE MSE B 422 -14.47 24.23 -20.08
N GLN B 423 -8.90 23.56 -16.68
CA GLN B 423 -8.67 24.40 -15.51
C GLN B 423 -7.75 25.55 -15.87
N ILE B 424 -6.76 25.28 -16.72
CA ILE B 424 -5.83 26.31 -17.15
C ILE B 424 -6.52 27.26 -18.12
N LEU B 425 -7.26 26.69 -19.05
CA LEU B 425 -7.98 27.45 -20.07
C LEU B 425 -8.98 28.44 -19.47
N MSE B 426 -9.76 28.00 -18.48
CA MSE B 426 -10.74 28.89 -17.87
C MSE B 426 -10.11 30.12 -17.25
O MSE B 426 -10.68 31.20 -17.29
CB MSE B 426 -11.56 28.11 -16.83
CG MSE B 426 -12.43 27.02 -17.44
SE MSE B 426 -13.64 26.17 -16.19
CE MSE B 426 -12.34 25.47 -14.95
N GLU B 427 -8.91 29.96 -16.70
CA GLU B 427 -8.18 31.07 -16.09
C GLU B 427 -7.50 31.95 -17.13
N ILE B 428 -6.83 31.33 -18.09
CA ILE B 428 -6.10 32.08 -19.11
C ILE B 428 -7.02 32.94 -19.98
N LEU B 429 -8.24 32.48 -20.21
CA LEU B 429 -9.20 33.26 -21.02
C LEU B 429 -9.57 34.55 -20.30
N LYS B 430 -9.53 34.52 -18.98
CA LYS B 430 -9.85 35.68 -18.16
C LYS B 430 -8.66 36.65 -18.10
N ASP B 431 -7.46 36.11 -17.97
CA ASP B 431 -6.24 36.90 -17.87
C ASP B 431 -5.03 36.02 -18.20
N ASN B 432 -4.24 36.42 -19.18
CA ASN B 432 -3.07 35.63 -19.59
C ASN B 432 -1.73 36.30 -19.29
N THR B 433 -1.72 37.29 -18.40
CA THR B 433 -0.48 38.00 -18.08
C THR B 433 0.39 37.34 -17.02
N ASP B 434 -0.16 36.38 -16.29
CA ASP B 434 0.62 35.69 -15.27
C ASP B 434 0.36 34.19 -15.39
N PRO B 435 0.78 33.59 -16.53
CA PRO B 435 0.58 32.16 -16.75
C PRO B 435 1.20 31.26 -15.70
N GLN B 436 2.30 31.69 -15.09
CA GLN B 436 2.94 30.87 -14.06
C GLN B 436 2.01 30.72 -12.86
N ALA B 437 1.33 31.81 -12.49
CA ALA B 437 0.41 31.76 -11.37
C ALA B 437 -0.68 30.73 -11.68
N ILE B 438 -1.14 30.71 -12.93
CA ILE B 438 -2.17 29.76 -13.33
C ILE B 438 -1.64 28.33 -13.19
N LEU B 439 -0.41 28.09 -13.66
CA LEU B 439 0.19 26.76 -13.56
C LEU B 439 0.37 26.31 -12.11
N ASP B 440 0.77 27.25 -11.25
CA ASP B 440 0.98 26.94 -9.84
C ASP B 440 -0.29 26.52 -9.09
N LYS B 441 -1.43 27.08 -9.49
CA LYS B 441 -2.71 26.80 -8.82
C LYS B 441 -3.03 25.33 -8.58
N PRO B 442 -3.55 25.00 -7.38
CA PRO B 442 -3.93 23.62 -7.04
C PRO B 442 -4.96 23.11 -8.05
N ARG B 443 -4.90 21.82 -8.34
CA ARG B 443 -5.80 21.23 -9.32
C ARG B 443 -6.58 20.05 -8.78
N TRP B 444 -7.55 19.62 -9.58
CA TRP B 444 -8.36 18.45 -9.26
C TRP B 444 -8.31 17.56 -10.50
N THR B 445 -8.61 16.28 -10.32
CA THR B 445 -8.67 15.34 -11.43
C THR B 445 -9.69 14.29 -11.10
N GLU B 446 -10.21 13.62 -12.12
CA GLU B 446 -11.17 12.54 -11.96
C GLU B 446 -10.82 11.63 -13.11
N PRO B 447 -9.76 10.83 -12.96
CA PRO B 447 -9.29 9.91 -13.99
C PRO B 447 -10.11 8.66 -14.22
N TYR B 448 -10.25 8.32 -15.51
CA TYR B 448 -10.93 7.12 -15.95
C TYR B 448 -10.79 7.03 -17.47
N THR B 449 -10.57 5.81 -17.96
CA THR B 449 -10.41 5.59 -19.39
C THR B 449 -11.77 5.63 -20.07
N ILE B 450 -11.78 5.51 -21.40
CA ILE B 450 -13.03 5.53 -22.14
C ILE B 450 -13.83 4.26 -21.84
N TYR B 451 -13.19 3.29 -21.20
CA TYR B 451 -13.85 2.02 -20.86
C TYR B 451 -14.36 2.00 -19.42
N GLU B 452 -14.11 3.06 -18.67
CA GLU B 452 -14.54 3.11 -17.28
C GLU B 452 -15.54 4.20 -16.93
N ALA B 453 -16.09 4.07 -15.73
CA ALA B 453 -17.03 5.04 -15.20
C ALA B 453 -16.19 5.87 -14.24
N PRO B 454 -16.54 7.14 -14.04
CA PRO B 454 -15.76 7.96 -13.12
C PRO B 454 -15.62 7.34 -11.73
N GLY B 455 -14.43 7.47 -11.16
CA GLY B 455 -14.17 6.93 -9.84
C GLY B 455 -13.98 8.07 -8.87
N ALA B 456 -12.93 8.00 -8.06
CA ALA B 456 -12.67 9.04 -7.08
C ALA B 456 -12.18 10.32 -7.74
N VAL B 457 -12.32 11.42 -7.02
CA VAL B 457 -11.88 12.73 -7.47
C VAL B 457 -10.67 13.08 -6.62
N TYR B 458 -9.56 13.43 -7.27
CA TYR B 458 -8.34 13.78 -6.54
C TYR B 458 -8.15 15.29 -6.55
N VAL B 459 -7.63 15.83 -5.45
CA VAL B 459 -7.42 17.27 -5.33
C VAL B 459 -6.12 17.59 -4.61
N GLU B 460 -5.55 18.76 -4.92
CA GLU B 460 -4.28 19.17 -4.32
C GLU B 460 -4.42 20.12 -3.14
N SER B 461 -5.63 20.56 -2.82
CA SER B 461 -5.80 21.48 -1.70
C SER B 461 -7.00 21.15 -0.82
N GLU B 462 -6.95 21.64 0.41
CA GLU B 462 -8.03 21.42 1.37
C GLU B 462 -9.26 22.14 0.84
N GLU B 463 -9.03 23.32 0.27
CA GLU B 463 -10.11 24.12 -0.29
C GLU B 463 -10.89 23.33 -1.33
N LEU B 464 -10.18 22.75 -2.30
CA LEU B 464 -10.82 21.96 -3.35
C LEU B 464 -11.50 20.75 -2.72
N TYR B 465 -10.86 20.17 -1.73
CA TYR B 465 -11.41 19.00 -1.04
C TYR B 465 -12.78 19.33 -0.47
N ARG B 466 -12.86 20.41 0.30
CA ARG B 466 -14.11 20.84 0.92
C ARG B 466 -15.15 21.22 -0.13
N ASN B 467 -14.74 21.99 -1.13
CA ASN B 467 -15.65 22.43 -2.17
C ASN B 467 -16.20 21.28 -3.01
N VAL B 468 -15.34 20.34 -3.37
CA VAL B 468 -15.79 19.19 -4.15
C VAL B 468 -16.67 18.28 -3.30
N SER B 469 -16.28 18.04 -2.06
CA SER B 469 -17.02 17.17 -1.16
C SER B 469 -18.45 17.63 -0.90
N LYS B 470 -18.69 18.94 -0.95
CA LYS B 470 -20.01 19.48 -0.69
C LYS B 470 -20.86 19.74 -1.94
N GLN B 471 -20.20 19.98 -3.07
CA GLN B 471 -20.93 20.26 -4.30
C GLN B 471 -21.10 19.04 -5.21
N ILE B 472 -20.12 18.14 -5.19
CA ILE B 472 -20.19 16.94 -6.01
C ILE B 472 -20.48 15.71 -5.14
N SER B 473 -21.73 15.27 -5.16
CA SER B 473 -22.14 14.11 -4.37
C SER B 473 -22.04 12.83 -5.18
N GLY B 474 -21.81 11.73 -4.49
CA GLY B 474 -21.71 10.44 -5.16
C GLY B 474 -20.31 10.09 -5.61
N ARG B 475 -19.31 10.77 -5.05
CA ARG B 475 -17.93 10.50 -5.42
C ARG B 475 -16.98 10.61 -4.23
N LYS B 476 -16.00 9.71 -4.18
CA LYS B 476 -15.02 9.74 -3.12
C LYS B 476 -14.03 10.84 -3.49
N VAL B 477 -13.61 11.62 -2.50
CA VAL B 477 -12.67 12.70 -2.73
C VAL B 477 -11.38 12.42 -1.98
N VAL B 478 -10.25 12.53 -2.67
CA VAL B 478 -8.96 12.25 -2.05
C VAL B 478 -7.98 13.41 -2.11
N LEU B 479 -7.46 13.81 -0.95
CA LEU B 479 -6.50 14.90 -0.89
C LEU B 479 -5.12 14.32 -1.20
N ARG B 480 -4.36 15.05 -2.01
CA ARG B 480 -3.03 14.60 -2.40
C ARG B 480 -2.04 15.76 -2.36
N ASP B 481 -0.75 15.44 -2.41
CA ASP B 481 0.26 16.48 -2.43
C ASP B 481 0.34 16.98 -3.86
N VAL B 482 0.87 18.18 -4.03
CA VAL B 482 1.02 18.75 -5.36
C VAL B 482 2.06 17.93 -6.10
N SER B 483 1.69 17.34 -7.23
CA SER B 483 2.64 16.54 -8.00
C SER B 483 2.14 16.28 -9.41
N GLN B 484 2.94 15.57 -10.19
CA GLN B 484 2.60 15.26 -11.57
C GLN B 484 1.34 14.39 -11.71
N GLU B 485 0.80 13.93 -10.58
CA GLU B 485 -0.43 13.14 -10.60
C GLU B 485 -1.49 14.06 -11.18
N PHE B 486 -1.24 15.36 -11.05
CA PHE B 486 -2.18 16.37 -11.54
C PHE B 486 -1.68 17.03 -12.82
N GLY B 487 -0.83 16.32 -13.55
CA GLY B 487 -0.31 16.81 -14.81
C GLY B 487 0.95 17.66 -14.72
N THR B 488 1.48 18.00 -15.88
CA THR B 488 2.67 18.84 -16.00
C THR B 488 2.42 19.65 -17.26
N ALA B 489 2.05 20.91 -17.06
CA ALA B 489 1.73 21.78 -18.19
C ALA B 489 2.71 22.91 -18.39
N GLN B 490 2.79 23.36 -19.64
CA GLN B 490 3.64 24.48 -20.01
C GLN B 490 2.77 25.41 -20.84
N ILE B 491 3.15 26.68 -20.92
CA ILE B 491 2.36 27.66 -21.65
C ILE B 491 3.20 28.81 -22.17
N THR B 492 2.78 29.36 -23.31
CA THR B 492 3.40 30.57 -23.87
C THR B 492 2.18 31.39 -24.27
N THR B 493 2.22 32.68 -23.99
CA THR B 493 1.11 33.56 -24.31
C THR B 493 1.63 34.86 -24.89
N LEU B 494 0.73 35.60 -25.55
CA LEU B 494 1.07 36.88 -26.15
C LEU B 494 0.28 37.95 -25.42
N ILE B 495 1.00 38.93 -24.86
CA ILE B 495 0.34 40.02 -24.14
C ILE B 495 0.48 41.32 -24.93
N ARG B 496 0.01 42.42 -24.36
CA ARG B 496 0.10 43.71 -25.04
C ARG B 496 1.50 43.96 -25.58
N GLY B 497 1.58 44.59 -26.75
CA GLY B 497 2.86 44.90 -27.35
C GLY B 497 3.50 43.69 -28.01
N ASP B 498 2.73 42.62 -28.12
CA ASP B 498 3.20 41.38 -28.71
C ASP B 498 4.41 40.83 -27.96
N VAL B 499 4.39 41.00 -26.65
CA VAL B 499 5.45 40.50 -25.80
C VAL B 499 5.05 39.05 -25.51
N VAL B 500 6.01 38.14 -25.56
CA VAL B 500 5.74 36.73 -25.31
C VAL B 500 6.04 36.37 -23.86
N VAL B 501 5.14 35.62 -23.24
CA VAL B 501 5.32 35.19 -21.87
C VAL B 501 5.28 33.67 -21.82
N GLY B 502 6.13 33.07 -21.00
CA GLY B 502 6.16 31.63 -20.89
C GLY B 502 6.21 31.17 -19.45
N ALA B 503 5.67 29.98 -19.19
CA ALA B 503 5.65 29.41 -17.85
C ALA B 503 5.83 27.89 -17.92
N ALA B 504 6.34 27.31 -16.85
CA ALA B 504 6.56 25.87 -16.79
C ALA B 504 6.05 25.32 -15.46
N ASP B 505 5.56 24.09 -15.47
CA ASP B 505 4.98 23.47 -14.28
C ASP B 505 5.95 23.08 -13.16
N PRO B 506 5.68 23.53 -11.93
CA PRO B 506 6.57 23.16 -10.81
C PRO B 506 6.42 21.67 -10.51
N ARG B 507 5.39 21.05 -11.08
CA ARG B 507 5.17 19.62 -10.87
C ARG B 507 6.17 18.81 -11.70
N GLY B 508 6.90 19.48 -12.57
CA GLY B 508 7.90 18.82 -13.41
C GLY B 508 9.25 19.51 -13.31
N ASP B 509 10.19 19.10 -14.16
CA ASP B 509 11.54 19.70 -14.16
C ASP B 509 11.67 20.84 -15.15
N GLY B 510 10.53 21.33 -15.65
CA GLY B 510 10.56 22.38 -16.63
C GLY B 510 11.02 23.78 -16.24
N ILE B 511 11.49 24.50 -17.25
CA ILE B 511 11.95 25.88 -17.09
C ILE B 511 11.63 26.59 -18.40
N ALA B 512 11.00 27.75 -18.30
CA ALA B 512 10.67 28.55 -19.48
C ALA B 512 11.86 29.46 -19.74
N ILE B 513 12.38 29.43 -20.97
CA ILE B 513 13.54 30.23 -21.36
C ILE B 513 13.24 31.26 -22.45
N PRO B 514 13.61 32.52 -22.21
CA PRO B 514 13.38 33.57 -23.20
C PRO B 514 14.52 33.68 -24.21
N TYR B 515 14.20 34.18 -25.39
CA TYR B 515 15.19 34.40 -26.44
C TYR B 515 15.00 35.83 -26.91
N SER B 516 16.00 36.67 -26.69
CA SER B 516 15.92 38.07 -27.11
C SER B 516 17.05 38.41 -28.08
N PHE C 2 -6.31 -20.62 22.99
CA PHE C 2 -7.49 -21.14 23.72
C PHE C 2 -8.06 -22.34 22.97
N ARG C 3 -7.26 -22.86 22.04
CA ARG C 3 -7.67 -24.01 21.23
C ARG C 3 -8.69 -23.58 20.18
N SER C 4 -8.19 -23.23 18.98
CA SER C 4 -9.06 -22.81 17.88
C SER C 4 -10.15 -23.86 17.65
N ARG C 5 -9.79 -25.13 17.86
CA ARG C 5 -10.71 -26.25 17.72
C ARG C 5 -10.02 -27.42 18.45
N PRO C 6 -10.77 -28.45 18.86
CA PRO C 6 -10.09 -29.55 19.57
C PRO C 6 -9.22 -30.39 18.68
N ASN C 7 -8.23 -31.05 19.29
CA ASN C 7 -7.37 -31.94 18.55
C ASN C 7 -8.29 -33.09 18.13
N ALA C 8 -7.93 -33.76 17.05
CA ALA C 8 -8.70 -34.91 16.61
C ALA C 8 -7.94 -36.10 17.16
N LEU C 9 -8.62 -37.01 17.83
CA LEU C 9 -7.97 -38.20 18.38
C LEU C 9 -8.58 -39.48 17.88
N SER C 10 -7.76 -40.53 17.79
CA SER C 10 -8.25 -41.81 17.31
C SER C 10 -7.34 -42.95 17.72
N GLN C 11 -7.93 -44.11 17.96
CA GLN C 11 -7.15 -45.28 18.33
C GLN C 11 -6.64 -45.94 17.06
N ARG C 12 -7.05 -45.43 15.92
CA ARG C 12 -6.62 -46.01 14.64
C ARG C 12 -5.89 -45.03 13.72
N SER C 13 -6.55 -43.94 13.33
CA SER C 13 -5.91 -42.98 12.43
C SER C 13 -6.56 -41.61 12.39
N VAL C 14 -5.79 -40.63 11.91
CA VAL C 14 -6.27 -39.26 11.77
C VAL C 14 -5.75 -38.64 10.49
N ILE C 15 -6.60 -37.86 9.84
CA ILE C 15 -6.25 -37.18 8.60
C ILE C 15 -6.34 -35.68 8.87
N ALA C 16 -5.27 -34.94 8.57
CA ALA C 16 -5.27 -33.50 8.76
C ALA C 16 -4.83 -32.82 7.48
N SER C 17 -5.76 -32.10 6.85
CA SER C 17 -5.45 -31.38 5.60
C SER C 17 -6.03 -29.98 5.70
N SER C 18 -5.74 -29.14 4.71
CA SER C 18 -6.22 -27.77 4.70
C SER C 18 -7.64 -27.66 4.14
N SER C 19 -8.27 -28.80 3.88
CA SER C 19 -9.63 -28.82 3.33
C SER C 19 -10.50 -29.88 4.01
N GLU C 20 -11.60 -29.43 4.61
CA GLU C 20 -12.50 -30.36 5.27
C GLU C 20 -13.02 -31.41 4.30
N LEU C 21 -13.32 -31.01 3.07
CA LEU C 21 -13.83 -31.96 2.08
C LEU C 21 -12.77 -33.01 1.76
N ALA C 22 -11.51 -32.57 1.62
CA ALA C 22 -10.42 -33.48 1.33
C ALA C 22 -10.17 -34.44 2.50
N SER C 23 -10.19 -33.92 3.72
CA SER C 23 -9.99 -34.77 4.89
C SER C 23 -11.11 -35.81 4.95
N LEU C 24 -12.34 -35.37 4.67
CA LEU C 24 -13.48 -36.28 4.69
C LEU C 24 -13.37 -37.39 3.64
N ALA C 25 -12.92 -37.02 2.43
CA ALA C 25 -12.77 -38.02 1.37
C ALA C 25 -11.80 -39.09 1.83
N GLY C 26 -10.74 -38.68 2.52
CA GLY C 26 -9.76 -39.63 3.03
C GLY C 26 -10.40 -40.60 4.02
N ARG C 27 -11.25 -40.08 4.89
CA ARG C 27 -11.93 -40.91 5.87
C ARG C 27 -12.84 -41.91 5.17
N ASP C 28 -13.56 -41.48 4.15
CA ASP C 28 -14.44 -42.39 3.44
C ASP C 28 -13.65 -43.54 2.82
N ILE C 29 -12.47 -43.26 2.31
CA ILE C 29 -11.63 -44.29 1.72
C ILE C 29 -11.28 -45.32 2.80
N LEU C 30 -10.89 -44.84 3.97
CA LEU C 30 -10.54 -45.74 5.07
C LEU C 30 -11.77 -46.57 5.44
N LYS C 31 -12.92 -45.93 5.45
CA LYS C 31 -14.18 -46.59 5.77
C LYS C 31 -14.49 -47.70 4.76
N ARG C 32 -14.00 -47.55 3.53
CA ARG C 32 -14.25 -48.54 2.50
C ARG C 32 -13.21 -49.66 2.54
N GLY C 33 -12.30 -49.61 3.51
CA GLY C 33 -11.29 -50.64 3.63
C GLY C 33 -9.90 -50.34 3.11
N GLY C 34 -9.68 -49.15 2.58
CA GLY C 34 -8.35 -48.82 2.09
C GLY C 34 -7.42 -48.48 3.23
N ASN C 35 -6.11 -48.46 2.98
CA ASN C 35 -5.16 -48.10 4.03
C ASN C 35 -4.92 -46.59 3.94
N ILE C 36 -4.05 -46.04 4.78
CA ILE C 36 -3.83 -44.60 4.76
C ILE C 36 -3.16 -44.11 3.48
N PHE C 37 -2.56 -45.01 2.72
CA PHE C 37 -1.90 -44.64 1.48
C PHE C 37 -2.97 -44.47 0.41
N ASP C 38 -4.00 -45.31 0.46
CA ASP C 38 -5.11 -45.21 -0.49
C ASP C 38 -5.77 -43.86 -0.16
N ALA C 39 -5.88 -43.60 1.14
CA ALA C 39 -6.48 -42.36 1.64
C ALA C 39 -5.68 -41.15 1.23
N ALA C 40 -4.35 -41.23 1.37
CA ALA C 40 -3.47 -40.13 1.01
C ALA C 40 -3.70 -39.73 -0.46
N LEU C 41 -3.84 -40.71 -1.34
CA LEU C 41 -4.05 -40.43 -2.76
C LEU C 41 -5.40 -39.73 -2.98
N ALA C 42 -6.43 -40.21 -2.30
CA ALA C 42 -7.75 -39.59 -2.43
C ALA C 42 -7.71 -38.14 -1.93
N VAL C 43 -6.99 -37.93 -0.84
CA VAL C 43 -6.87 -36.60 -0.25
C VAL C 43 -6.09 -35.67 -1.17
N SER C 44 -4.97 -36.15 -1.69
CA SER C 44 -4.13 -35.34 -2.58
C SER C 44 -4.94 -34.93 -3.81
N ALA C 45 -5.71 -35.87 -4.37
CA ALA C 45 -6.53 -35.58 -5.54
C ALA C 45 -7.62 -34.56 -5.20
N MSE C 46 -8.27 -34.75 -4.04
CA MSE C 46 -9.32 -33.81 -3.62
C MSE C 46 -8.76 -32.40 -3.47
O MSE C 46 -9.43 -31.43 -3.85
CB MSE C 46 -9.94 -34.26 -2.29
CG MSE C 46 -11.13 -35.21 -2.44
SE MSE C 46 -12.68 -34.38 -3.30
CE MSE C 46 -12.87 -32.84 -2.18
N LEU C 47 -7.56 -32.28 -2.92
CA LEU C 47 -6.93 -30.97 -2.74
C LEU C 47 -6.69 -30.29 -4.08
N CYS C 48 -6.57 -31.08 -5.15
CA CYS C 48 -6.35 -30.54 -6.48
C CYS C 48 -7.65 -29.97 -7.03
N VAL C 49 -8.74 -30.21 -6.30
CA VAL C 49 -10.06 -29.74 -6.70
C VAL C 49 -10.57 -28.63 -5.78
N THR C 50 -10.44 -28.83 -4.47
CA THR C 50 -10.93 -27.85 -3.50
C THR C 50 -9.88 -26.85 -3.01
N GLN C 51 -8.61 -27.13 -3.29
CA GLN C 51 -7.54 -26.22 -2.88
C GLN C 51 -6.61 -25.94 -4.06
N ASN C 52 -7.15 -25.88 -5.27
CA ASN C 52 -6.29 -25.61 -6.42
C ASN C 52 -5.87 -24.16 -6.49
N ASN C 53 -6.19 -23.40 -5.44
CA ASN C 53 -5.74 -22.02 -5.36
C ASN C 53 -4.35 -22.11 -4.70
N LEU C 54 -4.00 -23.32 -4.28
CA LEU C 54 -2.74 -23.60 -3.59
C LEU C 54 -1.94 -24.77 -4.19
N CYS C 55 -2.54 -25.47 -5.15
CA CYS C 55 -1.88 -26.61 -5.78
C CYS C 55 -2.70 -27.02 -7.01
N GLY C 56 -2.43 -28.21 -7.56
CA GLY C 56 -3.17 -28.67 -8.71
C GLY C 56 -2.46 -29.69 -9.57
N LEU C 57 -3.17 -30.24 -10.54
CA LEU C 57 -2.60 -31.22 -11.46
C LEU C 57 -1.41 -30.67 -12.23
N GLY C 58 -1.32 -29.35 -12.31
CA GLY C 58 -0.22 -28.73 -13.03
C GLY C 58 0.95 -28.39 -12.14
N GLY C 59 0.90 -28.85 -10.88
CA GLY C 59 1.97 -28.54 -9.95
C GLY C 59 2.80 -29.74 -9.51
N ASP C 60 3.63 -29.52 -8.48
CA ASP C 60 4.51 -30.55 -7.94
C ASP C 60 4.05 -31.08 -6.58
N LEU C 61 4.75 -32.12 -6.12
CA LEU C 61 4.47 -32.75 -4.85
C LEU C 61 5.75 -33.35 -4.28
N PHE C 62 5.85 -33.34 -2.95
CA PHE C 62 6.98 -33.94 -2.24
C PHE C 62 6.35 -34.73 -1.11
N ALA C 63 7.00 -35.81 -0.69
CA ALA C 63 6.43 -36.60 0.38
C ALA C 63 7.40 -37.55 1.05
N LEU C 64 7.12 -37.84 2.31
CA LEU C 64 7.86 -38.80 3.10
C LEU C 64 6.75 -39.80 3.40
N ILE C 65 7.00 -41.07 3.11
CA ILE C 65 6.01 -42.11 3.33
C ILE C 65 6.64 -43.20 4.19
N ARG C 66 6.04 -43.46 5.35
CA ARG C 66 6.54 -44.46 6.28
C ARG C 66 5.61 -45.68 6.34
N ASP C 67 6.15 -46.85 6.02
CA ASP C 67 5.34 -48.07 6.05
C ASP C 67 5.29 -48.73 7.42
N GLU C 68 4.57 -49.83 7.51
CA GLU C 68 4.41 -50.56 8.76
C GLU C 68 5.73 -51.09 9.32
N ASN C 69 6.77 -51.15 8.49
CA ASN C 69 8.06 -51.65 8.94
C ASN C 69 9.04 -50.53 9.28
N GLY C 70 8.57 -49.28 9.21
CA GLY C 70 9.44 -48.17 9.53
C GLY C 70 10.27 -47.68 8.36
N GLN C 71 10.09 -48.29 7.20
CA GLN C 71 10.82 -47.87 6.01
C GLN C 71 10.21 -46.57 5.50
N ILE C 72 11.04 -45.54 5.36
CA ILE C 72 10.57 -44.24 4.90
C ILE C 72 11.07 -43.89 3.51
N MSE C 73 10.14 -43.65 2.60
CA MSE C 73 10.48 -43.27 1.25
C MSE C 73 10.46 -41.75 1.10
O MSE C 73 9.55 -41.08 1.59
CB MSE C 73 9.49 -43.85 0.24
CG MSE C 73 9.69 -43.32 -1.18
SE MSE C 73 8.26 -43.78 -2.38
CE MSE C 73 8.70 -45.65 -2.61
N ASP C 74 11.47 -41.22 0.43
CA ASP C 74 11.58 -39.79 0.16
C ASP C 74 11.16 -39.67 -1.30
N LEU C 75 9.95 -39.17 -1.53
CA LEU C 75 9.42 -39.04 -2.89
C LEU C 75 9.49 -37.59 -3.39
N ASN C 76 10.32 -37.37 -4.40
CA ASN C 76 10.51 -36.06 -5.00
C ASN C 76 9.68 -35.99 -6.27
N GLY C 77 8.52 -35.34 -6.18
CA GLY C 77 7.65 -35.21 -7.33
C GLY C 77 7.69 -33.84 -7.98
N SER C 78 8.89 -33.28 -8.10
CA SER C 78 9.04 -31.97 -8.74
C SER C 78 9.44 -32.23 -10.20
N GLY C 79 8.76 -31.57 -11.13
CA GLY C 79 9.07 -31.76 -12.53
C GLY C 79 10.32 -31.00 -12.95
N GLN C 80 10.97 -31.49 -13.99
CA GLN C 80 12.19 -30.88 -14.50
C GLN C 80 11.84 -29.83 -15.56
N ALA C 81 12.78 -28.93 -15.83
CA ALA C 81 12.58 -27.90 -16.84
C ALA C 81 12.54 -28.50 -18.24
N SER C 82 11.85 -27.83 -19.15
CA SER C 82 11.73 -28.26 -20.52
C SER C 82 13.14 -28.32 -21.14
N ARG C 83 13.35 -29.23 -22.07
CA ARG C 83 14.65 -29.33 -22.73
C ARG C 83 14.76 -28.15 -23.70
N ALA C 84 13.62 -27.55 -24.02
CA ALA C 84 13.57 -26.43 -24.95
C ALA C 84 13.95 -25.08 -24.37
N VAL C 85 14.10 -24.97 -23.06
CA VAL C 85 14.48 -23.69 -22.47
C VAL C 85 15.92 -23.71 -21.98
N SER C 86 16.48 -22.52 -21.82
CA SER C 86 17.85 -22.35 -21.36
C SER C 86 18.07 -20.87 -21.12
N ILE C 87 19.25 -20.50 -20.64
CA ILE C 87 19.55 -19.11 -20.39
C ILE C 87 19.58 -18.37 -21.72
N ASP C 88 20.11 -18.99 -22.77
CA ASP C 88 20.16 -18.35 -24.09
C ASP C 88 18.73 -18.10 -24.59
N TYR C 89 17.84 -19.03 -24.29
CA TYR C 89 16.43 -18.94 -24.66
C TYR C 89 15.83 -17.62 -24.16
N TYR C 90 16.14 -17.26 -22.92
CA TYR C 90 15.63 -16.03 -22.34
C TYR C 90 16.40 -14.79 -22.80
N GLU C 91 17.72 -14.89 -22.86
CA GLU C 91 18.53 -13.75 -23.30
C GLU C 91 18.13 -13.39 -24.73
N SER C 92 17.80 -14.41 -25.51
CA SER C 92 17.38 -14.20 -26.89
C SER C 92 16.10 -13.38 -26.91
N MSE C 93 15.25 -13.56 -25.92
CA MSE C 93 14.00 -12.80 -25.82
C MSE C 93 14.27 -11.41 -25.27
O MSE C 93 13.39 -10.55 -25.33
CB MSE C 93 13.00 -13.51 -24.91
CG MSE C 93 12.65 -14.91 -25.32
SE MSE C 93 11.27 -15.60 -24.15
CE MSE C 93 9.79 -15.42 -25.36
N GLY C 94 15.47 -11.20 -24.72
CA GLY C 94 15.82 -9.91 -24.16
C GLY C 94 15.53 -9.81 -22.66
N LEU C 95 15.42 -10.96 -22.00
CA LEU C 95 15.12 -11.01 -20.57
C LEU C 95 16.29 -11.44 -19.69
N THR C 96 16.42 -10.81 -18.53
CA THR C 96 17.46 -11.13 -17.56
C THR C 96 16.82 -11.86 -16.40
N LYS C 97 15.50 -12.00 -16.46
CA LYS C 97 14.74 -12.67 -15.42
C LYS C 97 13.58 -13.46 -16.01
N ILE C 98 13.32 -14.63 -15.46
CA ILE C 98 12.23 -15.48 -15.93
C ILE C 98 10.91 -14.86 -15.46
N PRO C 99 9.92 -14.75 -16.36
CA PRO C 99 8.61 -14.17 -16.01
C PRO C 99 7.95 -14.97 -14.90
N GLU C 100 7.10 -14.32 -14.11
CA GLU C 100 6.41 -15.00 -13.02
C GLU C 100 5.13 -15.66 -13.51
N ARG C 101 4.52 -15.07 -14.54
CA ARG C 101 3.28 -15.61 -15.08
C ARG C 101 3.39 -15.75 -16.60
N GLY C 102 2.44 -16.47 -17.19
CA GLY C 102 2.47 -16.65 -18.63
C GLY C 102 3.14 -17.92 -19.11
N PRO C 103 3.18 -18.14 -20.43
CA PRO C 103 3.78 -19.33 -21.04
C PRO C 103 5.28 -19.49 -20.83
N TYR C 104 5.98 -18.39 -20.53
CA TYR C 104 7.42 -18.47 -20.32
C TYR C 104 7.77 -18.61 -18.85
N ALA C 105 6.74 -18.80 -18.02
CA ALA C 105 6.92 -18.99 -16.59
C ALA C 105 6.61 -20.47 -16.29
N ALA C 106 5.74 -21.05 -17.10
CA ALA C 106 5.36 -22.46 -16.94
C ALA C 106 6.34 -23.30 -17.73
N ILE C 107 7.56 -23.42 -17.22
CA ILE C 107 8.60 -24.16 -17.92
C ILE C 107 9.07 -25.48 -17.29
N THR C 108 8.37 -25.94 -16.25
CA THR C 108 8.73 -27.22 -15.64
C THR C 108 7.52 -28.13 -15.70
N VAL C 109 7.77 -29.41 -15.93
CA VAL C 109 6.70 -30.41 -16.02
C VAL C 109 5.95 -30.60 -14.70
N PRO C 110 4.61 -30.69 -14.76
CA PRO C 110 3.84 -30.90 -13.53
C PRO C 110 4.26 -32.28 -13.03
N GLY C 111 4.77 -32.37 -11.81
CA GLY C 111 5.21 -33.66 -11.32
C GLY C 111 4.27 -34.46 -10.41
N ILE C 112 3.17 -33.85 -9.98
CA ILE C 112 2.27 -34.54 -9.07
C ILE C 112 1.65 -35.85 -9.57
N ALA C 113 1.13 -35.86 -10.80
CA ALA C 113 0.53 -37.09 -11.32
C ALA C 113 1.52 -38.25 -11.31
N GLY C 114 2.78 -37.96 -11.65
CA GLY C 114 3.79 -39.01 -11.66
C GLY C 114 4.09 -39.55 -10.27
N SER C 115 3.99 -38.68 -9.27
CA SER C 115 4.25 -39.11 -7.90
C SER C 115 3.11 -40.01 -7.44
N TRP C 116 1.89 -39.71 -7.88
CA TRP C 116 0.75 -40.54 -7.52
C TRP C 116 0.94 -41.96 -8.07
N ASP C 117 1.47 -42.03 -9.29
CA ASP C 117 1.73 -43.30 -9.96
C ASP C 117 2.62 -44.18 -9.07
N GLU C 118 3.71 -43.60 -8.60
CA GLU C 118 4.65 -44.32 -7.73
C GLU C 118 4.01 -44.74 -6.42
N ILE C 119 3.26 -43.84 -5.80
CA ILE C 119 2.60 -44.14 -4.53
C ILE C 119 1.58 -45.27 -4.71
N PHE C 120 0.80 -45.18 -5.78
CA PHE C 120 -0.21 -46.17 -6.07
C PHE C 120 0.38 -47.57 -6.25
N ARG C 121 1.38 -47.70 -7.11
CA ARG C 121 2.00 -49.00 -7.35
C ARG C 121 2.71 -49.61 -6.15
N LYS C 122 3.32 -48.77 -5.33
CA LYS C 122 4.06 -49.24 -4.16
C LYS C 122 3.26 -49.41 -2.86
N PHE C 123 2.22 -48.60 -2.67
CA PHE C 123 1.48 -48.65 -1.41
C PHE C 123 -0.03 -48.87 -1.44
N ALA C 124 -0.67 -48.54 -2.56
CA ALA C 124 -2.13 -48.66 -2.67
C ALA C 124 -2.67 -50.08 -2.68
N THR C 125 -3.95 -50.19 -2.35
CA THR C 125 -4.62 -51.49 -2.32
C THR C 125 -5.97 -51.43 -3.05
N MSE C 126 -6.48 -50.22 -3.25
CA MSE C 126 -7.76 -50.06 -3.94
C MSE C 126 -7.64 -49.72 -5.42
O MSE C 126 -6.57 -49.36 -5.90
CB MSE C 126 -8.58 -48.98 -3.23
CG MSE C 126 -9.18 -49.44 -1.92
SE MSE C 126 -10.14 -48.03 -1.02
CE MSE C 126 -10.75 -47.03 -2.55
N ASP C 127 -8.75 -49.85 -6.13
CA ASP C 127 -8.80 -49.54 -7.55
C ASP C 127 -8.69 -48.04 -7.71
N ILE C 128 -7.98 -47.60 -8.74
CA ILE C 128 -7.78 -46.17 -8.98
C ILE C 128 -9.12 -45.44 -9.12
N ALA C 129 -10.13 -46.12 -9.68
CA ALA C 129 -11.44 -45.50 -9.86
C ALA C 129 -12.09 -45.11 -8.53
N ASP C 130 -11.90 -45.94 -7.51
CA ASP C 130 -12.49 -45.64 -6.20
C ASP C 130 -11.71 -44.55 -5.48
N ILE C 131 -10.40 -44.51 -5.69
CA ILE C 131 -9.57 -43.49 -5.08
C ILE C 131 -9.87 -42.11 -5.66
N LEU C 132 -10.14 -42.06 -6.96
CA LEU C 132 -10.42 -40.80 -7.63
C LEU C 132 -11.88 -40.37 -7.72
N GLU C 133 -12.81 -41.25 -7.35
CA GLU C 133 -14.24 -40.91 -7.44
C GLU C 133 -14.62 -39.63 -6.70
N PRO C 134 -14.11 -39.42 -5.48
CA PRO C 134 -14.45 -38.20 -4.74
C PRO C 134 -14.03 -36.93 -5.48
N ALA C 135 -12.81 -36.93 -6.01
CA ALA C 135 -12.33 -35.76 -6.74
C ALA C 135 -13.17 -35.52 -8.00
N ILE C 136 -13.47 -36.58 -8.73
CA ILE C 136 -14.26 -36.47 -9.95
C ILE C 136 -15.65 -35.92 -9.62
N ARG C 137 -16.29 -36.49 -8.61
CA ARG C 137 -17.61 -36.05 -8.19
C ARG C 137 -17.63 -34.60 -7.76
N THR C 138 -16.67 -34.22 -6.92
CA THR C 138 -16.60 -32.86 -6.42
C THR C 138 -16.32 -31.84 -7.52
N ALA C 139 -15.52 -32.23 -8.51
CA ALA C 139 -15.21 -31.33 -9.61
C ALA C 139 -16.42 -31.15 -10.53
N SER C 140 -17.14 -32.23 -10.80
CA SER C 140 -18.30 -32.15 -11.68
C SER C 140 -19.55 -31.60 -11.00
N ALA C 141 -19.84 -32.07 -9.79
CA ALA C 141 -21.00 -31.58 -9.06
C ALA C 141 -20.75 -30.18 -8.48
N GLY C 142 -19.49 -29.91 -8.15
CA GLY C 142 -19.15 -28.62 -7.59
C GLY C 142 -19.28 -28.55 -6.08
N PHE C 143 -18.79 -27.47 -5.49
CA PHE C 143 -18.84 -27.28 -4.04
C PHE C 143 -18.92 -25.78 -3.75
N PRO C 144 -19.51 -25.41 -2.61
CA PRO C 144 -19.63 -23.99 -2.25
C PRO C 144 -18.26 -23.53 -1.76
N ILE C 145 -17.68 -22.52 -2.40
CA ILE C 145 -16.35 -22.06 -1.98
C ILE C 145 -16.37 -21.28 -0.67
N THR C 146 -15.24 -21.32 0.03
CA THR C 146 -15.10 -20.62 1.31
C THR C 146 -14.69 -19.19 1.03
N GLN C 147 -14.67 -18.38 2.09
CA GLN C 147 -14.28 -16.98 1.95
C GLN C 147 -12.81 -16.87 1.57
N ASN C 148 -11.99 -17.76 2.13
CA ASN C 148 -10.56 -17.76 1.84
C ASN C 148 -10.31 -18.11 0.37
N TYR C 149 -11.07 -19.06 -0.16
CA TYR C 149 -10.92 -19.45 -1.56
C TYR C 149 -11.34 -18.27 -2.43
N SER C 150 -12.48 -17.67 -2.09
CA SER C 150 -12.98 -16.51 -2.82
C SER C 150 -11.91 -15.42 -2.86
N ASP C 151 -11.29 -15.17 -1.71
CA ASP C 151 -10.26 -14.14 -1.63
C ASP C 151 -9.07 -14.48 -2.53
N SER C 152 -8.74 -15.76 -2.61
CA SER C 152 -7.62 -16.18 -3.45
C SER C 152 -7.89 -15.79 -4.90
N ILE C 153 -9.13 -15.98 -5.34
CA ILE C 153 -9.48 -15.62 -6.70
C ILE C 153 -9.34 -14.11 -6.89
N ALA C 154 -9.87 -13.33 -5.95
CA ALA C 154 -9.80 -11.88 -6.05
C ALA C 154 -8.34 -11.41 -6.13
N ARG C 155 -7.48 -11.97 -5.31
CA ARG C 155 -6.07 -11.58 -5.31
C ARG C 155 -5.33 -11.99 -6.58
N SER C 156 -5.83 -13.02 -7.26
CA SER C 156 -5.20 -13.49 -8.50
C SER C 156 -5.68 -12.77 -9.75
N ALA C 157 -6.92 -12.26 -9.72
CA ALA C 157 -7.48 -11.58 -10.87
C ALA C 157 -6.53 -10.57 -11.51
N PRO C 158 -5.88 -9.72 -10.70
CA PRO C 158 -4.94 -8.72 -11.22
C PRO C 158 -3.69 -9.26 -11.91
N VAL C 159 -3.29 -10.49 -11.62
CA VAL C 159 -2.08 -11.05 -12.23
C VAL C 159 -2.28 -12.12 -13.30
N ILE C 160 -3.41 -12.81 -13.28
CA ILE C 160 -3.67 -13.84 -14.28
C ILE C 160 -5.08 -13.75 -14.85
N GLY C 161 -5.81 -12.70 -14.47
CA GLY C 161 -7.16 -12.52 -14.96
C GLY C 161 -7.25 -12.32 -16.46
N GLN C 162 -6.13 -12.00 -17.11
CA GLN C 162 -6.13 -11.79 -18.55
C GLN C 162 -6.09 -13.11 -19.34
N TYR C 163 -5.87 -14.23 -18.66
CA TYR C 163 -5.83 -15.52 -19.33
C TYR C 163 -7.22 -16.14 -19.36
N ARG C 164 -7.80 -16.21 -20.56
CA ARG C 164 -9.15 -16.76 -20.70
C ARG C 164 -9.32 -18.16 -20.15
N GLY C 165 -8.29 -19.00 -20.28
CA GLY C 165 -8.39 -20.36 -19.79
C GLY C 165 -8.63 -20.39 -18.29
N TRP C 166 -8.11 -19.38 -17.59
CA TRP C 166 -8.25 -19.29 -16.14
C TRP C 166 -9.53 -18.55 -15.73
N SER C 167 -9.75 -17.38 -16.30
CA SER C 167 -10.94 -16.58 -15.95
C SER C 167 -12.25 -17.27 -16.28
N SER C 168 -12.29 -18.03 -17.37
CA SER C 168 -13.51 -18.72 -17.76
C SER C 168 -13.91 -19.76 -16.72
N ILE C 169 -12.95 -20.22 -15.92
CA ILE C 169 -13.23 -21.22 -14.89
C ILE C 169 -13.49 -20.60 -13.51
N PHE C 170 -12.56 -19.77 -13.07
CA PHE C 170 -12.66 -19.16 -11.74
C PHE C 170 -13.42 -17.84 -11.62
N MSE C 171 -13.74 -17.24 -12.76
CA MSE C 171 -14.50 -15.99 -12.80
C MSE C 171 -15.46 -16.11 -13.99
O MSE C 171 -15.52 -15.23 -14.85
CB MSE C 171 -13.57 -14.79 -13.00
CG MSE C 171 -12.69 -14.47 -11.80
SE MSE C 171 -11.49 -12.98 -12.11
CE MSE C 171 -12.74 -11.52 -11.87
N PRO C 172 -16.23 -17.21 -14.04
CA PRO C 172 -17.18 -17.52 -15.11
C PRO C 172 -18.17 -16.42 -15.49
N ASN C 173 -18.59 -15.64 -14.50
CA ASN C 173 -19.57 -14.58 -14.75
C ASN C 173 -18.89 -13.22 -14.91
N GLY C 174 -17.58 -13.23 -15.07
CA GLY C 174 -16.84 -12.00 -15.25
C GLY C 174 -16.49 -11.31 -13.94
N SER C 175 -16.89 -11.89 -12.82
CA SER C 175 -16.61 -11.30 -11.53
C SER C 175 -16.04 -12.35 -10.56
N VAL C 176 -15.58 -11.90 -9.41
CA VAL C 176 -15.02 -12.81 -8.42
C VAL C 176 -16.17 -13.51 -7.68
N PRO C 177 -16.24 -14.84 -7.75
CA PRO C 177 -17.31 -15.59 -7.07
C PRO C 177 -17.21 -15.31 -5.57
N VAL C 178 -18.36 -15.09 -4.92
CA VAL C 178 -18.37 -14.82 -3.48
C VAL C 178 -18.48 -16.12 -2.69
N ALA C 179 -18.17 -16.05 -1.40
CA ALA C 179 -18.24 -17.23 -0.55
C ALA C 179 -19.63 -17.84 -0.65
N GLY C 180 -19.69 -19.16 -0.77
CA GLY C 180 -20.97 -19.82 -0.87
C GLY C 180 -21.40 -20.17 -2.29
N GLU C 181 -20.83 -19.46 -3.27
CA GLU C 181 -21.16 -19.76 -4.66
C GLU C 181 -20.62 -21.14 -5.03
N ILE C 182 -21.34 -21.85 -5.88
CA ILE C 182 -20.94 -23.18 -6.30
C ILE C 182 -19.97 -23.17 -7.46
N LEU C 183 -18.75 -23.65 -7.23
CA LEU C 183 -17.74 -23.70 -8.27
C LEU C 183 -17.72 -25.08 -8.93
N LYS C 184 -18.03 -25.12 -10.23
CA LYS C 184 -18.01 -26.38 -10.98
C LYS C 184 -16.80 -26.38 -11.89
N GLN C 185 -16.16 -27.54 -12.01
CA GLN C 185 -14.96 -27.67 -12.83
C GLN C 185 -15.06 -28.92 -13.71
N PRO C 186 -15.89 -28.86 -14.77
CA PRO C 186 -16.11 -29.97 -15.70
C PRO C 186 -14.86 -30.48 -16.42
N ASP C 187 -13.99 -29.58 -16.86
CA ASP C 187 -12.77 -30.01 -17.54
C ASP C 187 -11.85 -30.76 -16.59
N LEU C 188 -11.72 -30.24 -15.36
CA LEU C 188 -10.87 -30.88 -14.36
C LEU C 188 -11.40 -32.28 -14.07
N ALA C 189 -12.72 -32.41 -13.99
CA ALA C 189 -13.33 -33.71 -13.72
C ALA C 189 -12.95 -34.71 -14.81
N GLU C 190 -13.00 -34.27 -16.07
CA GLU C 190 -12.66 -35.13 -17.19
C GLU C 190 -11.19 -35.54 -17.14
N SER C 191 -10.31 -34.62 -16.78
CA SER C 191 -8.89 -34.93 -16.69
C SER C 191 -8.70 -36.03 -15.64
N PHE C 192 -9.48 -35.99 -14.56
CA PHE C 192 -9.38 -37.01 -13.53
C PHE C 192 -9.93 -38.35 -14.04
N ARG C 193 -11.03 -38.29 -14.80
CA ARG C 193 -11.61 -39.52 -15.35
C ARG C 193 -10.61 -40.22 -16.27
N LEU C 194 -9.87 -39.43 -17.04
CA LEU C 194 -8.90 -40.00 -17.97
C LEU C 194 -7.82 -40.78 -17.23
N MSE C 195 -7.31 -40.25 -16.13
CA MSE C 195 -6.29 -40.96 -15.38
C MSE C 195 -6.93 -42.18 -14.70
O MSE C 195 -6.28 -43.20 -14.52
CB MSE C 195 -5.64 -40.05 -14.33
CG MSE C 195 -4.74 -39.00 -14.95
SE MSE C 195 -3.82 -37.90 -13.65
CE MSE C 195 -5.32 -36.83 -13.06
N SER C 196 -8.20 -42.05 -14.35
CA SER C 196 -8.92 -43.14 -13.72
C SER C 196 -9.04 -44.29 -14.72
N GLU C 197 -9.27 -43.94 -15.98
CA GLU C 197 -9.43 -44.94 -17.03
C GLU C 197 -8.12 -45.46 -17.61
N GLU C 198 -7.12 -44.59 -17.75
CA GLU C 198 -5.85 -44.99 -18.34
C GLU C 198 -4.68 -45.07 -17.35
N GLY C 199 -4.90 -44.64 -16.12
CA GLY C 199 -3.83 -44.67 -15.14
C GLY C 199 -3.19 -43.32 -14.94
N PHE C 200 -2.60 -43.12 -13.76
CA PHE C 200 -1.95 -41.85 -13.42
C PHE C 200 -0.91 -41.41 -14.43
N ARG C 201 -0.13 -42.37 -14.91
CA ARG C 201 0.94 -42.10 -15.87
C ARG C 201 0.45 -41.55 -17.21
N SER C 202 -0.81 -41.79 -17.55
CA SER C 202 -1.36 -41.32 -18.82
C SER C 202 -1.27 -39.80 -18.95
N PHE C 203 -1.07 -39.12 -17.82
CA PHE C 203 -0.92 -37.67 -17.80
C PHE C 203 0.30 -37.32 -18.64
N TYR C 204 1.25 -38.24 -18.69
CA TYR C 204 2.50 -38.01 -19.43
C TYR C 204 2.65 -38.79 -20.73
N ASP C 205 1.99 -39.93 -20.87
CA ASP C 205 2.13 -40.71 -22.09
C ASP C 205 0.85 -41.32 -22.63
N GLY C 206 -0.30 -40.78 -22.21
CA GLY C 206 -1.57 -41.29 -22.67
C GLY C 206 -2.44 -40.22 -23.31
N SER C 207 -3.75 -40.44 -23.25
CA SER C 207 -4.70 -39.49 -23.82
C SER C 207 -4.57 -38.10 -23.21
N LEU C 208 -4.51 -38.02 -21.89
CA LEU C 208 -4.40 -36.73 -21.21
C LEU C 208 -3.15 -35.96 -21.67
N ALA C 209 -2.03 -36.66 -21.80
CA ALA C 209 -0.81 -36.00 -22.25
C ALA C 209 -1.01 -35.32 -23.61
N ASP C 210 -1.66 -36.01 -24.54
CA ASP C 210 -1.91 -35.45 -25.88
C ASP C 210 -2.80 -34.22 -25.79
N ILE C 211 -3.79 -34.28 -24.91
CA ILE C 211 -4.72 -33.17 -24.71
C ILE C 211 -3.98 -31.95 -24.16
N ILE C 212 -3.08 -32.20 -23.22
CA ILE C 212 -2.29 -31.12 -22.61
C ILE C 212 -1.44 -30.40 -23.65
N ILE C 213 -0.67 -31.15 -24.43
CA ILE C 213 0.20 -30.55 -25.42
C ILE C 213 -0.60 -29.83 -26.50
N ALA C 214 -1.65 -30.48 -27.00
CA ALA C 214 -2.49 -29.86 -28.02
C ALA C 214 -3.13 -28.61 -27.44
N GLY C 215 -3.47 -28.67 -26.16
CA GLY C 215 -4.11 -27.54 -25.49
C GLY C 215 -3.20 -26.34 -25.24
N LEU C 216 -1.93 -26.47 -25.55
CA LEU C 216 -0.99 -25.36 -25.36
C LEU C 216 -0.62 -24.71 -26.68
N GLU C 217 -1.11 -25.27 -27.77
CA GLU C 217 -0.82 -24.73 -29.10
C GLU C 217 -1.21 -23.27 -29.19
N GLY C 218 -0.29 -22.43 -29.64
CA GLY C 218 -0.57 -21.02 -29.78
C GLY C 218 -0.17 -20.16 -28.59
N THR C 219 0.06 -20.78 -27.44
CA THR C 219 0.44 -20.04 -26.24
C THR C 219 1.91 -19.66 -26.25
N GLY C 220 2.71 -20.42 -27.00
CA GLY C 220 4.12 -20.16 -27.05
C GLY C 220 4.88 -20.97 -26.00
N SER C 221 4.14 -21.80 -25.27
CA SER C 221 4.74 -22.64 -24.23
C SER C 221 5.80 -23.56 -24.80
N PRO C 222 6.94 -23.68 -24.09
CA PRO C 222 8.02 -24.55 -24.57
C PRO C 222 7.82 -26.04 -24.24
N LEU C 223 6.85 -26.33 -23.38
CA LEU C 223 6.58 -27.71 -22.98
C LEU C 223 6.23 -28.62 -24.14
N SER C 224 6.93 -29.74 -24.26
CA SER C 224 6.70 -30.68 -25.35
C SER C 224 6.25 -32.04 -24.86
N ASP C 225 5.83 -32.89 -25.81
CA ASP C 225 5.39 -34.24 -25.50
C ASP C 225 6.55 -35.02 -24.90
N ARG C 226 7.75 -34.75 -25.39
CA ARG C 226 8.96 -35.41 -24.89
C ARG C 226 9.25 -35.02 -23.44
N ASP C 227 9.07 -33.74 -23.12
CA ASP C 227 9.30 -33.29 -21.74
C ASP C 227 8.42 -34.08 -20.77
N LEU C 228 7.16 -34.31 -21.16
CA LEU C 228 6.24 -35.06 -20.31
C LEU C 228 6.68 -36.51 -20.16
N ARG C 229 7.01 -37.15 -21.27
CA ARG C 229 7.42 -38.55 -21.26
C ARG C 229 8.65 -38.85 -20.41
N VAL C 230 9.64 -37.97 -20.45
CA VAL C 230 10.86 -38.22 -19.69
C VAL C 230 10.76 -37.88 -18.20
N TYR C 231 9.66 -37.25 -17.78
CA TYR C 231 9.52 -36.92 -16.37
C TYR C 231 9.34 -38.16 -15.52
N ARG C 232 10.07 -38.22 -14.41
CA ARG C 232 9.98 -39.32 -13.46
C ARG C 232 10.28 -38.75 -12.08
N PRO C 233 9.44 -39.03 -11.10
CA PRO C 233 9.73 -38.51 -9.77
C PRO C 233 11.01 -39.17 -9.28
N LEU C 234 11.74 -38.47 -8.41
CA LEU C 234 12.99 -39.01 -7.86
C LEU C 234 12.67 -39.72 -6.55
N ILE C 235 13.05 -40.99 -6.48
CA ILE C 235 12.79 -41.79 -5.30
C ILE C 235 14.09 -42.15 -4.59
N GLY C 236 14.12 -41.91 -3.28
CA GLY C 236 15.30 -42.20 -2.51
C GLY C 236 15.01 -42.20 -1.02
N LYS C 237 16.04 -41.94 -0.23
CA LYS C 237 15.94 -41.91 1.21
C LYS C 237 15.92 -40.47 1.72
N PRO C 238 15.27 -40.23 2.86
CA PRO C 238 15.21 -38.88 3.42
C PRO C 238 16.52 -38.47 4.10
N VAL C 239 16.70 -37.16 4.30
CA VAL C 239 17.87 -36.69 5.01
C VAL C 239 17.42 -36.64 6.46
N PHE C 240 18.35 -36.65 7.40
CA PHE C 240 17.95 -36.65 8.80
C PHE C 240 19.09 -36.30 9.75
N THR C 241 18.73 -36.10 11.01
CA THR C 241 19.70 -35.80 12.06
C THR C 241 19.11 -36.29 13.37
N ASP C 242 19.97 -36.80 14.24
CA ASP C 242 19.51 -37.30 15.53
C ASP C 242 19.66 -36.27 16.64
N LEU C 243 18.65 -36.19 17.49
CA LEU C 243 18.66 -35.28 18.62
C LEU C 243 18.17 -36.12 19.78
N ASP C 244 19.09 -36.56 20.63
CA ASP C 244 18.74 -37.40 21.77
C ASP C 244 18.09 -38.66 21.21
N GLU C 245 16.93 -39.05 21.74
CA GLU C 245 16.26 -40.25 21.23
C GLU C 245 15.42 -39.95 20.00
N PHE C 246 15.51 -38.72 19.49
CA PHE C 246 14.76 -38.32 18.32
C PHE C 246 15.56 -38.30 17.02
N ARG C 247 14.89 -38.64 15.93
CA ARG C 247 15.49 -38.58 14.60
C ARG C 247 14.52 -37.76 13.76
N ILE C 248 14.98 -36.62 13.29
CA ILE C 248 14.17 -35.71 12.48
C ILE C 248 14.48 -35.90 10.99
N TYR C 249 13.43 -36.19 10.22
CA TYR C 249 13.56 -36.43 8.78
C TYR C 249 13.00 -35.30 7.93
N GLU C 250 13.59 -35.11 6.75
CA GLU C 250 13.14 -34.11 5.80
C GLU C 250 13.34 -34.64 4.38
N THR C 251 12.57 -34.09 3.44
CA THR C 251 12.67 -34.44 2.03
C THR C 251 14.03 -33.93 1.55
N SER C 252 14.74 -34.73 0.76
CA SER C 252 16.08 -34.41 0.27
C SER C 252 16.21 -33.32 -0.78
N PRO C 253 17.32 -32.61 -1.38
CA PRO C 253 17.31 -31.68 -2.52
C PRO C 253 16.79 -32.34 -3.81
N ASN C 254 16.22 -31.52 -4.51
CA ASN C 254 16.14 -30.08 -4.71
C ASN C 254 15.16 -29.45 -3.73
N SER C 255 14.48 -30.07 -2.68
CA SER C 255 13.64 -29.55 -1.60
C SER C 255 14.56 -28.83 -0.63
N GLN C 256 14.06 -27.78 0.01
CA GLN C 256 14.85 -27.03 0.97
C GLN C 256 14.73 -27.62 2.38
N GLY C 257 14.14 -28.81 2.48
CA GLY C 257 13.97 -29.43 3.79
C GLY C 257 15.21 -29.58 4.65
N ILE C 258 16.35 -29.86 4.05
CA ILE C 258 17.57 -30.05 4.80
C ILE C 258 17.94 -28.81 5.62
N THR C 259 17.37 -27.66 5.26
CA THR C 259 17.64 -26.43 5.99
C THR C 259 17.25 -26.59 7.46
N VAL C 260 16.15 -27.31 7.70
CA VAL C 260 15.68 -27.55 9.06
C VAL C 260 16.68 -28.44 9.80
N ILE C 261 17.24 -29.43 9.11
CA ILE C 261 18.22 -30.34 9.71
C ILE C 261 19.47 -29.57 10.17
N GLU C 262 19.97 -28.70 9.28
CA GLU C 262 21.15 -27.90 9.56
C GLU C 262 20.88 -26.97 10.74
N TRP C 263 19.69 -26.40 10.77
CA TRP C 263 19.27 -25.49 11.82
C TRP C 263 19.32 -26.22 13.17
N ILE C 264 18.72 -27.41 13.21
CA ILE C 264 18.71 -28.22 14.42
C ILE C 264 20.14 -28.50 14.90
N ARG C 265 21.01 -28.86 13.98
CA ARG C 265 22.40 -29.13 14.32
C ARG C 265 23.04 -27.86 14.87
N GLY C 266 22.67 -26.71 14.28
CA GLY C 266 23.21 -25.44 14.75
C GLY C 266 22.81 -25.17 16.19
N MSE C 267 21.54 -25.40 16.50
CA MSE C 267 21.02 -25.20 17.85
C MSE C 267 21.72 -26.12 18.83
O MSE C 267 22.03 -25.73 19.95
CB MSE C 267 19.52 -25.48 17.88
CG MSE C 267 18.67 -24.43 17.19
SE MSE C 267 18.64 -22.77 18.19
CE MSE C 267 17.37 -23.31 19.54
N GLU C 268 21.95 -27.35 18.39
CA GLU C 268 22.61 -28.35 19.21
C GLU C 268 24.04 -27.93 19.53
N SER C 269 24.66 -27.19 18.63
CA SER C 269 26.03 -26.73 18.85
C SER C 269 26.02 -25.61 19.88
N HIS C 270 24.84 -25.05 20.14
CA HIS C 270 24.70 -23.97 21.11
C HIS C 270 24.29 -24.49 22.49
N GLY C 271 24.32 -25.81 22.66
CA GLY C 271 23.97 -26.39 23.95
C GLY C 271 22.51 -26.73 24.16
N TYR C 272 21.71 -26.69 23.11
CA TYR C 272 20.29 -27.01 23.25
C TYR C 272 20.04 -28.46 22.86
N ASP C 273 18.99 -29.04 23.43
CA ASP C 273 18.60 -30.41 23.12
C ASP C 273 17.08 -30.47 22.93
N SER C 274 16.56 -31.68 22.72
CA SER C 274 15.13 -31.87 22.51
C SER C 274 14.27 -31.39 23.68
N ARG C 275 14.89 -31.21 24.83
CA ARG C 275 14.19 -30.77 26.04
C ARG C 275 14.23 -29.28 26.30
N THR C 276 15.19 -28.58 25.71
CA THR C 276 15.34 -27.15 25.96
C THR C 276 15.13 -26.20 24.79
N MSE C 277 15.07 -26.72 23.57
CA MSE C 277 14.89 -25.83 22.43
C MSE C 277 13.60 -25.00 22.48
O MSE C 277 13.58 -23.86 22.03
CB MSE C 277 14.92 -26.63 21.12
CG MSE C 277 16.31 -26.85 20.59
SE MSE C 277 16.36 -27.78 18.91
CE MSE C 277 17.90 -28.91 19.23
N TRP C 278 12.54 -25.56 23.06
CA TRP C 278 11.26 -24.86 23.16
C TRP C 278 11.36 -23.53 23.89
N GLU C 279 12.39 -23.35 24.72
CA GLU C 279 12.54 -22.09 25.44
C GLU C 279 13.90 -21.44 25.18
N ALA C 280 14.52 -21.81 24.07
CA ALA C 280 15.83 -21.27 23.69
C ALA C 280 15.80 -19.76 23.49
N LYS C 281 16.97 -19.13 23.65
CA LYS C 281 17.10 -17.70 23.46
C LYS C 281 16.77 -17.36 22.02
N ILE C 282 15.91 -16.37 21.81
CA ILE C 282 15.51 -15.97 20.48
C ILE C 282 16.69 -15.57 19.59
N GLU C 283 17.67 -14.87 20.16
CA GLU C 283 18.84 -14.47 19.38
C GLU C 283 19.58 -15.71 18.87
N ASP C 284 19.56 -16.79 19.64
CA ASP C 284 20.22 -18.03 19.24
C ASP C 284 19.44 -18.67 18.12
N ILE C 285 18.11 -18.60 18.21
CA ILE C 285 17.23 -19.17 17.21
C ILE C 285 17.47 -18.47 15.86
N PHE C 286 17.57 -17.15 15.89
CA PHE C 286 17.80 -16.38 14.67
C PHE C 286 19.21 -16.53 14.13
N GLU C 287 20.19 -16.65 15.03
CA GLU C 287 21.57 -16.79 14.58
C GLU C 287 21.75 -18.10 13.82
N THR C 288 21.33 -19.20 14.42
CA THR C 288 21.45 -20.50 13.78
C THR C 288 20.59 -20.60 12.52
N MSE C 289 19.50 -19.84 12.49
CA MSE C 289 18.61 -19.86 11.34
C MSE C 289 19.28 -19.28 10.10
O MSE C 289 19.32 -19.93 9.05
CB MSE C 289 17.33 -19.07 11.65
CG MSE C 289 16.29 -19.08 10.53
SE MSE C 289 16.57 -17.68 9.24
CE MSE C 289 15.94 -16.19 10.30
N GLU C 290 19.80 -18.06 10.23
CA GLU C 290 20.46 -17.41 9.11
C GLU C 290 21.66 -18.21 8.64
N GLU C 291 22.29 -18.93 9.56
CA GLU C 291 23.44 -19.76 9.21
C GLU C 291 22.94 -20.89 8.31
N ALA C 292 21.84 -21.51 8.72
CA ALA C 292 21.25 -22.60 7.94
C ALA C 292 20.76 -22.09 6.59
N TYR C 293 20.14 -20.91 6.59
CA TYR C 293 19.65 -20.32 5.35
C TYR C 293 20.80 -19.98 4.42
N ASP C 294 21.96 -19.72 5.00
CA ASP C 294 23.15 -19.39 4.21
C ASP C 294 23.54 -20.64 3.40
N LYS C 295 23.51 -21.79 4.05
CA LYS C 295 23.84 -23.06 3.40
C LYS C 295 22.76 -23.40 2.37
N ARG C 296 21.56 -22.89 2.61
CA ARG C 296 20.43 -23.12 1.73
C ARG C 296 20.69 -22.62 0.31
N ARG C 297 21.58 -21.64 0.18
CA ARG C 297 21.93 -21.05 -1.11
C ARG C 297 22.51 -22.03 -2.12
N LYS C 298 23.03 -23.16 -1.64
CA LYS C 298 23.65 -24.15 -2.53
C LYS C 298 22.72 -25.27 -2.99
N ILE C 299 21.50 -25.31 -2.45
CA ILE C 299 20.56 -26.35 -2.81
C ILE C 299 19.98 -26.16 -4.21
N THR C 300 19.90 -27.25 -4.96
CA THR C 300 19.35 -27.21 -6.31
C THR C 300 19.18 -28.65 -6.77
N ASP C 301 19.03 -28.84 -8.07
CA ASP C 301 18.89 -30.18 -8.64
C ASP C 301 20.00 -31.02 -8.01
N PRO C 302 19.64 -32.14 -7.36
CA PRO C 302 20.65 -33.00 -6.70
C PRO C 302 21.76 -33.53 -7.60
N SER C 303 21.49 -33.69 -8.88
CA SER C 303 22.51 -34.20 -9.79
C SER C 303 23.47 -33.08 -10.19
N TYR C 304 23.20 -31.87 -9.73
CA TYR C 304 24.05 -30.71 -10.00
C TYR C 304 24.80 -30.30 -8.75
N MSE C 305 24.63 -31.07 -7.68
CA MSE C 305 25.29 -30.77 -6.41
C MSE C 305 26.47 -31.69 -6.15
O MSE C 305 26.52 -32.83 -6.65
CB MSE C 305 24.29 -30.88 -5.26
CG MSE C 305 23.14 -29.88 -5.32
SE MSE C 305 21.90 -30.10 -3.85
CE MSE C 305 23.03 -29.44 -2.42
N ASN C 306 27.43 -31.20 -5.38
CA ASN C 306 28.62 -31.99 -5.04
C ASN C 306 29.37 -32.44 -6.28
N GLY C 319 27.51 -9.11 -1.93
CA GLY C 319 26.38 -8.52 -1.22
C GLY C 319 25.06 -8.81 -1.92
N LEU C 320 24.18 -9.53 -1.23
CA LEU C 320 22.86 -9.87 -1.77
C LEU C 320 21.85 -8.79 -1.45
N PRO C 321 20.95 -8.47 -2.40
CA PRO C 321 19.95 -7.44 -2.13
C PRO C 321 19.02 -7.86 -0.99
N LYS C 322 18.57 -6.90 -0.20
CA LYS C 322 17.70 -7.18 0.93
C LYS C 322 16.24 -7.38 0.52
N ARG C 323 15.57 -8.31 1.18
CA ARG C 323 14.16 -8.59 0.90
C ARG C 323 13.31 -7.42 1.40
N ASP C 324 12.39 -6.96 0.56
CA ASP C 324 11.53 -5.85 0.94
C ASP C 324 10.06 -6.16 0.68
N HIS C 325 9.66 -7.39 0.99
CA HIS C 325 8.28 -7.84 0.80
C HIS C 325 8.06 -9.11 1.61
N ASN C 326 6.81 -9.46 1.89
CA ASN C 326 6.56 -10.66 2.65
C ASN C 326 6.70 -11.90 1.78
N ASP C 327 6.68 -13.06 2.42
CA ASP C 327 6.85 -14.33 1.72
C ASP C 327 5.96 -14.55 0.51
N ILE C 328 6.51 -15.27 -0.47
CA ILE C 328 5.78 -15.61 -1.68
C ILE C 328 5.80 -17.12 -1.80
N GLY C 329 4.61 -17.72 -1.81
CA GLY C 329 4.53 -19.16 -1.91
C GLY C 329 3.25 -19.70 -1.31
N ASP C 330 2.44 -20.34 -2.14
CA ASP C 330 1.19 -20.91 -1.70
C ASP C 330 1.29 -22.43 -1.83
N THR C 331 0.84 -23.12 -0.81
CA THR C 331 0.95 -24.57 -0.79
C THR C 331 -0.10 -25.15 0.12
N THR C 332 -0.29 -26.45 0.01
CA THR C 332 -1.19 -27.15 0.90
C THR C 332 -0.45 -28.41 1.34
N TYR C 333 -0.39 -28.60 2.65
CA TYR C 333 0.28 -29.75 3.24
C TYR C 333 -0.71 -30.57 4.05
N PHE C 334 -0.57 -31.89 4.00
CA PHE C 334 -1.47 -32.73 4.78
C PHE C 334 -0.70 -33.91 5.35
N SER C 335 -1.22 -34.43 6.45
CA SER C 335 -0.58 -35.55 7.12
C SER C 335 -1.59 -36.60 7.53
N ILE C 336 -1.17 -37.86 7.47
CA ILE C 336 -2.01 -38.97 7.87
C ILE C 336 -1.11 -39.97 8.59
N SER C 337 -1.58 -40.48 9.72
CA SER C 337 -0.81 -41.47 10.48
C SER C 337 -1.80 -42.45 11.09
N ASP C 338 -1.33 -43.67 11.36
CA ASP C 338 -2.17 -44.66 12.01
C ASP C 338 -1.45 -45.24 13.21
N SER C 339 -2.19 -45.92 14.07
CA SER C 339 -1.65 -46.50 15.29
C SER C 339 -0.49 -47.47 15.11
N GLU C 340 -0.31 -47.99 13.90
CA GLU C 340 0.76 -48.93 13.64
C GLU C 340 2.04 -48.27 13.16
N GLY C 341 2.03 -46.94 13.09
CA GLY C 341 3.23 -46.23 12.68
C GLY C 341 3.30 -45.86 11.21
N ARG C 342 2.29 -46.23 10.42
CA ARG C 342 2.31 -45.86 9.01
C ARG C 342 2.08 -44.35 8.99
N SER C 343 2.63 -43.66 8.00
CA SER C 343 2.43 -42.23 7.95
C SER C 343 2.84 -41.63 6.62
N VAL C 344 2.22 -40.49 6.30
CA VAL C 344 2.56 -39.76 5.09
C VAL C 344 2.66 -38.31 5.51
N SER C 345 3.62 -37.61 4.93
CA SER C 345 3.82 -36.19 5.19
C SER C 345 3.92 -35.72 3.74
N ILE C 346 2.83 -35.17 3.24
CA ILE C 346 2.75 -34.75 1.84
C ILE C 346 2.44 -33.28 1.63
N ILE C 347 3.13 -32.69 0.66
CA ILE C 347 2.94 -31.27 0.36
C ILE C 347 2.91 -31.08 -1.16
N GLN C 348 2.04 -30.20 -1.63
CA GLN C 348 1.89 -29.96 -3.06
C GLN C 348 1.61 -28.48 -3.36
N SER C 349 2.01 -28.01 -4.53
CA SER C 349 1.84 -26.59 -4.85
C SER C 349 2.11 -26.24 -6.32
N ASN C 350 1.66 -25.05 -6.73
CA ASN C 350 1.86 -24.54 -8.09
C ASN C 350 2.93 -23.45 -7.99
N TYR C 351 3.35 -23.20 -6.75
CA TYR C 351 4.30 -22.16 -6.34
C TYR C 351 3.52 -20.90 -5.98
N MSE C 352 3.26 -20.02 -6.95
CA MSE C 352 2.50 -18.81 -6.65
C MSE C 352 0.99 -18.97 -6.89
O MSE C 352 0.52 -18.93 -8.03
CB MSE C 352 3.01 -17.63 -7.48
CG MSE C 352 4.37 -17.11 -7.03
SE MSE C 352 4.88 -15.53 -8.03
CE MSE C 352 6.79 -15.82 -8.07
N GLY C 353 0.25 -19.14 -5.80
CA GLY C 353 -1.20 -19.28 -5.90
C GLY C 353 -1.69 -20.29 -6.92
N PHE C 354 -2.52 -19.83 -7.85
CA PHE C 354 -3.07 -20.67 -8.91
C PHE C 354 -2.01 -21.10 -9.93
N GLY C 355 -0.88 -20.40 -9.94
CA GLY C 355 0.18 -20.74 -10.86
C GLY C 355 0.47 -19.71 -11.95
N SER C 356 0.94 -20.20 -13.09
CA SER C 356 1.30 -19.36 -14.24
C SER C 356 0.12 -18.67 -14.90
N GLY C 357 -1.07 -19.22 -14.70
CA GLY C 357 -2.25 -18.65 -15.33
C GLY C 357 -2.57 -19.39 -16.63
N ILE C 358 -1.62 -20.20 -17.10
CA ILE C 358 -1.78 -20.97 -18.34
C ILE C 358 -2.49 -22.30 -18.13
N VAL C 359 -3.67 -22.44 -18.75
CA VAL C 359 -4.46 -23.64 -18.65
C VAL C 359 -4.50 -24.39 -19.98
N PRO C 360 -3.93 -25.60 -20.03
CA PRO C 360 -3.98 -26.32 -21.31
C PRO C 360 -5.46 -26.49 -21.64
N LYS C 361 -5.87 -26.03 -22.83
CA LYS C 361 -7.28 -26.11 -23.22
C LYS C 361 -7.98 -27.42 -22.88
N GLY C 362 -9.12 -27.31 -22.20
CA GLY C 362 -9.92 -28.47 -21.85
C GLY C 362 -9.45 -29.37 -20.73
N THR C 363 -8.40 -28.99 -20.00
CA THR C 363 -7.91 -29.85 -18.92
C THR C 363 -8.36 -29.40 -17.54
N GLY C 364 -8.74 -28.14 -17.41
CA GLY C 364 -9.19 -27.63 -16.12
C GLY C 364 -8.12 -27.37 -15.07
N PHE C 365 -6.85 -27.36 -15.45
CA PHE C 365 -5.81 -27.10 -14.46
C PHE C 365 -4.76 -26.11 -14.98
N VAL C 366 -4.18 -25.35 -14.05
CA VAL C 366 -3.18 -24.34 -14.37
C VAL C 366 -1.77 -24.90 -14.24
N LEU C 367 -0.89 -24.54 -15.18
CA LEU C 367 0.50 -24.99 -15.13
C LEU C 367 1.23 -24.17 -14.07
N GLN C 368 1.95 -24.85 -13.19
CA GLN C 368 2.68 -24.18 -12.12
C GLN C 368 3.71 -23.19 -12.68
N ASN C 369 4.11 -22.20 -11.87
CA ASN C 369 5.11 -21.23 -12.30
C ASN C 369 6.38 -21.42 -11.48
N ARG C 370 6.59 -22.65 -11.02
CA ARG C 370 7.75 -23.03 -10.21
C ARG C 370 9.09 -22.67 -10.88
N GLY C 371 9.13 -22.77 -12.21
CA GLY C 371 10.35 -22.46 -12.94
C GLY C 371 10.82 -21.03 -12.78
N SER C 372 9.93 -20.18 -12.30
CA SER C 372 10.23 -18.77 -12.09
C SER C 372 11.28 -18.58 -11.00
N TYR C 373 11.52 -19.61 -10.19
CA TYR C 373 12.52 -19.52 -9.13
C TYR C 373 13.94 -19.67 -9.68
N PHE C 374 14.07 -20.21 -10.89
CA PHE C 374 15.38 -20.39 -11.52
C PHE C 374 16.02 -19.01 -11.75
N THR C 375 17.33 -18.95 -11.73
CA THR C 375 18.01 -17.68 -12.00
C THR C 375 18.69 -17.82 -13.35
N LEU C 376 18.87 -16.70 -14.05
CA LEU C 376 19.53 -16.73 -15.34
C LEU C 376 21.02 -16.43 -15.18
N GLN C 377 21.48 -16.41 -13.93
CA GLN C 377 22.89 -16.16 -13.62
C GLN C 377 23.61 -17.49 -13.87
N ARG C 378 24.37 -17.54 -14.95
CA ARG C 378 25.08 -18.77 -15.37
C ARG C 378 25.94 -19.48 -14.33
N ASP C 379 26.62 -18.73 -13.47
CA ASP C 379 27.51 -19.32 -12.48
C ASP C 379 26.84 -19.66 -11.15
N HIS C 380 25.55 -19.38 -11.02
CA HIS C 380 24.84 -19.68 -9.78
C HIS C 380 24.48 -21.17 -9.78
N PRO C 381 24.54 -21.81 -8.60
CA PRO C 381 24.20 -23.24 -8.51
C PRO C 381 22.80 -23.54 -9.05
N ASN C 382 21.86 -22.61 -8.84
CA ASN C 382 20.50 -22.83 -9.30
C ASN C 382 20.20 -22.20 -10.65
N ALA C 383 21.23 -22.04 -11.48
CA ALA C 383 21.05 -21.48 -12.81
C ALA C 383 20.15 -22.39 -13.64
N LEU C 384 19.32 -21.80 -14.50
CA LEU C 384 18.44 -22.59 -15.34
C LEU C 384 19.28 -23.40 -16.33
N MSE C 385 18.85 -24.64 -16.59
CA MSE C 385 19.51 -25.52 -17.54
C MSE C 385 18.42 -26.43 -18.09
O MSE C 385 17.52 -26.84 -17.35
CB MSE C 385 20.57 -26.39 -16.84
CG MSE C 385 21.77 -25.63 -16.29
SE MSE C 385 22.90 -24.84 -17.66
CE MSE C 385 24.09 -26.34 -17.98
N PRO C 386 18.45 -26.75 -19.39
CA PRO C 386 17.40 -27.63 -19.89
C PRO C 386 17.37 -28.95 -19.15
N GLY C 387 16.17 -29.42 -18.80
CA GLY C 387 16.03 -30.68 -18.09
C GLY C 387 16.43 -30.66 -16.62
N LYS C 388 16.74 -29.48 -16.10
CA LYS C 388 17.15 -29.34 -14.71
C LYS C 388 16.00 -28.99 -13.77
N ARG C 389 16.16 -29.34 -12.49
CA ARG C 389 15.15 -29.03 -11.47
C ARG C 389 15.66 -27.83 -10.68
N THR C 390 14.73 -27.06 -10.13
CA THR C 390 15.11 -25.89 -9.36
C THR C 390 15.04 -26.12 -7.86
N PHE C 391 15.76 -25.28 -7.13
CA PHE C 391 15.73 -25.29 -5.68
C PHE C 391 14.22 -25.24 -5.46
N HIS C 392 13.72 -26.06 -4.54
CA HIS C 392 12.28 -26.13 -4.29
C HIS C 392 11.91 -25.75 -2.87
N THR C 393 10.96 -24.82 -2.72
CA THR C 393 10.53 -24.38 -1.39
C THR C 393 9.76 -25.46 -0.62
N LEU C 394 9.25 -26.45 -1.34
CA LEU C 394 8.49 -27.51 -0.69
C LEU C 394 9.33 -28.45 0.16
N ALA C 395 8.81 -28.80 1.33
CA ALA C 395 9.48 -29.72 2.24
C ALA C 395 8.44 -30.42 3.11
N ALA C 396 8.74 -31.65 3.51
CA ALA C 396 7.85 -32.43 4.35
C ALA C 396 8.73 -33.01 5.45
N CYS C 397 8.21 -33.00 6.66
CA CYS C 397 8.95 -33.48 7.83
C CYS C 397 8.30 -34.67 8.51
N MSE C 398 9.11 -35.41 9.25
CA MSE C 398 8.64 -36.56 10.00
C MSE C 398 9.62 -36.74 11.15
O MSE C 398 10.82 -36.52 10.99
CB MSE C 398 8.62 -37.79 9.11
CG MSE C 398 7.55 -38.81 9.49
SE MSE C 398 7.36 -40.23 8.19
CE MSE C 398 5.83 -39.57 7.19
N VAL C 399 9.11 -37.11 12.32
CA VAL C 399 9.97 -37.31 13.48
C VAL C 399 9.74 -38.69 14.11
N GLU C 400 10.83 -39.33 14.50
CA GLU C 400 10.75 -40.63 15.16
C GLU C 400 11.33 -40.48 16.55
N LYS C 401 10.82 -41.27 17.48
CA LYS C 401 11.31 -41.26 18.85
C LYS C 401 11.62 -42.71 19.17
N GLU C 402 12.88 -43.00 19.47
CA GLU C 402 13.29 -44.36 19.76
C GLU C 402 12.85 -45.30 18.63
N HIS C 403 13.07 -44.82 17.40
CA HIS C 403 12.76 -45.55 16.17
C HIS C 403 11.29 -45.67 15.77
N ASP C 404 10.38 -45.20 16.62
CA ASP C 404 8.96 -45.28 16.29
C ASP C 404 8.39 -43.92 15.89
N LEU C 405 7.30 -43.96 15.12
CA LEU C 405 6.63 -42.75 14.64
C LEU C 405 6.29 -41.84 15.81
N TYR C 406 6.69 -40.58 15.71
CA TYR C 406 6.42 -39.60 16.76
C TYR C 406 5.56 -38.46 16.23
N ALA C 407 5.96 -37.90 15.09
CA ALA C 407 5.20 -36.81 14.47
C ALA C 407 5.41 -36.77 12.97
N SER C 408 4.43 -36.18 12.29
CA SER C 408 4.46 -36.03 10.85
C SER C 408 3.91 -34.63 10.63
N LEU C 409 4.74 -33.74 10.07
CA LEU C 409 4.31 -32.37 9.89
C LEU C 409 4.91 -31.65 8.69
N GLY C 410 4.35 -30.47 8.41
CA GLY C 410 4.81 -29.66 7.30
C GLY C 410 3.99 -28.37 7.26
N SER C 411 4.35 -27.45 6.39
CA SER C 411 3.61 -26.20 6.32
C SER C 411 3.74 -25.43 5.03
N MSE C 412 2.64 -24.81 4.64
CA MSE C 412 2.61 -23.99 3.46
C MSE C 412 3.59 -22.85 3.68
O MSE C 412 3.93 -22.52 4.84
CB MSE C 412 1.22 -23.40 3.24
CG MSE C 412 1.18 -22.34 2.16
SE MSE C 412 -0.43 -21.29 2.22
CE MSE C 412 0.21 -19.91 3.40
N GLY C 413 4.01 -22.24 2.59
CA GLY C 413 4.94 -21.13 2.66
C GLY C 413 5.96 -21.28 1.57
N GLY C 414 6.61 -20.18 1.23
CA GLY C 414 7.63 -20.24 0.21
C GLY C 414 8.93 -20.43 0.97
N ASP C 415 9.68 -19.35 1.12
CA ASP C 415 10.95 -19.43 1.82
C ASP C 415 10.84 -19.50 3.33
N ILE C 416 9.62 -19.42 3.86
CA ILE C 416 9.41 -19.48 5.31
C ILE C 416 9.08 -20.88 5.83
N GLN C 417 8.92 -21.85 4.94
CA GLN C 417 8.56 -23.19 5.39
C GLN C 417 9.49 -23.73 6.49
N PRO C 418 10.81 -23.55 6.34
CA PRO C 418 11.73 -24.05 7.36
C PRO C 418 11.51 -23.34 8.71
N GLN C 419 11.21 -22.05 8.65
CA GLN C 419 10.99 -21.25 9.85
C GLN C 419 9.73 -21.66 10.60
N VAL C 420 8.65 -21.93 9.86
CA VAL C 420 7.40 -22.34 10.49
C VAL C 420 7.57 -23.74 11.05
N GLN C 421 8.23 -24.62 10.29
CA GLN C 421 8.49 -26.00 10.73
C GLN C 421 9.27 -26.02 12.04
N MSE C 422 10.32 -25.20 12.12
CA MSE C 422 11.17 -25.15 13.31
C MSE C 422 10.42 -24.69 14.55
O MSE C 422 10.58 -25.27 15.62
CB MSE C 422 12.36 -24.21 13.05
CG MSE C 422 13.45 -24.33 14.09
SE MSE C 422 14.29 -26.09 14.10
CE MSE C 422 16.02 -25.58 14.81
N GLN C 423 9.60 -23.65 14.42
CA GLN C 423 8.84 -23.15 15.55
C GLN C 423 7.93 -24.26 16.08
N ILE C 424 7.40 -25.07 15.15
CA ILE C 424 6.53 -26.17 15.53
C ILE C 424 7.35 -27.32 16.11
N LEU C 425 8.47 -27.63 15.47
CA LEU C 425 9.34 -28.71 15.92
C LEU C 425 9.86 -28.54 17.33
N MSE C 426 10.34 -27.34 17.64
CA MSE C 426 10.87 -27.07 18.97
C MSE C 426 9.84 -27.36 20.06
O MSE C 426 10.18 -27.87 21.12
CB MSE C 426 11.37 -25.63 19.05
CG MSE C 426 12.49 -25.36 18.06
SE MSE C 426 13.42 -23.69 18.29
CE MSE C 426 12.09 -22.49 17.54
N GLU C 427 8.57 -27.07 19.78
CA GLU C 427 7.52 -27.34 20.74
C GLU C 427 7.17 -28.83 20.73
N ILE C 428 7.02 -29.39 19.54
CA ILE C 428 6.67 -30.80 19.36
C ILE C 428 7.65 -31.74 20.06
N LEU C 429 8.94 -31.42 20.01
CA LEU C 429 9.95 -32.25 20.65
C LEU C 429 9.78 -32.30 22.17
N LYS C 430 9.29 -31.20 22.73
CA LYS C 430 9.05 -31.12 24.17
C LYS C 430 7.79 -31.87 24.57
N ASP C 431 6.71 -31.65 23.82
CA ASP C 431 5.41 -32.29 24.09
C ASP C 431 4.61 -32.37 22.80
N ASN C 432 4.11 -33.56 22.47
CA ASN C 432 3.34 -33.75 21.24
C ASN C 432 1.89 -34.16 21.52
N THR C 433 1.42 -33.92 22.74
CA THR C 433 0.06 -34.31 23.11
C THR C 433 -1.01 -33.26 22.83
N ASP C 434 -0.61 -32.04 22.48
CA ASP C 434 -1.57 -30.99 22.17
C ASP C 434 -1.07 -30.23 20.93
N PRO C 435 -0.99 -30.93 19.79
CA PRO C 435 -0.52 -30.30 18.54
C PRO C 435 -1.32 -29.08 18.10
N GLN C 436 -2.61 -29.06 18.38
CA GLN C 436 -3.42 -27.91 17.98
C GLN C 436 -2.93 -26.65 18.70
N ALA C 437 -2.60 -26.78 19.98
CA ALA C 437 -2.10 -25.64 20.75
C ALA C 437 -0.83 -25.11 20.10
N ILE C 438 0.00 -26.03 19.60
CA ILE C 438 1.25 -25.65 18.94
C ILE C 438 0.95 -24.90 17.64
N LEU C 439 -0.02 -25.38 16.87
CA LEU C 439 -0.35 -24.70 15.62
C LEU C 439 -0.96 -23.32 15.86
N ASP C 440 -1.77 -23.20 16.91
CA ASP C 440 -2.43 -21.94 17.26
C ASP C 440 -1.49 -20.81 17.66
N LYS C 441 -0.35 -21.16 18.25
CA LYS C 441 0.63 -20.17 18.71
C LYS C 441 1.06 -19.15 17.66
N PRO C 442 1.23 -17.89 18.08
CA PRO C 442 1.65 -16.83 17.17
C PRO C 442 3.05 -17.19 16.65
N ARG C 443 3.33 -16.84 15.39
CA ARG C 443 4.63 -17.16 14.81
C ARG C 443 5.35 -15.90 14.33
N TRP C 444 6.59 -16.09 13.90
CA TRP C 444 7.41 -15.03 13.33
C TRP C 444 7.95 -15.59 12.02
N THR C 445 8.35 -14.70 11.11
CA THR C 445 8.95 -15.12 9.84
C THR C 445 9.94 -14.05 9.41
N GLU C 446 10.91 -14.46 8.61
CA GLU C 446 11.91 -13.55 8.06
C GLU C 446 12.15 -14.11 6.67
N PRO C 447 11.23 -13.81 5.74
CA PRO C 447 11.30 -14.26 4.36
C PRO C 447 12.35 -13.62 3.47
N TYR C 448 12.97 -14.46 2.66
CA TYR C 448 13.96 -14.05 1.68
C TYR C 448 14.37 -15.26 0.87
N THR C 449 14.49 -15.07 -0.44
CA THR C 449 14.86 -16.16 -1.32
C THR C 449 16.36 -16.43 -1.16
N ILE C 450 16.83 -17.48 -1.82
CA ILE C 450 18.25 -17.83 -1.75
C ILE C 450 19.09 -16.77 -2.42
N TYR C 451 18.45 -15.87 -3.16
CA TYR C 451 19.15 -14.79 -3.86
C TYR C 451 19.12 -13.48 -3.08
N GLU C 452 18.49 -13.50 -1.91
CA GLU C 452 18.37 -12.29 -1.11
C GLU C 452 18.99 -12.37 0.28
N ALA C 453 19.13 -11.20 0.89
CA ALA C 453 19.65 -11.09 2.24
C ALA C 453 18.41 -10.91 3.10
N PRO C 454 18.46 -11.31 4.38
CA PRO C 454 17.30 -11.16 5.24
C PRO C 454 16.80 -9.72 5.32
N GLY C 455 15.48 -9.56 5.26
CA GLY C 455 14.89 -8.24 5.34
C GLY C 455 14.19 -8.06 6.67
N ALA C 456 12.95 -7.59 6.63
CA ALA C 456 12.17 -7.38 7.84
C ALA C 456 11.70 -8.69 8.47
N VAL C 457 11.42 -8.62 9.77
CA VAL C 457 10.92 -9.77 10.51
C VAL C 457 9.46 -9.49 10.79
N TYR C 458 8.60 -10.45 10.45
CA TYR C 458 7.16 -10.31 10.67
C TYR C 458 6.75 -11.15 11.86
N VAL C 459 5.87 -10.61 12.70
CA VAL C 459 5.40 -11.31 13.88
C VAL C 459 3.89 -11.18 14.03
N GLU C 460 3.27 -12.16 14.68
CA GLU C 460 1.81 -12.14 14.87
C GLU C 460 1.37 -11.66 16.26
N SER C 461 2.32 -11.39 17.15
CA SER C 461 1.94 -10.94 18.49
C SER C 461 2.82 -9.80 19.01
N GLU C 462 2.25 -9.03 19.94
CA GLU C 462 2.95 -7.91 20.56
C GLU C 462 4.15 -8.44 21.33
N GLU C 463 3.98 -9.62 21.93
CA GLU C 463 5.05 -10.23 22.71
C GLU C 463 6.24 -10.55 21.81
N LEU C 464 5.97 -11.12 20.65
CA LEU C 464 7.05 -11.45 19.71
C LEU C 464 7.67 -10.16 19.17
N TYR C 465 6.83 -9.17 18.90
CA TYR C 465 7.32 -7.89 18.39
C TYR C 465 8.34 -7.33 19.37
N ARG C 466 7.98 -7.30 20.65
CA ARG C 466 8.85 -6.78 21.69
C ARG C 466 10.14 -7.59 21.83
N ASN C 467 10.00 -8.91 21.96
CA ASN C 467 11.17 -9.78 22.11
C ASN C 467 12.13 -9.70 20.93
N VAL C 468 11.60 -9.69 19.72
CA VAL C 468 12.44 -9.61 18.52
C VAL C 468 13.13 -8.25 18.42
N SER C 469 12.38 -7.18 18.64
CA SER C 469 12.93 -5.84 18.57
C SER C 469 14.08 -5.63 19.56
N LYS C 470 13.96 -6.21 20.74
CA LYS C 470 14.98 -6.06 21.77
C LYS C 470 16.16 -7.01 21.64
N GLN C 471 15.91 -8.22 21.17
CA GLN C 471 16.98 -9.21 21.04
C GLN C 471 17.59 -9.33 19.64
N ILE C 472 16.85 -8.91 18.62
CA ILE C 472 17.36 -8.98 17.25
C ILE C 472 17.64 -7.60 16.66
N SER C 473 18.92 -7.26 16.56
CA SER C 473 19.33 -5.96 16.04
C SER C 473 19.50 -5.93 14.53
N GLY C 474 19.47 -4.72 13.97
CA GLY C 474 19.64 -4.57 12.54
C GLY C 474 18.52 -5.19 11.73
N ARG C 475 17.33 -5.27 12.32
CA ARG C 475 16.18 -5.83 11.64
C ARG C 475 14.92 -5.03 11.93
N LYS C 476 14.16 -4.77 10.87
CA LYS C 476 12.90 -4.06 11.00
C LYS C 476 11.89 -5.13 11.42
N VAL C 477 11.04 -4.81 12.38
CA VAL C 477 10.05 -5.75 12.85
C VAL C 477 8.65 -5.22 12.52
N VAL C 478 7.82 -6.07 11.95
CA VAL C 478 6.46 -5.68 11.56
C VAL C 478 5.40 -6.56 12.21
N LEU C 479 4.48 -5.93 12.92
CA LEU C 479 3.39 -6.67 13.57
C LEU C 479 2.29 -6.89 12.54
N ARG C 480 1.79 -8.12 12.46
CA ARG C 480 0.75 -8.46 11.50
C ARG C 480 -0.33 -9.29 12.17
N ASP C 481 -1.49 -9.38 11.53
CA ASP C 481 -2.59 -10.18 12.06
C ASP C 481 -2.25 -11.64 11.79
N VAL C 482 -2.84 -12.53 12.57
CA VAL C 482 -2.62 -13.96 12.40
C VAL C 482 -3.24 -14.36 11.07
N SER C 483 -2.44 -14.87 10.15
CA SER C 483 -2.95 -15.29 8.84
C SER C 483 -1.98 -16.22 8.14
N GLN C 484 -2.37 -16.69 6.96
CA GLN C 484 -1.53 -17.61 6.21
C GLN C 484 -0.22 -16.96 5.76
N GLU C 485 -0.05 -15.69 6.08
CA GLU C 485 1.18 -14.98 5.76
C GLU C 485 2.28 -15.67 6.59
N PHE C 486 1.84 -16.32 7.66
CA PHE C 486 2.73 -17.02 8.56
C PHE C 486 2.63 -18.54 8.38
N GLY C 487 2.13 -18.94 7.21
CA GLY C 487 2.00 -20.35 6.89
C GLY C 487 0.71 -21.04 7.28
N THR C 488 0.52 -22.25 6.76
CA THR C 488 -0.65 -23.07 7.04
C THR C 488 -0.11 -24.47 7.25
N ALA C 489 -0.02 -24.88 8.51
CA ALA C 489 0.51 -26.19 8.86
C ALA C 489 -0.51 -27.16 9.40
N GLN C 490 -0.24 -28.45 9.21
CA GLN C 490 -1.08 -29.53 9.71
C GLN C 490 -0.12 -30.53 10.32
N ILE C 491 -0.63 -31.39 11.18
CA ILE C 491 0.22 -32.36 11.82
C ILE C 491 -0.55 -33.51 12.47
N THR C 492 0.12 -34.65 12.56
CA THR C 492 -0.44 -35.82 13.23
C THR C 492 0.71 -36.30 14.11
N THR C 493 0.37 -36.82 15.28
CA THR C 493 1.37 -37.32 16.20
C THR C 493 0.88 -38.62 16.81
N LEU C 494 1.79 -39.36 17.43
CA LEU C 494 1.47 -40.62 18.06
C LEU C 494 1.79 -40.45 19.53
N ILE C 495 0.80 -40.68 20.40
CA ILE C 495 1.02 -40.52 21.83
C ILE C 495 0.91 -41.87 22.55
N ARG C 496 1.01 -41.82 23.87
CA ARG C 496 0.94 -43.02 24.70
C ARG C 496 -0.25 -43.90 24.33
N GLY C 497 -0.02 -45.21 24.28
CA GLY C 497 -1.07 -46.15 23.94
C GLY C 497 -1.34 -46.23 22.45
N ASP C 498 -0.42 -45.68 21.66
CA ASP C 498 -0.55 -45.66 20.21
C ASP C 498 -1.81 -44.94 19.73
N VAL C 499 -2.16 -43.86 20.43
CA VAL C 499 -3.32 -43.05 20.05
C VAL C 499 -2.80 -42.00 19.07
N VAL C 500 -3.51 -41.81 17.96
CA VAL C 500 -3.10 -40.84 16.96
C VAL C 500 -3.80 -39.51 17.21
N VAL C 501 -3.07 -38.42 17.14
CA VAL C 501 -3.63 -37.09 17.36
C VAL C 501 -3.38 -36.25 16.12
N GLY C 502 -4.38 -35.49 15.70
CA GLY C 502 -4.21 -34.65 14.52
C GLY C 502 -4.69 -33.23 14.77
N ALA C 503 -4.06 -32.27 14.08
CA ALA C 503 -4.43 -30.86 14.22
C ALA C 503 -4.33 -30.15 12.86
N ALA C 504 -5.07 -29.05 12.73
CA ALA C 504 -5.07 -28.27 11.49
C ALA C 504 -5.01 -26.79 11.82
N ASP C 505 -4.31 -26.04 10.97
CA ASP C 505 -4.08 -24.61 11.15
C ASP C 505 -5.31 -23.70 10.98
N PRO C 506 -5.58 -22.85 11.99
CA PRO C 506 -6.72 -21.94 11.90
C PRO C 506 -6.46 -20.87 10.83
N ARG C 507 -5.21 -20.76 10.40
CA ARG C 507 -4.86 -19.79 9.37
C ARG C 507 -5.38 -20.28 8.01
N GLY C 508 -5.79 -21.55 7.96
CA GLY C 508 -6.32 -22.11 6.73
C GLY C 508 -7.73 -22.65 6.94
N ASP C 509 -8.28 -23.34 5.95
CA ASP C 509 -9.63 -23.89 6.05
C ASP C 509 -9.60 -25.37 6.44
N GLY C 510 -8.47 -25.83 6.94
CA GLY C 510 -8.34 -27.24 7.29
C GLY C 510 -9.05 -27.75 8.52
N ILE C 511 -9.24 -29.07 8.53
CA ILE C 511 -9.88 -29.78 9.63
C ILE C 511 -9.22 -31.15 9.77
N ALA C 512 -8.90 -31.53 10.99
CA ALA C 512 -8.30 -32.84 11.25
C ALA C 512 -9.49 -33.77 11.52
N ILE C 513 -9.55 -34.87 10.78
CA ILE C 513 -10.63 -35.85 10.90
C ILE C 513 -10.13 -37.21 11.37
N PRO C 514 -10.73 -37.76 12.43
CA PRO C 514 -10.32 -39.07 12.94
C PRO C 514 -11.08 -40.22 12.29
N TYR C 515 -10.52 -41.43 12.38
CA TYR C 515 -11.18 -42.61 11.86
C TYR C 515 -10.80 -43.88 12.59
N SER C 516 -11.80 -44.64 13.01
CA SER C 516 -11.56 -45.90 13.70
C SER C 516 -12.69 -46.90 13.43
N MSE D 1 -10.94 -11.05 9.86
CA MSE D 1 -9.75 -11.81 9.35
C MSE D 1 -9.65 -13.20 9.96
O MSE D 1 -9.93 -14.19 9.30
CB MSE D 1 -8.46 -11.03 9.63
CG MSE D 1 -8.19 -9.87 8.67
SE MSE D 1 -9.49 -8.44 8.77
CE MSE D 1 -8.60 -7.30 10.06
N PHE D 2 -9.24 -13.26 11.23
CA PHE D 2 -9.09 -14.54 11.91
C PHE D 2 -10.39 -15.28 12.15
N ARG D 3 -10.34 -16.60 12.00
CA ARG D 3 -11.50 -17.46 12.20
C ARG D 3 -10.98 -18.76 12.81
N SER D 4 -11.53 -19.15 13.96
CA SER D 4 -11.10 -20.37 14.65
C SER D 4 -10.95 -21.56 13.71
N ARG D 5 -11.90 -21.73 12.80
CA ARG D 5 -11.86 -22.80 11.80
C ARG D 5 -12.84 -22.35 10.70
N PRO D 6 -12.77 -22.93 9.49
CA PRO D 6 -13.69 -22.48 8.45
C PRO D 6 -15.12 -22.94 8.66
N ASN D 7 -16.05 -22.18 8.11
CA ASN D 7 -17.46 -22.53 8.18
C ASN D 7 -17.53 -23.79 7.33
N ALA D 8 -18.54 -24.62 7.59
CA ALA D 8 -18.73 -25.83 6.80
C ALA D 8 -19.85 -25.45 5.82
N LEU D 9 -19.66 -25.74 4.54
CA LEU D 9 -20.68 -25.41 3.54
C LEU D 9 -21.08 -26.64 2.72
N SER D 10 -22.34 -26.68 2.32
CA SER D 10 -22.83 -27.80 1.51
C SER D 10 -24.07 -27.42 0.72
N GLN D 11 -24.24 -28.05 -0.43
CA GLN D 11 -25.42 -27.78 -1.25
C GLN D 11 -26.54 -28.71 -0.79
N ARG D 12 -26.24 -29.59 0.15
CA ARG D 12 -27.24 -30.53 0.67
C ARG D 12 -27.50 -30.34 2.17
N SER D 13 -26.48 -30.55 2.99
CA SER D 13 -26.69 -30.41 4.43
C SER D 13 -25.40 -30.25 5.24
N VAL D 14 -25.55 -29.76 6.46
CA VAL D 14 -24.43 -29.58 7.37
C VAL D 14 -24.87 -29.98 8.79
N ILE D 15 -23.97 -30.63 9.51
CA ILE D 15 -24.22 -31.07 10.88
C ILE D 15 -23.26 -30.32 11.80
N ALA D 16 -23.79 -29.64 12.81
CA ALA D 16 -22.95 -28.91 13.75
C ALA D 16 -23.27 -29.35 15.17
N SER D 17 -22.30 -30.01 15.82
CA SER D 17 -22.48 -30.46 17.20
C SER D 17 -21.20 -30.18 18.00
N SER D 18 -21.25 -30.40 19.31
CA SER D 18 -20.11 -30.15 20.18
C SER D 18 -19.09 -31.28 20.21
N SER D 19 -19.33 -32.32 19.42
CA SER D 19 -18.43 -33.46 19.36
C SER D 19 -18.15 -33.88 17.92
N GLU D 20 -16.87 -33.98 17.56
CA GLU D 20 -16.51 -34.35 16.19
C GLU D 20 -17.00 -35.76 15.86
N LEU D 21 -16.91 -36.68 16.82
CA LEU D 21 -17.36 -38.05 16.61
C LEU D 21 -18.87 -38.06 16.38
N ALA D 22 -19.61 -37.25 17.14
CA ALA D 22 -21.06 -37.19 16.99
C ALA D 22 -21.44 -36.63 15.62
N SER D 23 -20.78 -35.55 15.22
CA SER D 23 -21.07 -34.96 13.91
C SER D 23 -20.77 -35.97 12.80
N LEU D 24 -19.68 -36.71 12.94
CA LEU D 24 -19.29 -37.71 11.95
C LEU D 24 -20.30 -38.85 11.87
N ALA D 25 -20.84 -39.24 13.01
CA ALA D 25 -21.82 -40.33 13.04
C ALA D 25 -23.06 -39.89 12.28
N GLY D 26 -23.40 -38.61 12.42
CA GLY D 26 -24.56 -38.09 11.72
C GLY D 26 -24.35 -38.15 10.22
N ARG D 27 -23.16 -37.75 9.78
CA ARG D 27 -22.84 -37.76 8.36
C ARG D 27 -22.90 -39.18 7.81
N ASP D 28 -22.36 -40.15 8.55
CA ASP D 28 -22.38 -41.53 8.09
C ASP D 28 -23.81 -42.04 7.90
N ILE D 29 -24.72 -41.57 8.74
CA ILE D 29 -26.12 -41.97 8.63
C ILE D 29 -26.67 -41.44 7.31
N LEU D 30 -26.30 -40.20 6.97
CA LEU D 30 -26.74 -39.59 5.72
C LEU D 30 -26.11 -40.36 4.56
N LYS D 31 -24.86 -40.78 4.75
CA LYS D 31 -24.15 -41.54 3.74
C LYS D 31 -24.90 -42.83 3.47
N ARG D 32 -25.57 -43.35 4.50
CA ARG D 32 -26.33 -44.58 4.39
C ARG D 32 -27.72 -44.37 3.80
N GLY D 33 -28.07 -43.13 3.50
CA GLY D 33 -29.37 -42.86 2.91
C GLY D 33 -30.44 -42.32 3.85
N GLY D 34 -30.08 -42.09 5.11
CA GLY D 34 -31.07 -41.56 6.04
C GLY D 34 -31.28 -40.08 5.81
N ASN D 35 -32.37 -39.52 6.33
CA ASN D 35 -32.60 -38.09 6.19
C ASN D 35 -31.98 -37.42 7.42
N ILE D 36 -32.04 -36.09 7.51
CA ILE D 36 -31.40 -35.43 8.66
C ILE D 36 -32.03 -35.73 10.02
N PHE D 37 -33.24 -36.27 10.03
CA PHE D 37 -33.90 -36.62 11.28
C PHE D 37 -33.32 -37.95 11.76
N ASP D 38 -32.99 -38.82 10.82
CA ASP D 38 -32.37 -40.10 11.15
C ASP D 38 -31.00 -39.72 11.72
N ALA D 39 -30.36 -38.76 11.07
CA ALA D 39 -29.04 -38.29 11.49
C ALA D 39 -29.10 -37.62 12.86
N ALA D 40 -30.15 -36.85 13.11
CA ALA D 40 -30.30 -36.16 14.39
C ALA D 40 -30.36 -37.16 15.55
N LEU D 41 -31.08 -38.25 15.37
CA LEU D 41 -31.20 -39.26 16.41
C LEU D 41 -29.84 -39.89 16.69
N ALA D 42 -29.10 -40.19 15.62
CA ALA D 42 -27.78 -40.79 15.74
C ALA D 42 -26.82 -39.85 16.47
N VAL D 43 -26.87 -38.57 16.11
CA VAL D 43 -26.02 -37.56 16.73
C VAL D 43 -26.36 -37.40 18.21
N SER D 44 -27.65 -37.28 18.52
CA SER D 44 -28.10 -37.13 19.91
C SER D 44 -27.66 -38.34 20.75
N ALA D 45 -27.78 -39.54 20.18
CA ALA D 45 -27.38 -40.75 20.88
C ALA D 45 -25.86 -40.74 21.11
N MSE D 46 -25.11 -40.38 20.08
CA MSE D 46 -23.64 -40.31 20.18
C MSE D 46 -23.21 -39.32 21.25
O MSE D 46 -22.24 -39.55 21.98
CB MSE D 46 -23.02 -39.92 18.84
CG MSE D 46 -22.68 -41.10 17.93
SE MSE D 46 -21.22 -42.18 18.65
CE MSE D 46 -19.83 -40.84 18.63
N LEU D 47 -23.90 -38.19 21.34
CA LEU D 47 -23.57 -37.18 22.34
C LEU D 47 -23.77 -37.74 23.75
N CYS D 48 -24.68 -38.68 23.90
CA CYS D 48 -24.92 -39.30 25.21
C CYS D 48 -23.79 -40.26 25.57
N VAL D 49 -22.85 -40.42 24.65
CA VAL D 49 -21.69 -41.29 24.86
C VAL D 49 -20.40 -40.49 24.93
N THR D 50 -20.20 -39.60 23.96
CA THR D 50 -18.97 -38.80 23.93
C THR D 50 -19.08 -37.46 24.65
N GLN D 51 -20.28 -37.07 25.03
CA GLN D 51 -20.48 -35.81 25.75
C GLN D 51 -21.38 -35.99 26.96
N ASN D 52 -21.32 -37.15 27.60
CA ASN D 52 -22.17 -37.36 28.76
C ASN D 52 -21.68 -36.58 29.97
N ASN D 53 -20.72 -35.69 29.76
CA ASN D 53 -20.23 -34.84 30.83
C ASN D 53 -21.12 -33.60 30.73
N LEU D 54 -21.96 -33.57 29.70
CA LEU D 54 -22.86 -32.46 29.42
C LEU D 54 -24.31 -32.89 29.20
N CYS D 55 -24.55 -34.20 29.15
CA CYS D 55 -25.89 -34.73 28.92
C CYS D 55 -25.87 -36.25 29.15
N GLY D 56 -26.93 -36.93 28.72
CA GLY D 56 -26.95 -38.37 28.87
C GLY D 56 -28.33 -39.00 28.85
N LEU D 57 -28.38 -40.33 28.92
CA LEU D 57 -29.65 -41.06 28.92
C LEU D 57 -30.46 -40.73 30.16
N GLY D 58 -29.81 -40.22 31.20
CA GLY D 58 -30.51 -39.87 32.42
C GLY D 58 -30.93 -38.41 32.44
N GLY D 59 -30.83 -37.75 31.28
CA GLY D 59 -31.18 -36.34 31.19
C GLY D 59 -32.38 -36.00 30.34
N ASP D 60 -32.53 -34.72 30.03
CA ASP D 60 -33.65 -34.22 29.22
C ASP D 60 -33.23 -33.68 27.86
N LEU D 61 -34.23 -33.41 27.03
CA LEU D 61 -34.01 -32.88 25.70
C LEU D 61 -35.16 -31.97 25.25
N PHE D 62 -34.83 -30.91 24.51
CA PHE D 62 -35.83 -29.99 23.96
C PHE D 62 -35.44 -29.86 22.50
N ALA D 63 -36.41 -29.63 21.62
CA ALA D 63 -36.10 -29.51 20.21
C ALA D 63 -37.16 -28.84 19.35
N LEU D 64 -36.69 -28.15 18.32
CA LEU D 64 -37.56 -27.53 17.34
C LEU D 64 -37.22 -28.35 16.09
N ILE D 65 -38.24 -28.90 15.44
CA ILE D 65 -38.00 -29.73 14.26
C ILE D 65 -38.86 -29.21 13.10
N ARG D 66 -38.20 -28.78 12.04
CA ARG D 66 -38.87 -28.23 10.86
C ARG D 66 -38.79 -29.20 9.69
N ASP D 67 -39.93 -29.51 9.07
CA ASP D 67 -39.92 -30.40 7.92
C ASP D 67 -39.92 -29.58 6.64
N GLU D 68 -39.82 -30.26 5.50
CA GLU D 68 -39.79 -29.59 4.20
C GLU D 68 -40.97 -28.65 3.94
N ASN D 69 -42.12 -28.93 4.53
CA ASN D 69 -43.30 -28.10 4.34
C ASN D 69 -43.35 -26.88 5.25
N GLY D 70 -42.36 -26.75 6.12
CA GLY D 70 -42.35 -25.61 7.02
C GLY D 70 -43.04 -25.84 8.35
N GLN D 71 -43.57 -27.04 8.55
CA GLN D 71 -44.23 -27.37 9.82
C GLN D 71 -43.18 -27.52 10.91
N ILE D 72 -43.35 -26.82 12.02
CA ILE D 72 -42.37 -26.90 13.10
C ILE D 72 -42.93 -27.50 14.38
N MSE D 73 -42.29 -28.56 14.85
CA MSE D 73 -42.70 -29.23 16.08
C MSE D 73 -41.86 -28.71 17.25
O MSE D 73 -40.63 -28.60 17.15
CB MSE D 73 -42.50 -30.74 15.97
CG MSE D 73 -42.80 -31.50 17.28
SE MSE D 73 -42.20 -33.36 17.32
CE MSE D 73 -43.65 -34.14 16.28
N ASP D 74 -42.51 -28.39 18.36
CA ASP D 74 -41.85 -27.93 19.56
C ASP D 74 -41.91 -29.16 20.47
N LEU D 75 -40.81 -29.90 20.57
CA LEU D 75 -40.74 -31.11 21.37
C LEU D 75 -40.13 -30.88 22.75
N ASN D 76 -40.96 -31.00 23.77
CA ASN D 76 -40.52 -30.81 25.15
C ASN D 76 -40.23 -32.17 25.77
N GLY D 77 -38.95 -32.53 25.80
CA GLY D 77 -38.56 -33.81 26.36
C GLY D 77 -38.02 -33.70 27.78
N SER D 78 -38.67 -32.90 28.62
CA SER D 78 -38.24 -32.79 30.02
C SER D 78 -39.14 -33.70 30.86
N GLY D 79 -38.54 -34.45 31.77
CA GLY D 79 -39.33 -35.35 32.60
C GLY D 79 -40.02 -34.62 33.74
N GLN D 80 -41.09 -35.22 34.26
CA GLN D 80 -41.83 -34.63 35.37
C GLN D 80 -41.26 -35.17 36.68
N ALA D 81 -41.57 -34.47 37.77
CA ALA D 81 -41.10 -34.89 39.09
C ALA D 81 -41.81 -36.15 39.55
N SER D 82 -41.11 -36.95 40.35
CA SER D 82 -41.66 -38.17 40.90
C SER D 82 -42.94 -37.85 41.67
N ARG D 83 -43.89 -38.78 41.69
CA ARG D 83 -45.13 -38.58 42.42
C ARG D 83 -44.88 -38.78 43.91
N ALA D 84 -43.72 -39.34 44.24
CA ALA D 84 -43.38 -39.60 45.63
C ALA D 84 -42.73 -38.40 46.33
N VAL D 85 -42.40 -37.35 45.59
CA VAL D 85 -41.78 -36.18 46.22
C VAL D 85 -42.78 -35.04 46.35
N SER D 86 -42.47 -34.11 47.24
CA SER D 86 -43.31 -32.96 47.50
C SER D 86 -42.56 -32.09 48.49
N ILE D 87 -43.11 -30.91 48.78
CA ILE D 87 -42.45 -30.02 49.73
C ILE D 87 -42.46 -30.65 51.12
N ASP D 88 -43.56 -31.30 51.49
CA ASP D 88 -43.66 -31.96 52.80
C ASP D 88 -42.57 -33.03 52.90
N TYR D 89 -42.34 -33.73 51.79
CA TYR D 89 -41.32 -34.78 51.71
C TYR D 89 -39.95 -34.23 52.14
N TYR D 90 -39.57 -33.07 51.62
CA TYR D 90 -38.30 -32.46 51.96
C TYR D 90 -38.31 -31.87 53.37
N GLU D 91 -39.39 -31.19 53.74
CA GLU D 91 -39.48 -30.60 55.07
C GLU D 91 -39.40 -31.70 56.13
N SER D 92 -39.99 -32.85 55.85
CA SER D 92 -39.96 -33.97 56.78
C SER D 92 -38.52 -34.46 57.00
N MSE D 93 -37.67 -34.24 56.01
CA MSE D 93 -36.27 -34.63 56.13
C MSE D 93 -35.46 -33.54 56.82
O MSE D 93 -34.29 -33.74 57.14
CB MSE D 93 -35.65 -34.88 54.76
CG MSE D 93 -36.14 -36.14 54.06
SE MSE D 93 -35.08 -36.45 52.45
CE MSE D 93 -36.00 -35.25 51.28
N GLY D 94 -36.08 -32.37 57.04
CA GLY D 94 -35.41 -31.27 57.68
C GLY D 94 -34.71 -30.34 56.70
N LEU D 95 -35.08 -30.44 55.42
CA LEU D 95 -34.47 -29.61 54.38
C LEU D 95 -35.35 -28.45 53.92
N THR D 96 -34.72 -27.33 53.58
CA THR D 96 -35.45 -26.17 53.07
C THR D 96 -35.06 -25.94 51.62
N LYS D 97 -34.13 -26.77 51.13
CA LYS D 97 -33.67 -26.69 49.75
C LYS D 97 -33.38 -28.08 49.23
N ILE D 98 -33.72 -28.32 47.97
CA ILE D 98 -33.48 -29.62 47.36
C ILE D 98 -31.98 -29.76 47.12
N PRO D 99 -31.40 -30.91 47.51
CA PRO D 99 -29.97 -31.13 47.32
C PRO D 99 -29.58 -31.03 45.84
N GLU D 100 -28.33 -30.65 45.58
CA GLU D 100 -27.86 -30.54 44.21
C GLU D 100 -27.41 -31.89 43.67
N ARG D 101 -26.90 -32.75 44.57
CA ARG D 101 -26.43 -34.08 44.18
C ARG D 101 -27.09 -35.14 45.06
N GLY D 102 -26.94 -36.41 44.66
CA GLY D 102 -27.51 -37.49 45.44
C GLY D 102 -28.89 -37.96 45.00
N PRO D 103 -29.43 -38.99 45.67
CA PRO D 103 -30.75 -39.54 45.34
C PRO D 103 -31.93 -38.60 45.54
N TYR D 104 -31.73 -37.55 46.33
CA TYR D 104 -32.81 -36.60 46.57
C TYR D 104 -32.71 -35.40 45.63
N ALA D 105 -31.78 -35.49 44.69
CA ALA D 105 -31.59 -34.45 43.68
C ALA D 105 -32.12 -35.00 42.36
N ALA D 106 -31.98 -36.31 42.17
CA ALA D 106 -32.45 -36.96 40.95
C ALA D 106 -33.93 -37.29 41.11
N ILE D 107 -34.75 -36.25 41.08
CA ILE D 107 -36.18 -36.43 41.29
C ILE D 107 -37.10 -36.24 40.09
N THR D 108 -36.55 -36.04 38.90
CA THR D 108 -37.36 -35.91 37.70
C THR D 108 -36.99 -37.04 36.75
N VAL D 109 -37.99 -37.57 36.04
CA VAL D 109 -37.77 -38.65 35.10
C VAL D 109 -36.92 -38.22 33.90
N PRO D 110 -35.96 -39.06 33.47
CA PRO D 110 -35.14 -38.70 32.31
C PRO D 110 -36.09 -38.67 31.13
N GLY D 111 -36.13 -37.57 30.40
CA GLY D 111 -37.06 -37.48 29.28
C GLY D 111 -36.51 -37.66 27.88
N ILE D 112 -35.19 -37.73 27.75
CA ILE D 112 -34.60 -37.85 26.41
C ILE D 112 -35.02 -39.08 25.61
N ALA D 113 -34.98 -40.26 26.22
CA ALA D 113 -35.37 -41.48 25.49
C ALA D 113 -36.78 -41.36 24.93
N GLY D 114 -37.66 -40.71 25.69
CA GLY D 114 -39.03 -40.53 25.23
C GLY D 114 -39.12 -39.57 24.07
N SER D 115 -38.27 -38.56 24.05
CA SER D 115 -38.27 -37.60 22.96
C SER D 115 -37.77 -38.31 21.69
N TRP D 116 -36.86 -39.26 21.85
CA TRP D 116 -36.36 -40.00 20.68
C TRP D 116 -37.47 -40.85 20.09
N ASP D 117 -38.30 -41.41 20.96
CA ASP D 117 -39.44 -42.21 20.52
C ASP D 117 -40.32 -41.40 19.57
N GLU D 118 -40.64 -40.18 19.97
CA GLU D 118 -41.48 -39.30 19.16
C GLU D 118 -40.83 -38.95 17.83
N ILE D 119 -39.58 -38.52 17.88
CA ILE D 119 -38.86 -38.16 16.67
C ILE D 119 -38.80 -39.33 15.71
N PHE D 120 -38.48 -40.51 16.24
CA PHE D 120 -38.38 -41.72 15.43
C PHE D 120 -39.67 -42.06 14.70
N ARG D 121 -40.77 -42.19 15.43
CA ARG D 121 -42.04 -42.53 14.82
C ARG D 121 -42.58 -41.49 13.84
N LYS D 122 -42.23 -40.23 14.06
CA LYS D 122 -42.71 -39.16 13.20
C LYS D 122 -41.83 -38.78 12.02
N PHE D 123 -40.51 -38.81 12.20
CA PHE D 123 -39.60 -38.37 11.14
C PHE D 123 -38.59 -39.36 10.55
N ALA D 124 -38.24 -40.40 11.29
CA ALA D 124 -37.23 -41.36 10.84
C ALA D 124 -37.65 -42.29 9.69
N THR D 125 -36.64 -42.84 9.01
CA THR D 125 -36.87 -43.76 7.90
C THR D 125 -36.03 -45.02 8.07
N MSE D 126 -34.98 -44.94 8.87
CA MSE D 126 -34.11 -46.10 9.10
C MSE D 126 -34.51 -46.91 10.32
O MSE D 126 -35.25 -46.43 11.17
CB MSE D 126 -32.66 -45.65 9.24
CG MSE D 126 -32.10 -44.95 8.02
SE MSE D 126 -30.21 -44.62 8.20
CE MSE D 126 -29.55 -46.25 7.43
N ASP D 127 -34.02 -48.14 10.39
CA ASP D 127 -34.32 -49.01 11.51
C ASP D 127 -33.57 -48.48 12.73
N ILE D 128 -34.18 -48.61 13.90
CA ILE D 128 -33.57 -48.13 15.13
C ILE D 128 -32.17 -48.69 15.37
N ALA D 129 -31.95 -49.96 15.02
CA ALA D 129 -30.65 -50.58 15.20
C ALA D 129 -29.54 -49.85 14.46
N ASP D 130 -29.84 -49.41 13.23
CA ASP D 130 -28.83 -48.71 12.44
C ASP D 130 -28.58 -47.31 12.99
N ILE D 131 -29.61 -46.71 13.58
CA ILE D 131 -29.48 -45.38 14.14
C ILE D 131 -28.62 -45.41 15.42
N LEU D 132 -28.76 -46.47 16.20
CA LEU D 132 -28.03 -46.59 17.47
C LEU D 132 -26.70 -47.33 17.44
N GLU D 133 -26.43 -48.06 16.36
CA GLU D 133 -25.17 -48.81 16.25
C GLU D 133 -23.91 -47.97 16.52
N PRO D 134 -23.85 -46.74 16.00
CA PRO D 134 -22.65 -45.92 16.26
C PRO D 134 -22.43 -45.67 17.74
N ALA D 135 -23.49 -45.28 18.45
CA ALA D 135 -23.39 -45.02 19.88
C ALA D 135 -22.98 -46.31 20.60
N ILE D 136 -23.62 -47.42 20.25
CA ILE D 136 -23.31 -48.70 20.87
C ILE D 136 -21.85 -49.07 20.65
N ARG D 137 -21.39 -48.94 19.41
CA ARG D 137 -20.01 -49.26 19.07
C ARG D 137 -19.03 -48.36 19.83
N THR D 138 -19.31 -47.06 19.85
CA THR D 138 -18.45 -46.11 20.53
C THR D 138 -18.41 -46.33 22.04
N ALA D 139 -19.54 -46.70 22.62
CA ALA D 139 -19.58 -46.94 24.07
C ALA D 139 -18.81 -48.21 24.40
N SER D 140 -18.97 -49.23 23.57
CA SER D 140 -18.31 -50.51 23.79
C SER D 140 -16.81 -50.51 23.49
N ALA D 141 -16.43 -50.09 22.30
CA ALA D 141 -15.02 -50.06 21.91
C ALA D 141 -14.28 -48.94 22.64
N GLY D 142 -15.00 -47.89 23.02
CA GLY D 142 -14.38 -46.77 23.71
C GLY D 142 -13.82 -45.74 22.75
N PHE D 143 -13.39 -44.60 23.29
CA PHE D 143 -12.83 -43.54 22.48
C PHE D 143 -11.85 -42.72 23.32
N PRO D 144 -10.81 -42.15 22.69
CA PRO D 144 -9.84 -41.35 23.44
C PRO D 144 -10.47 -40.02 23.82
N ILE D 145 -10.52 -39.72 25.11
CA ILE D 145 -11.13 -38.47 25.58
C ILE D 145 -10.28 -37.24 25.31
N THR D 146 -10.96 -36.10 25.21
CA THR D 146 -10.29 -34.83 24.95
C THR D 146 -9.87 -34.19 26.26
N GLN D 147 -9.10 -33.11 26.19
CA GLN D 147 -8.65 -32.40 27.37
C GLN D 147 -9.85 -31.82 28.12
N ASN D 148 -10.81 -31.30 27.37
CA ASN D 148 -12.01 -30.73 27.97
C ASN D 148 -12.80 -31.79 28.75
N TYR D 149 -12.90 -32.99 28.19
CA TYR D 149 -13.64 -34.06 28.84
C TYR D 149 -12.88 -34.48 30.11
N SER D 150 -11.56 -34.57 29.99
CA SER D 150 -10.72 -34.93 31.13
C SER D 150 -10.99 -33.94 32.27
N ASP D 151 -10.97 -32.64 31.94
CA ASP D 151 -11.20 -31.60 32.93
C ASP D 151 -12.58 -31.72 33.58
N SER D 152 -13.58 -32.13 32.80
CA SER D 152 -14.93 -32.30 33.33
C SER D 152 -14.95 -33.35 34.43
N ILE D 153 -14.17 -34.40 34.24
CA ILE D 153 -14.11 -35.46 35.25
C ILE D 153 -13.40 -34.91 36.49
N ALA D 154 -12.30 -34.19 36.29
CA ALA D 154 -11.56 -33.63 37.40
C ALA D 154 -12.41 -32.67 38.23
N ARG D 155 -13.21 -31.83 37.56
CA ARG D 155 -14.05 -30.89 38.28
C ARG D 155 -15.23 -31.57 39.00
N SER D 156 -15.58 -32.78 38.54
CA SER D 156 -16.68 -33.52 39.15
C SER D 156 -16.27 -34.39 40.32
N ALA D 157 -15.01 -34.84 40.33
CA ALA D 157 -14.50 -35.71 41.38
C ALA D 157 -14.90 -35.28 42.80
N PRO D 158 -14.66 -34.00 43.16
CA PRO D 158 -15.01 -33.54 44.50
C PRO D 158 -16.50 -33.45 44.84
N VAL D 159 -17.38 -33.39 43.84
CA VAL D 159 -18.81 -33.28 44.12
C VAL D 159 -19.62 -34.57 43.96
N ILE D 160 -19.14 -35.50 43.13
CA ILE D 160 -19.85 -36.76 42.96
C ILE D 160 -18.89 -37.95 42.97
N GLY D 161 -17.63 -37.69 43.35
CA GLY D 161 -16.65 -38.75 43.38
C GLY D 161 -16.93 -39.82 44.43
N GLN D 162 -17.81 -39.53 45.39
CA GLN D 162 -18.14 -40.48 46.44
C GLN D 162 -19.14 -41.56 46.00
N TYR D 163 -19.70 -41.42 44.81
CA TYR D 163 -20.66 -42.40 44.30
C TYR D 163 -19.96 -43.47 43.47
N ARG D 164 -19.90 -44.68 43.99
CA ARG D 164 -19.22 -45.78 43.31
C ARG D 164 -19.73 -46.03 41.89
N GLY D 165 -21.03 -45.84 41.66
CA GLY D 165 -21.57 -46.06 40.34
C GLY D 165 -20.95 -45.13 39.30
N TRP D 166 -20.61 -43.92 39.73
CA TRP D 166 -20.01 -42.93 38.85
C TRP D 166 -18.49 -43.08 38.76
N SER D 167 -17.83 -43.19 39.91
CA SER D 167 -16.37 -43.31 39.93
C SER D 167 -15.83 -44.56 39.26
N SER D 168 -16.56 -45.67 39.34
CA SER D 168 -16.09 -46.90 38.72
C SER D 168 -16.12 -46.81 37.20
N ILE D 169 -16.82 -45.82 36.67
CA ILE D 169 -16.91 -45.64 35.22
C ILE D 169 -15.94 -44.57 34.70
N PHE D 170 -16.01 -43.39 35.29
CA PHE D 170 -15.19 -42.27 34.87
C PHE D 170 -13.84 -42.11 35.57
N MSE D 171 -13.63 -42.89 36.62
CA MSE D 171 -12.36 -42.88 37.36
C MSE D 171 -12.07 -44.34 37.71
O MSE D 171 -11.82 -44.66 38.87
CB MSE D 171 -12.48 -42.01 38.62
CG MSE D 171 -12.69 -40.53 38.35
SE MSE D 171 -12.72 -39.41 39.93
CE MSE D 171 -10.83 -39.45 40.34
N PRO D 172 -12.09 -45.22 36.70
CA PRO D 172 -11.85 -46.66 36.85
C PRO D 172 -10.55 -47.06 37.56
N ASN D 173 -9.50 -46.27 37.37
CA ASN D 173 -8.21 -46.57 37.99
C ASN D 173 -8.04 -45.81 39.30
N GLY D 174 -9.10 -45.14 39.74
CA GLY D 174 -9.04 -44.39 40.98
C GLY D 174 -8.47 -43.00 40.78
N SER D 175 -8.14 -42.65 39.54
CA SER D 175 -7.59 -41.35 39.23
C SER D 175 -8.34 -40.73 38.06
N VAL D 176 -8.10 -39.45 37.81
CA VAL D 176 -8.77 -38.77 36.70
C VAL D 176 -8.08 -39.14 35.39
N PRO D 177 -8.82 -39.74 34.44
CA PRO D 177 -8.23 -40.13 33.15
C PRO D 177 -7.66 -38.89 32.43
N VAL D 178 -6.49 -39.04 31.83
CA VAL D 178 -5.87 -37.92 31.12
C VAL D 178 -6.28 -37.90 29.66
N ALA D 179 -6.11 -36.75 29.01
CA ALA D 179 -6.46 -36.62 27.61
C ALA D 179 -5.80 -37.74 26.82
N GLY D 180 -6.54 -38.36 25.91
CA GLY D 180 -5.99 -39.43 25.11
C GLY D 180 -6.28 -40.82 25.65
N GLU D 181 -6.61 -40.92 26.94
CA GLU D 181 -6.92 -42.21 27.53
C GLU D 181 -8.25 -42.72 26.96
N ILE D 182 -8.34 -44.03 26.78
CA ILE D 182 -9.56 -44.62 26.21
C ILE D 182 -10.64 -44.90 27.24
N LEU D 183 -11.79 -44.26 27.06
CA LEU D 183 -12.92 -44.45 27.96
C LEU D 183 -13.91 -45.47 27.39
N LYS D 184 -14.05 -46.60 28.06
CA LYS D 184 -14.98 -47.64 27.63
C LYS D 184 -16.21 -47.57 28.54
N GLN D 185 -17.39 -47.79 27.97
CA GLN D 185 -18.62 -47.73 28.74
C GLN D 185 -19.52 -48.93 28.41
N PRO D 186 -19.12 -50.13 28.87
CA PRO D 186 -19.88 -51.35 28.63
C PRO D 186 -21.35 -51.31 29.06
N ASP D 187 -21.63 -50.81 30.27
CA ASP D 187 -23.02 -50.75 30.72
C ASP D 187 -23.88 -49.82 29.87
N LEU D 188 -23.31 -48.67 29.49
CA LEU D 188 -24.05 -47.72 28.66
C LEU D 188 -24.36 -48.39 27.32
N ALA D 189 -23.41 -49.14 26.78
CA ALA D 189 -23.61 -49.83 25.51
C ALA D 189 -24.78 -50.80 25.63
N GLU D 190 -24.89 -51.48 26.78
CA GLU D 190 -25.97 -52.44 27.03
C GLU D 190 -27.32 -51.73 27.05
N SER D 191 -27.35 -50.56 27.68
CA SER D 191 -28.59 -49.80 27.74
C SER D 191 -29.06 -49.42 26.33
N PHE D 192 -28.12 -49.02 25.48
CA PHE D 192 -28.46 -48.67 24.11
C PHE D 192 -28.90 -49.91 23.34
N ARG D 193 -28.26 -51.04 23.61
CA ARG D 193 -28.61 -52.29 22.93
C ARG D 193 -30.04 -52.69 23.27
N LEU D 194 -30.43 -52.51 24.52
CA LEU D 194 -31.78 -52.86 24.96
C LEU D 194 -32.84 -52.04 24.22
N MSE D 195 -32.59 -50.75 24.06
CA MSE D 195 -33.54 -49.91 23.36
C MSE D 195 -33.51 -50.25 21.87
O MSE D 195 -34.53 -50.18 21.18
CB MSE D 195 -33.22 -48.42 23.55
CG MSE D 195 -33.45 -47.93 24.97
SE MSE D 195 -33.24 -46.01 25.16
CE MSE D 195 -31.30 -45.94 25.09
N SER D 196 -32.34 -50.63 21.38
CA SER D 196 -32.18 -51.01 19.98
C SER D 196 -33.05 -52.22 19.69
N GLU D 197 -33.12 -53.13 20.66
CA GLU D 197 -33.91 -54.34 20.50
C GLU D 197 -35.38 -54.24 20.92
N GLU D 198 -35.68 -53.41 21.91
CA GLU D 198 -37.04 -53.28 22.39
C GLU D 198 -37.73 -51.96 22.03
N GLY D 199 -36.96 -51.00 21.55
CA GLY D 199 -37.53 -49.70 21.20
C GLY D 199 -37.16 -48.66 22.24
N PHE D 200 -37.18 -47.39 21.83
CA PHE D 200 -36.83 -46.30 22.72
C PHE D 200 -37.69 -46.32 23.99
N ARG D 201 -38.96 -46.65 23.82
CA ARG D 201 -39.93 -46.71 24.92
C ARG D 201 -39.59 -47.70 26.03
N SER D 202 -38.84 -48.74 25.73
CA SER D 202 -38.50 -49.75 26.73
C SER D 202 -37.79 -49.13 27.95
N PHE D 203 -37.22 -47.95 27.75
CA PHE D 203 -36.54 -47.22 28.82
C PHE D 203 -37.54 -46.97 29.94
N TYR D 204 -38.80 -46.74 29.56
CA TYR D 204 -39.85 -46.45 30.53
C TYR D 204 -40.80 -47.59 30.85
N ASP D 205 -41.02 -48.48 29.89
CA ASP D 205 -41.94 -49.60 30.13
C ASP D 205 -41.47 -50.93 29.57
N GLY D 206 -40.16 -51.11 29.51
CA GLY D 206 -39.61 -52.36 29.01
C GLY D 206 -38.58 -52.93 29.96
N SER D 207 -37.65 -53.72 29.43
CA SER D 207 -36.61 -54.33 30.24
C SER D 207 -35.71 -53.29 30.89
N LEU D 208 -35.32 -52.27 30.12
CA LEU D 208 -34.45 -51.24 30.64
C LEU D 208 -35.08 -50.53 31.83
N ALA D 209 -36.39 -50.30 31.76
CA ALA D 209 -37.08 -49.64 32.86
C ALA D 209 -36.93 -50.47 34.15
N ASP D 210 -37.12 -51.79 34.04
CA ASP D 210 -37.00 -52.66 35.20
C ASP D 210 -35.58 -52.61 35.76
N ILE D 211 -34.61 -52.56 34.86
CA ILE D 211 -33.21 -52.50 35.26
C ILE D 211 -32.94 -51.19 36.00
N ILE D 212 -33.49 -50.09 35.50
CA ILE D 212 -33.30 -48.78 36.13
C ILE D 212 -33.82 -48.76 37.57
N ILE D 213 -35.08 -49.14 37.75
CA ILE D 213 -35.69 -49.13 39.08
C ILE D 213 -34.98 -50.09 40.04
N ALA D 214 -34.70 -51.29 39.57
CA ALA D 214 -34.01 -52.27 40.41
C ALA D 214 -32.62 -51.75 40.77
N GLY D 215 -31.97 -51.09 39.81
CA GLY D 215 -30.65 -50.55 40.04
C GLY D 215 -30.61 -49.37 40.99
N LEU D 216 -31.76 -48.94 41.47
CA LEU D 216 -31.85 -47.81 42.40
C LEU D 216 -32.14 -48.26 43.83
N GLU D 217 -32.38 -49.55 44.02
CA GLU D 217 -32.67 -50.08 45.34
C GLU D 217 -31.55 -49.80 46.34
N GLY D 218 -31.92 -49.28 47.50
CA GLY D 218 -30.94 -48.99 48.53
C GLY D 218 -30.40 -47.57 48.50
N THR D 219 -30.67 -46.85 47.42
CA THR D 219 -30.17 -45.48 47.31
C THR D 219 -31.09 -44.47 48.00
N GLY D 220 -32.36 -44.82 48.13
CA GLY D 220 -33.32 -43.92 48.74
C GLY D 220 -34.03 -43.10 47.66
N SER D 221 -33.70 -43.36 46.40
CA SER D 221 -34.32 -42.64 45.28
C SER D 221 -35.84 -42.81 45.28
N PRO D 222 -36.57 -41.69 45.10
CA PRO D 222 -38.03 -41.73 45.07
C PRO D 222 -38.60 -42.22 43.73
N LEU D 223 -37.75 -42.26 42.70
CA LEU D 223 -38.17 -42.70 41.37
C LEU D 223 -38.82 -44.09 41.36
N SER D 224 -40.06 -44.16 40.85
CA SER D 224 -40.78 -45.42 40.80
C SER D 224 -41.02 -45.88 39.37
N ASP D 225 -41.46 -47.13 39.21
CA ASP D 225 -41.74 -47.65 37.90
C ASP D 225 -42.91 -46.87 37.29
N ARG D 226 -43.82 -46.43 38.15
CA ARG D 226 -44.98 -45.68 37.68
C ARG D 226 -44.52 -44.33 37.13
N ASP D 227 -43.55 -43.71 37.79
CA ASP D 227 -43.04 -42.42 37.33
C ASP D 227 -42.56 -42.56 35.89
N LEU D 228 -41.84 -43.63 35.60
CA LEU D 228 -41.31 -43.86 34.25
C LEU D 228 -42.43 -44.12 33.24
N ARG D 229 -43.36 -45.01 33.60
CA ARG D 229 -44.44 -45.36 32.70
C ARG D 229 -45.35 -44.20 32.30
N VAL D 230 -45.58 -43.27 33.22
CA VAL D 230 -46.46 -42.15 32.92
C VAL D 230 -45.76 -41.00 32.19
N TYR D 231 -44.45 -41.07 32.03
CA TYR D 231 -43.75 -40.01 31.33
C TYR D 231 -44.10 -39.95 29.85
N ARG D 232 -44.37 -38.75 29.36
CA ARG D 232 -44.67 -38.52 27.96
C ARG D 232 -44.17 -37.14 27.61
N PRO D 233 -43.36 -37.03 26.53
CA PRO D 233 -42.87 -35.71 26.18
C PRO D 233 -44.06 -34.84 25.77
N LEU D 234 -43.92 -33.53 25.92
CA LEU D 234 -45.01 -32.62 25.55
C LEU D 234 -44.76 -32.14 24.13
N ILE D 235 -45.74 -32.38 23.26
CA ILE D 235 -45.62 -32.00 21.86
C ILE D 235 -46.55 -30.82 21.55
N GLY D 236 -45.98 -29.75 21.01
CA GLY D 236 -46.79 -28.59 20.68
C GLY D 236 -46.18 -27.74 19.60
N LYS D 237 -46.50 -26.44 19.64
CA LYS D 237 -45.99 -25.49 18.67
C LYS D 237 -45.04 -24.54 19.36
N PRO D 238 -44.06 -24.00 18.62
CA PRO D 238 -43.10 -23.08 19.23
C PRO D 238 -43.69 -21.70 19.42
N VAL D 239 -43.13 -20.95 20.38
CA VAL D 239 -43.56 -19.59 20.61
C VAL D 239 -42.74 -18.78 19.61
N PHE D 240 -43.19 -17.60 19.24
CA PHE D 240 -42.45 -16.82 18.26
C PHE D 240 -42.81 -15.35 18.26
N THR D 241 -42.02 -14.58 17.51
CA THR D 241 -42.26 -13.16 17.36
C THR D 241 -41.71 -12.73 16.02
N ASP D 242 -42.39 -11.79 15.39
CA ASP D 242 -41.99 -11.28 14.09
C ASP D 242 -41.19 -10.00 14.18
N LEU D 243 -40.11 -9.96 13.41
CA LEU D 243 -39.25 -8.79 13.35
C LEU D 243 -38.96 -8.57 11.87
N ASP D 244 -39.61 -7.57 11.30
CA ASP D 244 -39.47 -7.28 9.87
C ASP D 244 -39.88 -8.53 9.11
N GLU D 245 -39.08 -8.98 8.14
CA GLU D 245 -39.45 -10.17 7.41
C GLU D 245 -38.97 -11.45 8.09
N PHE D 246 -38.47 -11.30 9.32
CA PHE D 246 -37.96 -12.44 10.10
C PHE D 246 -38.96 -12.99 11.11
N ARG D 247 -38.90 -14.30 11.31
CA ARG D 247 -39.74 -14.99 12.27
C ARG D 247 -38.80 -15.76 13.19
N ILE D 248 -38.80 -15.40 14.47
CA ILE D 248 -37.92 -16.02 15.46
C ILE D 248 -38.68 -16.97 16.39
N TYR D 249 -38.31 -18.25 16.35
CA TYR D 249 -38.94 -19.29 17.14
C TYR D 249 -38.10 -19.78 18.33
N GLU D 250 -38.79 -20.17 19.40
CA GLU D 250 -38.14 -20.70 20.60
C GLU D 250 -39.01 -21.83 21.15
N THR D 251 -38.38 -22.75 21.89
CA THR D 251 -39.09 -23.85 22.53
C THR D 251 -39.95 -23.22 23.63
N SER D 252 -41.21 -23.65 23.69
CA SER D 252 -42.21 -23.13 24.63
C SER D 252 -41.99 -23.36 26.12
N PRO D 253 -42.64 -22.67 27.26
CA PRO D 253 -42.39 -23.12 28.64
C PRO D 253 -42.86 -24.57 28.87
N ASN D 254 -42.16 -25.13 29.70
CA ASN D 254 -41.25 -24.79 30.79
C ASN D 254 -39.86 -24.52 30.27
N SER D 255 -39.51 -24.49 29.15
CA SER D 255 -38.25 -24.00 28.61
C SER D 255 -38.22 -22.49 28.78
N GLN D 256 -37.04 -21.94 29.03
CA GLN D 256 -36.90 -20.49 29.21
C GLN D 256 -36.75 -19.76 27.88
N GLY D 257 -36.93 -20.50 26.78
CA GLY D 257 -36.78 -19.90 25.47
C GLY D 257 -37.51 -18.59 25.20
N ILE D 258 -38.75 -18.49 25.65
CA ILE D 258 -39.55 -17.29 25.43
C ILE D 258 -38.87 -16.01 25.94
N THR D 259 -37.90 -16.16 26.84
CA THR D 259 -37.17 -15.01 27.35
C THR D 259 -36.52 -14.26 26.18
N VAL D 260 -36.03 -14.99 25.20
CA VAL D 260 -35.40 -14.38 24.03
C VAL D 260 -36.44 -13.61 23.22
N ILE D 261 -37.65 -14.17 23.14
CA ILE D 261 -38.74 -13.54 22.42
C ILE D 261 -39.09 -12.20 23.06
N GLU D 262 -39.24 -12.21 24.39
CA GLU D 262 -39.58 -11.00 25.13
C GLU D 262 -38.50 -9.95 24.95
N TRP D 263 -37.24 -10.40 24.96
CA TRP D 263 -36.10 -9.51 24.80
C TRP D 263 -36.15 -8.80 23.45
N ILE D 264 -36.43 -9.55 22.40
CA ILE D 264 -36.52 -8.98 21.05
C ILE D 264 -37.61 -7.90 21.00
N ARG D 265 -38.77 -8.23 21.55
CA ARG D 265 -39.89 -7.29 21.57
C ARG D 265 -39.48 -6.03 22.34
N GLY D 266 -38.69 -6.21 23.39
CA GLY D 266 -38.25 -5.07 24.18
C GLY D 266 -37.33 -4.20 23.35
N MSE D 267 -36.38 -4.83 22.66
CA MSE D 267 -35.45 -4.11 21.81
C MSE D 267 -36.22 -3.37 20.72
O MSE D 267 -35.90 -2.23 20.37
CB MSE D 267 -34.46 -5.09 21.16
CG MSE D 267 -33.42 -5.66 22.10
SE MSE D 267 -32.17 -4.30 22.71
CE MSE D 267 -31.25 -4.02 21.02
N GLU D 268 -37.23 -4.04 20.19
CA GLU D 268 -38.06 -3.46 19.14
C GLU D 268 -38.74 -2.21 19.68
N SER D 269 -39.11 -2.23 20.94
CA SER D 269 -39.75 -1.09 21.58
C SER D 269 -38.81 0.09 21.72
N HIS D 270 -37.51 -0.17 21.63
CA HIS D 270 -36.51 0.89 21.74
C HIS D 270 -36.11 1.44 20.38
N GLY D 271 -36.88 1.09 19.36
CA GLY D 271 -36.61 1.58 18.02
C GLY D 271 -35.62 0.77 17.20
N TYR D 272 -35.28 -0.44 17.64
CA TYR D 272 -34.35 -1.27 16.89
C TYR D 272 -35.09 -2.29 16.02
N ASP D 273 -34.43 -2.74 14.95
CA ASP D 273 -35.01 -3.75 14.07
C ASP D 273 -33.92 -4.73 13.63
N SER D 274 -34.28 -5.66 12.76
CA SER D 274 -33.34 -6.69 12.30
C SER D 274 -32.05 -6.16 11.69
N ARG D 275 -32.06 -4.92 11.21
CA ARG D 275 -30.88 -4.34 10.60
C ARG D 275 -30.02 -3.48 11.52
N THR D 276 -30.55 -3.10 12.68
CA THR D 276 -29.81 -2.23 13.58
C THR D 276 -29.47 -2.78 14.97
N MSE D 277 -30.11 -3.88 15.38
CA MSE D 277 -29.82 -4.43 16.70
C MSE D 277 -28.35 -4.80 16.88
O MSE D 277 -27.80 -4.66 17.96
CB MSE D 277 -30.68 -5.66 16.98
CG MSE D 277 -32.14 -5.39 17.23
SE MSE D 277 -33.03 -6.93 17.99
CE MSE D 277 -32.87 -8.11 16.47
N TRP D 278 -27.72 -5.26 15.81
CA TRP D 278 -26.32 -5.67 15.87
C TRP D 278 -25.38 -4.57 16.38
N GLU D 279 -25.83 -3.32 16.31
CA GLU D 279 -25.00 -2.22 16.78
C GLU D 279 -25.73 -1.37 17.83
N ALA D 280 -26.75 -1.95 18.45
CA ALA D 280 -27.53 -1.25 19.47
C ALA D 280 -26.66 -0.83 20.65
N LYS D 281 -27.09 0.21 21.35
CA LYS D 281 -26.36 0.70 22.52
C LYS D 281 -26.39 -0.40 23.56
N ILE D 282 -25.26 -0.64 24.21
CA ILE D 282 -25.19 -1.71 25.21
C ILE D 282 -26.14 -1.48 26.40
N GLU D 283 -26.42 -0.22 26.74
CA GLU D 283 -27.33 0.06 27.85
C GLU D 283 -28.70 -0.49 27.51
N ASP D 284 -29.12 -0.28 26.26
CA ASP D 284 -30.43 -0.76 25.81
C ASP D 284 -30.48 -2.27 25.83
N ILE D 285 -29.39 -2.91 25.40
CA ILE D 285 -29.31 -4.36 25.38
C ILE D 285 -29.51 -4.91 26.78
N PHE D 286 -28.83 -4.32 27.76
CA PHE D 286 -28.96 -4.77 29.14
C PHE D 286 -30.31 -4.43 29.78
N GLU D 287 -30.79 -3.22 29.52
CA GLU D 287 -32.07 -2.81 30.09
C GLU D 287 -33.20 -3.74 29.64
N THR D 288 -33.28 -4.00 28.34
CA THR D 288 -34.31 -4.89 27.83
C THR D 288 -34.10 -6.32 28.33
N MSE D 289 -32.84 -6.71 28.49
CA MSE D 289 -32.52 -8.05 28.97
C MSE D 289 -33.04 -8.27 30.40
O MSE D 289 -33.71 -9.26 30.68
CB MSE D 289 -31.01 -8.28 28.95
CG MSE D 289 -30.56 -9.67 29.39
SE MSE D 289 -30.31 -9.86 31.32
CE MSE D 289 -28.60 -8.98 31.45
N GLU D 290 -32.72 -7.34 31.29
CA GLU D 290 -33.16 -7.45 32.68
C GLU D 290 -34.69 -7.48 32.77
N GLU D 291 -35.35 -6.77 31.87
CA GLU D 291 -36.82 -6.75 31.86
C GLU D 291 -37.30 -8.15 31.48
N ALA D 292 -36.68 -8.71 30.45
CA ALA D 292 -37.03 -10.04 29.96
C ALA D 292 -36.75 -11.09 31.03
N TYR D 293 -35.62 -10.97 31.71
CA TYR D 293 -35.25 -11.93 32.75
C TYR D 293 -36.16 -11.85 33.96
N ASP D 294 -36.80 -10.71 34.16
CA ASP D 294 -37.70 -10.55 35.28
C ASP D 294 -38.97 -11.33 34.99
N LYS D 295 -39.44 -11.27 33.74
CA LYS D 295 -40.64 -11.98 33.32
C LYS D 295 -40.34 -13.49 33.37
N ARG D 296 -39.07 -13.83 33.16
CA ARG D 296 -38.62 -15.21 33.17
C ARG D 296 -38.96 -15.90 34.48
N ARG D 297 -39.05 -15.12 35.55
CA ARG D 297 -39.35 -15.65 36.88
C ARG D 297 -40.74 -16.28 37.00
N LYS D 298 -41.60 -16.06 36.01
CA LYS D 298 -42.95 -16.61 36.04
C LYS D 298 -43.11 -17.88 35.20
N ILE D 299 -42.03 -18.32 34.57
CA ILE D 299 -42.05 -19.51 33.73
C ILE D 299 -41.87 -20.77 34.57
N THR D 300 -42.66 -21.80 34.25
CA THR D 300 -42.59 -23.09 34.94
C THR D 300 -43.43 -24.08 34.14
N ASP D 301 -43.84 -25.17 34.78
CA ASP D 301 -44.68 -26.17 34.12
C ASP D 301 -45.82 -25.39 33.43
N PRO D 302 -46.08 -25.69 32.15
CA PRO D 302 -47.14 -24.98 31.41
C PRO D 302 -48.55 -25.05 32.01
N SER D 303 -48.78 -26.00 32.91
CA SER D 303 -50.08 -26.13 33.56
C SER D 303 -50.11 -25.45 34.94
N TYR D 304 -49.10 -24.61 35.21
CA TYR D 304 -49.01 -23.91 36.49
C TYR D 304 -48.60 -22.46 36.30
N MSE D 305 -48.84 -21.91 35.11
CA MSE D 305 -48.45 -20.53 34.85
C MSE D 305 -49.51 -19.45 34.93
O MSE D 305 -49.21 -18.27 34.72
CB MSE D 305 -47.71 -20.46 33.51
CG MSE D 305 -46.32 -21.04 33.58
SE MSE D 305 -45.43 -21.07 31.87
CE MSE D 305 -45.24 -19.16 31.62
N ASN D 306 -50.76 -19.81 35.20
CA ASN D 306 -51.79 -18.79 35.32
C ASN D 306 -51.84 -18.34 36.78
N ILE D 307 -50.88 -17.51 37.14
CA ILE D 307 -50.78 -17.00 38.51
C ILE D 307 -51.29 -15.57 38.63
N ALA D 308 -51.48 -15.11 39.86
CA ALA D 308 -51.97 -13.76 40.11
C ALA D 308 -50.94 -12.70 39.74
N GLN D 309 -51.40 -11.57 39.21
CA GLN D 309 -50.50 -10.48 38.84
C GLN D 309 -50.13 -9.76 40.12
N HIS D 310 -48.93 -9.17 40.16
CA HIS D 310 -48.48 -8.46 41.34
C HIS D 310 -49.43 -7.34 41.74
N ASP D 311 -49.67 -7.22 43.04
CA ASP D 311 -50.53 -6.18 43.58
C ASP D 311 -49.64 -5.15 44.27
N SER D 312 -49.63 -3.92 43.76
CA SER D 312 -48.81 -2.87 44.34
C SER D 312 -49.16 -2.63 45.81
N ALA D 313 -50.31 -3.14 46.25
CA ALA D 313 -50.74 -2.98 47.63
C ALA D 313 -49.83 -3.78 48.56
N ASN D 314 -49.05 -4.69 47.97
CA ASN D 314 -48.14 -5.51 48.76
C ASN D 314 -46.74 -4.90 48.74
N GLY D 315 -46.65 -3.67 48.26
CA GLY D 315 -45.37 -2.99 48.20
C GLY D 315 -44.36 -3.62 47.26
N LYS D 316 -43.08 -3.48 47.59
CA LYS D 316 -41.99 -4.02 46.78
C LYS D 316 -42.21 -5.50 46.47
N GLY D 319 -36.86 -7.88 46.83
CA GLY D 319 -35.41 -7.93 46.79
C GLY D 319 -34.90 -9.35 46.86
N LEU D 320 -34.33 -9.81 45.74
CA LEU D 320 -33.80 -11.18 45.68
C LEU D 320 -32.31 -11.20 45.96
N PRO D 321 -31.79 -12.32 46.48
CA PRO D 321 -30.35 -12.41 46.77
C PRO D 321 -29.53 -12.25 45.50
N LYS D 322 -28.46 -11.46 45.58
CA LYS D 322 -27.60 -11.21 44.44
C LYS D 322 -26.67 -12.37 44.10
N ARG D 323 -26.56 -12.66 42.80
CA ARG D 323 -25.69 -13.73 42.31
C ARG D 323 -24.25 -13.34 42.58
N ASP D 324 -23.43 -14.32 42.93
CA ASP D 324 -22.02 -14.06 43.20
C ASP D 324 -21.18 -15.26 42.78
N HIS D 325 -21.44 -15.75 41.58
CA HIS D 325 -20.73 -16.91 41.04
C HIS D 325 -20.96 -17.02 39.55
N ASN D 326 -20.12 -17.80 38.87
CA ASN D 326 -20.24 -18.01 37.43
C ASN D 326 -21.53 -18.77 37.17
N ASP D 327 -21.95 -18.81 35.91
CA ASP D 327 -23.18 -19.51 35.55
C ASP D 327 -23.05 -21.00 35.87
N ILE D 328 -24.19 -21.64 36.10
CA ILE D 328 -24.20 -23.07 36.39
C ILE D 328 -25.14 -23.75 35.39
N GLY D 329 -24.61 -24.72 34.66
CA GLY D 329 -25.41 -25.44 33.69
C GLY D 329 -24.59 -25.95 32.52
N ASP D 330 -24.50 -27.26 32.40
CA ASP D 330 -23.75 -27.90 31.34
C ASP D 330 -24.75 -28.56 30.40
N THR D 331 -24.53 -28.38 29.11
CA THR D 331 -25.44 -28.93 28.11
C THR D 331 -24.74 -28.99 26.77
N THR D 332 -25.33 -29.71 25.83
CA THR D 332 -24.78 -29.79 24.49
C THR D 332 -25.92 -29.52 23.51
N TYR D 333 -25.66 -28.64 22.56
CA TYR D 333 -26.64 -28.27 21.56
C TYR D 333 -26.09 -28.58 20.18
N PHE D 334 -26.96 -29.04 19.29
CA PHE D 334 -26.53 -29.33 17.93
C PHE D 334 -27.62 -28.95 16.94
N SER D 335 -27.20 -28.65 15.72
CA SER D 335 -28.14 -28.27 14.67
C SER D 335 -27.82 -29.00 13.38
N ILE D 336 -28.85 -29.29 12.59
CA ILE D 336 -28.69 -29.92 11.29
C ILE D 336 -29.75 -29.31 10.38
N SER D 337 -29.34 -28.89 9.18
CA SER D 337 -30.26 -28.31 8.21
C SER D 337 -29.92 -28.79 6.82
N ASP D 338 -30.92 -28.89 5.94
CA ASP D 338 -30.65 -29.27 4.57
C ASP D 338 -31.16 -28.19 3.63
N SER D 339 -30.75 -28.24 2.37
CA SER D 339 -31.11 -27.24 1.38
C SER D 339 -32.61 -27.07 1.12
N GLU D 340 -33.41 -28.06 1.51
CA GLU D 340 -34.85 -27.99 1.29
C GLU D 340 -35.61 -27.34 2.45
N GLY D 341 -34.86 -26.86 3.44
CA GLY D 341 -35.51 -26.22 4.57
C GLY D 341 -35.74 -27.09 5.79
N ARG D 342 -35.37 -28.37 5.72
CA ARG D 342 -35.55 -29.23 6.88
C ARG D 342 -34.50 -28.81 7.89
N SER D 343 -34.82 -28.95 9.17
CA SER D 343 -33.86 -28.55 10.20
C SER D 343 -34.25 -29.06 11.58
N VAL D 344 -33.25 -29.13 12.45
CA VAL D 344 -33.47 -29.53 13.83
C VAL D 344 -32.59 -28.60 14.65
N SER D 345 -33.11 -28.20 15.81
CA SER D 345 -32.42 -27.33 16.75
C SER D 345 -32.66 -28.14 18.01
N ILE D 346 -31.65 -28.90 18.42
CA ILE D 346 -31.77 -29.81 19.55
C ILE D 346 -30.76 -29.56 20.67
N ILE D 347 -31.25 -29.61 21.90
CA ILE D 347 -30.40 -29.37 23.07
C ILE D 347 -30.75 -30.40 24.15
N GLN D 348 -29.73 -30.89 24.85
CA GLN D 348 -29.93 -31.91 25.86
C GLN D 348 -28.91 -31.77 27.00
N SER D 349 -29.28 -32.21 28.20
CA SER D 349 -28.36 -32.13 29.35
C SER D 349 -28.88 -32.76 30.64
N ASN D 350 -28.00 -32.87 31.62
CA ASN D 350 -28.33 -33.43 32.93
C ASN D 350 -28.43 -32.29 33.93
N TYR D 351 -28.30 -31.07 33.42
CA TYR D 351 -28.29 -29.82 34.19
C TYR D 351 -26.86 -29.54 34.65
N MSE D 352 -26.47 -30.06 35.82
CA MSE D 352 -25.11 -29.83 36.32
C MSE D 352 -24.10 -30.92 35.96
O MSE D 352 -24.05 -31.98 36.59
CB MSE D 352 -25.11 -29.65 37.85
CG MSE D 352 -25.75 -28.36 38.32
SE MSE D 352 -25.48 -28.12 40.23
CE MSE D 352 -27.08 -27.10 40.65
N GLY D 353 -23.29 -30.65 34.93
CA GLY D 353 -22.27 -31.59 34.50
C GLY D 353 -22.78 -33.00 34.25
N PHE D 354 -22.21 -33.96 34.97
CA PHE D 354 -22.59 -35.36 34.84
C PHE D 354 -23.96 -35.65 35.45
N GLY D 355 -24.44 -34.74 36.29
CA GLY D 355 -25.74 -34.93 36.92
C GLY D 355 -25.70 -35.12 38.42
N SER D 356 -26.68 -35.86 38.94
CA SER D 356 -26.81 -36.13 40.37
C SER D 356 -25.71 -37.00 40.94
N GLY D 357 -25.07 -37.78 40.09
CA GLY D 357 -24.01 -38.67 40.54
C GLY D 357 -24.56 -40.06 40.75
N ILE D 358 -25.89 -40.18 40.76
CA ILE D 358 -26.56 -41.46 40.96
C ILE D 358 -26.72 -42.23 39.64
N VAL D 359 -26.06 -43.37 39.56
CA VAL D 359 -26.11 -44.22 38.37
C VAL D 359 -26.88 -45.51 38.68
N PRO D 360 -28.04 -45.73 38.03
CA PRO D 360 -28.78 -46.96 38.30
C PRO D 360 -27.87 -48.13 37.90
N LYS D 361 -27.58 -49.01 38.86
CA LYS D 361 -26.69 -50.14 38.61
C LYS D 361 -26.83 -50.84 37.26
N GLY D 362 -25.71 -50.94 36.55
CA GLY D 362 -25.68 -51.62 35.26
C GLY D 362 -26.21 -50.87 34.05
N THR D 363 -26.60 -49.61 34.21
CA THR D 363 -27.14 -48.84 33.08
C THR D 363 -26.11 -47.94 32.41
N GLY D 364 -25.06 -47.57 33.13
CA GLY D 364 -24.04 -46.73 32.56
C GLY D 364 -24.37 -45.26 32.39
N PHE D 365 -25.45 -44.79 33.02
CA PHE D 365 -25.79 -43.38 32.91
C PHE D 365 -26.17 -42.77 34.25
N VAL D 366 -25.97 -41.46 34.37
CA VAL D 366 -26.26 -40.73 35.60
C VAL D 366 -27.60 -40.02 35.53
N LEU D 367 -28.39 -40.14 36.58
CA LEU D 367 -29.68 -39.46 36.62
C LEU D 367 -29.43 -37.96 36.74
N GLN D 368 -30.14 -37.17 35.92
CA GLN D 368 -30.00 -35.71 35.93
C GLN D 368 -30.37 -35.12 37.29
N ASN D 369 -29.85 -33.93 37.59
CA ASN D 369 -30.19 -33.27 38.86
C ASN D 369 -31.01 -32.02 38.55
N ARG D 370 -31.75 -32.09 37.45
CA ARG D 370 -32.61 -31.01 36.99
C ARG D 370 -33.61 -30.60 38.08
N GLY D 371 -34.08 -31.59 38.84
CA GLY D 371 -35.04 -31.33 39.89
C GLY D 371 -34.58 -30.36 40.97
N SER D 372 -33.27 -30.14 41.07
CA SER D 372 -32.76 -29.23 42.08
C SER D 372 -33.08 -27.77 41.77
N TYR D 373 -33.59 -27.50 40.58
CA TYR D 373 -33.95 -26.13 40.21
C TYR D 373 -35.29 -25.75 40.83
N PHE D 374 -36.05 -26.76 41.25
CA PHE D 374 -37.35 -26.52 41.91
C PHE D 374 -37.06 -25.81 43.24
N THR D 375 -38.04 -25.05 43.72
CA THR D 375 -37.89 -24.37 45.01
C THR D 375 -38.90 -24.99 45.96
N LEU D 376 -38.67 -24.83 47.26
CA LEU D 376 -39.60 -25.38 48.24
C LEU D 376 -40.49 -24.28 48.80
N GLN D 377 -40.41 -23.08 48.22
CA GLN D 377 -41.25 -21.98 48.67
C GLN D 377 -42.62 -22.34 48.08
N ARG D 378 -43.57 -22.63 48.96
CA ARG D 378 -44.90 -23.04 48.53
C ARG D 378 -45.66 -22.08 47.63
N ASP D 379 -45.47 -20.77 47.80
CA ASP D 379 -46.21 -19.82 46.98
C ASP D 379 -45.48 -19.34 45.72
N HIS D 380 -44.35 -19.96 45.41
CA HIS D 380 -43.59 -19.59 44.22
C HIS D 380 -44.13 -20.35 43.01
N PRO D 381 -44.16 -19.71 41.83
CA PRO D 381 -44.68 -20.39 40.63
C PRO D 381 -43.96 -21.70 40.34
N ASN D 382 -42.66 -21.76 40.60
CA ASN D 382 -41.89 -22.96 40.33
C ASN D 382 -41.72 -23.87 41.53
N ALA D 383 -42.68 -23.83 42.45
CA ALA D 383 -42.64 -24.66 43.65
C ALA D 383 -42.73 -26.14 43.26
N LEU D 384 -42.02 -26.98 43.99
CA LEU D 384 -42.05 -28.42 43.73
C LEU D 384 -43.45 -28.97 44.01
N MSE D 385 -43.91 -29.83 43.11
CA MSE D 385 -45.21 -30.50 43.25
C MSE D 385 -45.04 -31.85 42.57
O MSE D 385 -44.40 -31.95 41.52
CB MSE D 385 -46.31 -29.71 42.53
CG MSE D 385 -46.56 -28.29 43.05
SE MSE D 385 -47.29 -28.23 44.86
CE MSE D 385 -49.13 -28.65 44.46
N PRO D 386 -45.60 -32.92 43.15
CA PRO D 386 -45.43 -34.20 42.47
C PRO D 386 -46.02 -34.19 41.06
N GLY D 387 -45.33 -34.81 40.11
CA GLY D 387 -45.78 -34.85 38.74
C GLY D 387 -45.63 -33.56 37.95
N LYS D 388 -44.98 -32.57 38.57
CA LYS D 388 -44.80 -31.27 37.93
C LYS D 388 -43.44 -31.13 37.25
N ARG D 389 -43.37 -30.27 36.24
CA ARG D 389 -42.13 -30.00 35.53
C ARG D 389 -41.58 -28.69 36.07
N THR D 390 -40.25 -28.56 36.08
CA THR D 390 -39.63 -27.34 36.58
C THR D 390 -39.24 -26.39 35.47
N PHE D 391 -39.07 -25.12 35.84
CA PHE D 391 -38.59 -24.09 34.94
C PHE D 391 -37.34 -24.78 34.36
N HIS D 392 -37.16 -24.69 33.06
CA HIS D 392 -36.02 -25.36 32.42
C HIS D 392 -35.11 -24.37 31.69
N THR D 393 -33.81 -24.45 31.98
CA THR D 393 -32.83 -23.57 31.34
C THR D 393 -32.61 -23.91 29.87
N LEU D 394 -33.02 -25.12 29.48
CA LEU D 394 -32.84 -25.54 28.08
C LEU D 394 -33.77 -24.84 27.12
N ALA D 395 -33.22 -24.40 25.99
CA ALA D 395 -33.99 -23.73 24.96
C ALA D 395 -33.31 -23.92 23.61
N ALA D 396 -34.12 -24.04 22.55
CA ALA D 396 -33.60 -24.22 21.20
C ALA D 396 -34.28 -23.16 20.33
N CYS D 397 -33.51 -22.56 19.44
CA CYS D 397 -34.01 -21.50 18.58
C CYS D 397 -33.99 -21.83 17.09
N MSE D 398 -34.81 -21.09 16.34
CA MSE D 398 -34.88 -21.26 14.91
C MSE D 398 -35.37 -19.93 14.33
O MSE D 398 -36.15 -19.23 14.96
CB MSE D 398 -35.84 -22.38 14.54
CG MSE D 398 -35.46 -23.13 13.27
SE MSE D 398 -36.51 -24.73 12.96
CE MSE D 398 -35.31 -26.07 13.65
N VAL D 399 -34.87 -19.58 13.16
CA VAL D 399 -35.23 -18.33 12.52
C VAL D 399 -35.63 -18.54 11.07
N GLU D 400 -36.73 -17.91 10.66
CA GLU D 400 -37.21 -17.99 9.29
C GLU D 400 -37.14 -16.59 8.69
N LYS D 401 -36.90 -16.52 7.38
CA LYS D 401 -36.86 -15.23 6.68
C LYS D 401 -37.86 -15.36 5.55
N GLU D 402 -38.92 -14.55 5.62
CA GLU D 402 -39.97 -14.60 4.61
C GLU D 402 -40.52 -16.02 4.51
N HIS D 403 -40.71 -16.64 5.67
CA HIS D 403 -41.26 -17.99 5.80
C HIS D 403 -40.34 -19.17 5.49
N ASP D 404 -39.14 -18.91 5.00
CA ASP D 404 -38.20 -20.00 4.71
C ASP D 404 -37.14 -20.11 5.79
N LEU D 405 -36.52 -21.28 5.90
CA LEU D 405 -35.49 -21.49 6.89
C LEU D 405 -34.36 -20.49 6.72
N TYR D 406 -33.95 -19.86 7.82
CA TYR D 406 -32.88 -18.88 7.77
C TYR D 406 -31.74 -19.34 8.66
N ALA D 407 -32.08 -19.70 9.90
CA ALA D 407 -31.07 -20.16 10.84
C ALA D 407 -31.63 -21.12 11.88
N SER D 408 -30.74 -21.92 12.44
CA SER D 408 -31.06 -22.90 13.47
C SER D 408 -29.90 -22.78 14.45
N LEU D 409 -30.17 -22.33 15.67
CA LEU D 409 -29.12 -22.14 16.65
C LEU D 409 -29.56 -22.38 18.09
N GLY D 410 -28.57 -22.48 18.97
CA GLY D 410 -28.83 -22.70 20.38
C GLY D 410 -27.49 -22.73 21.09
N SER D 411 -27.49 -22.75 22.41
CA SER D 411 -26.21 -22.76 23.12
C SER D 411 -26.26 -23.32 24.53
N MSE D 412 -25.15 -23.94 24.92
CA MSE D 412 -25.00 -24.48 26.25
C MSE D 412 -24.99 -23.30 27.20
O MSE D 412 -24.65 -22.18 26.83
CB MSE D 412 -23.68 -25.23 26.39
CG MSE D 412 -23.36 -25.60 27.83
SE MSE D 412 -21.54 -26.13 28.09
CE MSE D 412 -21.02 -24.83 29.43
N GLY D 413 -25.36 -23.59 28.44
CA GLY D 413 -25.39 -22.55 29.46
C GLY D 413 -26.58 -22.82 30.36
N GLY D 414 -26.53 -22.27 31.56
CA GLY D 414 -27.64 -22.46 32.46
C GLY D 414 -28.54 -21.26 32.23
N ASP D 415 -28.47 -20.31 33.15
CA ASP D 415 -29.28 -19.14 33.05
C ASP D 415 -28.77 -18.15 32.01
N ILE D 416 -27.62 -18.44 31.39
CA ILE D 416 -27.08 -17.54 30.38
C ILE D 416 -27.46 -17.92 28.95
N GLN D 417 -28.19 -19.02 28.77
CA GLN D 417 -28.57 -19.43 27.41
C GLN D 417 -29.26 -18.32 26.62
N PRO D 418 -30.19 -17.59 27.25
CA PRO D 418 -30.85 -16.52 26.48
C PRO D 418 -29.85 -15.42 26.06
N GLN D 419 -28.91 -15.10 26.94
CA GLN D 419 -27.92 -14.06 26.65
C GLN D 419 -27.00 -14.45 25.49
N VAL D 420 -26.52 -15.68 25.47
CA VAL D 420 -25.65 -16.12 24.38
C VAL D 420 -26.44 -16.12 23.08
N GLN D 421 -27.66 -16.67 23.13
CA GLN D 421 -28.51 -16.72 21.94
C GLN D 421 -28.70 -15.32 21.34
N MSE D 422 -29.02 -14.36 22.21
CA MSE D 422 -29.26 -12.99 21.76
C MSE D 422 -28.06 -12.34 21.09
O MSE D 422 -28.19 -11.69 20.05
CB MSE D 422 -29.72 -12.13 22.94
CG MSE D 422 -30.32 -10.78 22.52
SE MSE D 422 -31.97 -10.97 21.51
CE MSE D 422 -32.66 -9.18 21.77
N GLN D 423 -26.87 -12.49 21.67
CA GLN D 423 -25.69 -11.90 21.07
C GLN D 423 -25.49 -12.50 19.68
N ILE D 424 -25.79 -13.78 19.53
CA ILE D 424 -25.67 -14.46 18.25
C ILE D 424 -26.76 -13.97 17.30
N LEU D 425 -28.01 -13.97 17.78
CA LEU D 425 -29.15 -13.54 16.97
C LEU D 425 -29.03 -12.14 16.37
N MSE D 426 -28.60 -11.18 17.18
CA MSE D 426 -28.47 -9.81 16.70
C MSE D 426 -27.55 -9.71 15.48
O MSE D 426 -27.81 -8.93 14.57
CB MSE D 426 -27.99 -8.90 17.84
CG MSE D 426 -28.98 -8.86 19.01
SE MSE D 426 -28.58 -7.51 20.33
CE MSE D 426 -27.29 -8.49 21.39
N GLU D 427 -26.50 -10.52 15.48
CA GLU D 427 -25.56 -10.53 14.36
C GLU D 427 -26.08 -11.36 13.19
N ILE D 428 -26.64 -12.53 13.51
CA ILE D 428 -27.15 -13.42 12.49
C ILE D 428 -28.27 -12.78 11.67
N LEU D 429 -29.09 -11.95 12.32
CA LEU D 429 -30.18 -11.28 11.63
C LEU D 429 -29.66 -10.28 10.61
N LYS D 430 -28.50 -9.71 10.89
CA LYS D 430 -27.89 -8.74 9.99
C LYS D 430 -27.16 -9.42 8.83
N ASP D 431 -26.45 -10.51 9.14
CA ASP D 431 -25.69 -11.26 8.15
C ASP D 431 -25.51 -12.69 8.65
N ASN D 432 -25.95 -13.68 7.87
CA ASN D 432 -25.84 -15.08 8.28
C ASN D 432 -24.89 -15.89 7.41
N THR D 433 -24.03 -15.22 6.66
CA THR D 433 -23.10 -15.91 5.76
C THR D 433 -21.78 -16.35 6.38
N ASP D 434 -21.46 -15.82 7.56
CA ASP D 434 -20.24 -16.19 8.26
C ASP D 434 -20.57 -16.51 9.71
N PRO D 435 -21.37 -17.55 9.96
CA PRO D 435 -21.75 -17.91 11.32
C PRO D 435 -20.58 -18.21 12.26
N GLN D 436 -19.47 -18.73 11.72
CA GLN D 436 -18.33 -19.02 12.58
C GLN D 436 -17.76 -17.74 13.17
N ALA D 437 -17.66 -16.70 12.34
CA ALA D 437 -17.14 -15.43 12.80
C ALA D 437 -18.00 -14.95 13.96
N ILE D 438 -19.30 -15.20 13.87
CA ILE D 438 -20.23 -14.81 14.93
C ILE D 438 -19.98 -15.60 16.21
N LEU D 439 -19.84 -16.92 16.09
CA LEU D 439 -19.58 -17.76 17.26
C LEU D 439 -18.25 -17.39 17.92
N ASP D 440 -17.27 -17.03 17.10
CA ASP D 440 -15.94 -16.65 17.59
C ASP D 440 -15.92 -15.36 18.43
N LYS D 441 -16.80 -14.42 18.11
CA LYS D 441 -16.86 -13.14 18.81
C LYS D 441 -16.87 -13.22 20.34
N PRO D 442 -16.13 -12.32 21.00
CA PRO D 442 -16.09 -12.29 22.46
C PRO D 442 -17.49 -12.01 22.97
N ARG D 443 -17.86 -12.65 24.07
CA ARG D 443 -19.21 -12.46 24.60
C ARG D 443 -19.23 -11.98 26.05
N TRP D 444 -20.41 -11.58 26.50
CA TRP D 444 -20.60 -11.15 27.88
C TRP D 444 -21.72 -11.99 28.46
N THR D 445 -21.78 -12.06 29.79
CA THR D 445 -22.86 -12.79 30.46
C THR D 445 -23.13 -12.13 31.79
N GLU D 446 -24.33 -12.30 32.32
CA GLU D 446 -24.72 -11.77 33.62
C GLU D 446 -25.63 -12.84 34.19
N PRO D 447 -25.03 -13.89 34.74
CA PRO D 447 -25.74 -15.03 35.32
C PRO D 447 -26.47 -14.81 36.65
N TYR D 448 -27.66 -15.40 36.71
CA TYR D 448 -28.50 -15.40 37.91
C TYR D 448 -29.74 -16.23 37.64
N THR D 449 -30.12 -17.03 38.62
CA THR D 449 -31.29 -17.89 38.50
C THR D 449 -32.54 -17.05 38.67
N ILE D 450 -33.70 -17.66 38.46
CA ILE D 450 -34.96 -16.95 38.60
C ILE D 450 -35.19 -16.56 40.06
N TYR D 451 -34.34 -17.06 40.95
CA TYR D 451 -34.47 -16.77 42.38
C TYR D 451 -33.46 -15.73 42.84
N GLU D 452 -32.65 -15.24 41.90
CA GLU D 452 -31.62 -14.27 42.25
C GLU D 452 -31.71 -12.94 41.53
N ALA D 453 -30.95 -11.97 42.04
CA ALA D 453 -30.90 -10.65 41.44
C ALA D 453 -29.58 -10.63 40.66
N PRO D 454 -29.51 -9.80 39.62
CA PRO D 454 -28.29 -9.70 38.82
C PRO D 454 -27.05 -9.53 39.68
N GLY D 455 -25.98 -10.19 39.30
CA GLY D 455 -24.73 -10.07 40.04
C GLY D 455 -23.71 -9.40 39.14
N ALA D 456 -22.51 -9.95 39.11
CA ALA D 456 -21.45 -9.40 38.28
C ALA D 456 -21.66 -9.71 36.81
N VAL D 457 -21.06 -8.89 35.95
CA VAL D 457 -21.11 -9.08 34.51
C VAL D 457 -19.75 -9.62 34.11
N TYR D 458 -19.75 -10.73 33.37
CA TYR D 458 -18.49 -11.33 32.93
C TYR D 458 -18.30 -11.03 31.45
N VAL D 459 -17.07 -10.69 31.06
CA VAL D 459 -16.78 -10.38 29.66
C VAL D 459 -15.51 -11.09 29.19
N GLU D 460 -15.46 -11.43 27.91
CA GLU D 460 -14.29 -12.13 27.36
C GLU D 460 -13.24 -11.24 26.69
N SER D 461 -13.49 -9.94 26.59
CA SER D 461 -12.52 -9.04 25.97
C SER D 461 -12.37 -7.72 26.71
N GLU D 462 -11.21 -7.09 26.55
CA GLU D 462 -10.95 -5.81 27.19
C GLU D 462 -11.92 -4.76 26.70
N GLU D 463 -12.30 -4.86 25.42
CA GLU D 463 -13.24 -3.91 24.82
C GLU D 463 -14.62 -3.98 25.48
N LEU D 464 -15.09 -5.20 25.73
CA LEU D 464 -16.39 -5.37 26.38
C LEU D 464 -16.28 -4.86 27.82
N TYR D 465 -15.14 -5.13 28.46
CA TYR D 465 -14.92 -4.69 29.83
C TYR D 465 -15.08 -3.18 29.92
N ARG D 466 -14.50 -2.47 28.96
CA ARG D 466 -14.59 -1.02 28.93
C ARG D 466 -16.01 -0.52 28.63
N ASN D 467 -16.64 -1.09 27.62
CA ASN D 467 -17.99 -0.69 27.25
C ASN D 467 -18.99 -0.89 28.39
N VAL D 468 -18.94 -2.06 29.02
CA VAL D 468 -19.84 -2.36 30.13
C VAL D 468 -19.54 -1.48 31.35
N SER D 469 -18.27 -1.33 31.67
CA SER D 469 -17.85 -0.53 32.82
C SER D 469 -18.33 0.93 32.72
N LYS D 470 -18.24 1.51 31.53
CA LYS D 470 -18.64 2.89 31.34
C LYS D 470 -20.15 3.08 31.11
N GLN D 471 -20.78 2.12 30.43
CA GLN D 471 -22.21 2.22 30.14
C GLN D 471 -23.15 1.50 31.10
N ILE D 472 -22.63 0.53 31.86
CA ILE D 472 -23.48 -0.23 32.79
C ILE D 472 -23.12 0.03 34.25
N SER D 473 -23.95 0.81 34.93
CA SER D 473 -23.71 1.13 36.34
C SER D 473 -24.36 0.14 37.30
N GLY D 474 -23.86 0.11 38.53
CA GLY D 474 -24.40 -0.77 39.54
C GLY D 474 -23.89 -2.21 39.53
N ARG D 475 -23.11 -2.57 38.51
CA ARG D 475 -22.59 -3.93 38.44
C ARG D 475 -21.07 -4.03 38.39
N LYS D 476 -20.55 -5.08 39.01
CA LYS D 476 -19.11 -5.33 39.00
C LYS D 476 -18.86 -6.05 37.67
N VAL D 477 -17.82 -5.62 36.94
CA VAL D 477 -17.49 -6.24 35.67
C VAL D 477 -16.24 -7.09 35.84
N VAL D 478 -16.26 -8.30 35.30
CA VAL D 478 -15.13 -9.20 35.42
C VAL D 478 -14.64 -9.71 34.06
N LEU D 479 -13.35 -9.55 33.82
CA LEU D 479 -12.75 -10.00 32.57
C LEU D 479 -12.34 -11.45 32.73
N ARG D 480 -12.70 -12.28 31.75
CA ARG D 480 -12.38 -13.71 31.79
C ARG D 480 -11.78 -14.17 30.47
N ASP D 481 -11.11 -15.32 30.49
CA ASP D 481 -10.55 -15.87 29.27
C ASP D 481 -11.73 -16.46 28.48
N VAL D 482 -11.58 -16.56 27.17
CA VAL D 482 -12.64 -17.13 26.34
C VAL D 482 -12.76 -18.61 26.73
N SER D 483 -13.95 -19.03 27.11
CA SER D 483 -14.17 -20.42 27.50
C SER D 483 -15.65 -20.75 27.55
N GLN D 484 -15.97 -22.00 27.84
CA GLN D 484 -17.36 -22.44 27.91
C GLN D 484 -18.14 -21.75 29.03
N GLU D 485 -17.46 -20.91 29.79
CA GLU D 485 -18.08 -20.15 30.86
C GLU D 485 -19.05 -19.18 30.18
N PHE D 486 -18.81 -18.94 28.89
CA PHE D 486 -19.63 -18.05 28.10
C PHE D 486 -20.47 -18.81 27.08
N GLY D 487 -20.76 -20.07 27.41
CA GLY D 487 -21.57 -20.90 26.54
C GLY D 487 -20.81 -21.63 25.43
N THR D 488 -21.50 -22.61 24.82
CA THR D 488 -20.95 -23.40 23.72
C THR D 488 -22.09 -23.50 22.72
N ALA D 489 -22.01 -22.71 21.66
CA ALA D 489 -23.05 -22.67 20.64
C ALA D 489 -22.69 -23.25 19.29
N GLN D 490 -23.70 -23.76 18.61
CA GLN D 490 -23.55 -24.31 17.27
C GLN D 490 -24.66 -23.70 16.44
N ILE D 491 -24.49 -23.71 15.13
CA ILE D 491 -25.51 -23.14 14.26
C ILE D 491 -25.37 -23.56 12.80
N THR D 492 -26.50 -23.58 12.11
CA THR D 492 -26.52 -23.88 10.68
C THR D 492 -27.43 -22.79 10.11
N THR D 493 -27.08 -22.31 8.92
CA THR D 493 -27.86 -21.27 8.28
C THR D 493 -28.06 -21.64 6.81
N LEU D 494 -28.97 -20.95 6.16
CA LEU D 494 -29.26 -21.17 4.75
C LEU D 494 -28.98 -19.85 4.05
N ILE D 495 -28.11 -19.87 3.05
CA ILE D 495 -27.78 -18.65 2.32
C ILE D 495 -28.21 -18.75 0.86
N ARG D 496 -27.89 -17.73 0.09
CA ARG D 496 -28.23 -17.67 -1.33
C ARG D 496 -27.97 -19.00 -2.03
N GLY D 497 -28.91 -19.38 -2.90
CA GLY D 497 -28.79 -20.61 -3.64
C GLY D 497 -29.12 -21.83 -2.81
N ASP D 498 -29.69 -21.58 -1.64
CA ASP D 498 -30.06 -22.65 -0.72
C ASP D 498 -28.84 -23.48 -0.31
N VAL D 499 -27.74 -22.78 -0.08
CA VAL D 499 -26.51 -23.42 0.36
C VAL D 499 -26.57 -23.44 1.89
N VAL D 500 -26.24 -24.58 2.49
CA VAL D 500 -26.26 -24.69 3.94
C VAL D 500 -24.88 -24.42 4.53
N VAL D 501 -24.84 -23.60 5.58
CA VAL D 501 -23.59 -23.27 6.23
C VAL D 501 -23.68 -23.64 7.72
N GLY D 502 -22.61 -24.21 8.26
CA GLY D 502 -22.60 -24.57 9.66
C GLY D 502 -21.36 -24.08 10.39
N ALA D 503 -21.48 -23.94 11.70
CA ALA D 503 -20.36 -23.48 12.53
C ALA D 503 -20.45 -24.13 13.90
N ALA D 504 -19.30 -24.23 14.57
CA ALA D 504 -19.24 -24.83 15.91
C ALA D 504 -18.35 -23.97 16.80
N ASP D 505 -18.69 -23.91 18.08
CA ASP D 505 -17.99 -23.08 19.05
C ASP D 505 -16.57 -23.50 19.45
N PRO D 506 -15.59 -22.59 19.33
CA PRO D 506 -14.22 -22.93 19.71
C PRO D 506 -14.12 -23.12 21.23
N ARG D 507 -15.18 -22.76 21.95
CA ARG D 507 -15.19 -22.91 23.40
C ARG D 507 -15.47 -24.37 23.78
N GLY D 508 -15.90 -25.16 22.79
CA GLY D 508 -16.17 -26.58 23.01
C GLY D 508 -15.34 -27.41 22.06
N ASP D 509 -15.56 -28.73 22.03
CA ASP D 509 -14.80 -29.61 21.15
C ASP D 509 -15.56 -29.88 19.86
N GLY D 510 -16.52 -29.02 19.54
CA GLY D 510 -17.33 -29.22 18.35
C GLY D 510 -16.71 -28.95 16.99
N ILE D 511 -17.35 -29.51 15.97
CA ILE D 511 -16.93 -29.35 14.59
C ILE D 511 -18.18 -29.47 13.70
N ALA D 512 -18.30 -28.60 12.71
CA ALA D 512 -19.43 -28.65 11.80
C ALA D 512 -18.96 -29.50 10.60
N ILE D 513 -19.77 -30.48 10.22
CA ILE D 513 -19.44 -31.40 9.13
C ILE D 513 -20.46 -31.33 7.99
N PRO D 514 -19.99 -31.09 6.76
CA PRO D 514 -20.94 -31.01 5.65
C PRO D 514 -21.16 -32.39 5.04
N TYR D 515 -22.26 -32.54 4.32
CA TYR D 515 -22.56 -33.79 3.62
C TYR D 515 -23.25 -33.46 2.31
N SER D 516 -22.60 -33.82 1.21
CA SER D 516 -23.14 -33.59 -0.12
C SER D 516 -23.53 -34.90 -0.79
#